data_6NLN
#
_entry.id   6NLN
#
_cell.length_a   129.910
_cell.length_b   194.883
_cell.length_c   203.811
_cell.angle_alpha   90.000
_cell.angle_beta   90.000
_cell.angle_gamma   90.000
#
_symmetry.space_group_name_H-M   'C 2 2 21'
#
loop_
_entity.id
_entity.type
_entity.pdbx_description
1 polymer Ferroxidase
2 non-polymer 'FE (II) ION'
3 non-polymer 4-{[3-(3-hydroxyphenyl)propyl]amino}-1H-isoindole-1,3(2H)-dione
4 non-polymer 'PROTOPORPHYRIN IX CONTAINING FE'
5 non-polymer 'TETRAETHYLENE GLYCOL'
6 water water
#
_entity_poly.entity_id   1
_entity_poly.type   'polypeptide(L)'
_entity_poly.pdbx_seq_one_letter_code
;MKGDKKVIQHLNKILGNELIAINQYFLHSRMWNDWGLKRLGAHEYHESIDEMKHADKLIERILFLEGLPNLQDLGKLLIG
ENTQEMLQCDLNLELKATKDLREAIVHCEQVHDYVSRDLLKDILESEEEHIDYLETQLGLIQKVGLENYLQSHMHEDD
;
_entity_poly.pdbx_strand_id   A,B,C,D,E,F,G,H,I,J,K,L
#
# COMPACT_ATOMS: atom_id res chain seq x y z
N MET A 1 -23.33 -1.54 -52.54
CA MET A 1 -22.17 -1.85 -53.45
C MET A 1 -22.31 -3.32 -53.81
N LYS A 2 -22.68 -3.63 -55.04
CA LYS A 2 -23.06 -5.01 -55.34
C LYS A 2 -21.87 -5.94 -55.19
N GLY A 3 -22.04 -6.97 -54.37
CA GLY A 3 -20.98 -7.93 -54.12
C GLY A 3 -20.99 -9.09 -55.09
N ASP A 4 -19.96 -9.92 -54.96
CA ASP A 4 -19.84 -11.16 -55.69
C ASP A 4 -20.91 -12.15 -55.21
N LYS A 5 -21.61 -12.79 -56.15
CA LYS A 5 -22.70 -13.65 -55.77
C LYS A 5 -22.25 -14.80 -54.87
N LYS A 6 -21.13 -15.44 -55.21
CA LYS A 6 -20.65 -16.55 -54.41
C LYS A 6 -20.11 -16.08 -53.07
N VAL A 7 -19.53 -14.89 -52.98
CA VAL A 7 -19.17 -14.36 -51.65
C VAL A 7 -20.41 -14.29 -50.79
N ILE A 8 -21.50 -13.73 -51.34
CA ILE A 8 -22.70 -13.57 -50.53
C ILE A 8 -23.24 -14.94 -50.10
N GLN A 9 -23.17 -15.93 -51.00
CA GLN A 9 -23.57 -17.30 -50.64
C GLN A 9 -22.72 -17.84 -49.49
N HIS A 10 -21.40 -17.61 -49.52
CA HIS A 10 -20.56 -18.03 -48.41
C HIS A 10 -20.93 -17.29 -47.14
N LEU A 11 -21.13 -15.97 -47.22
CA LEU A 11 -21.49 -15.22 -46.00
C LEU A 11 -22.80 -15.73 -45.44
N ASN A 12 -23.76 -16.08 -46.31
CA ASN A 12 -25.01 -16.67 -45.83
C ASN A 12 -24.81 -18.07 -45.22
N LYS A 13 -23.87 -18.87 -45.72
CA LYS A 13 -23.63 -20.14 -45.08
C LYS A 13 -23.02 -19.94 -43.69
N ILE A 14 -22.10 -18.98 -43.56
CA ILE A 14 -21.50 -18.67 -42.26
C ILE A 14 -22.57 -18.15 -41.31
N LEU A 15 -23.42 -17.23 -41.80
CA LEU A 15 -24.55 -16.76 -41.01
C LEU A 15 -25.40 -17.93 -40.54
N GLY A 16 -25.68 -18.88 -41.44
CA GLY A 16 -26.49 -20.02 -41.06
C GLY A 16 -25.87 -20.80 -39.91
N ASN A 17 -24.55 -20.96 -39.94
CA ASN A 17 -23.85 -21.65 -38.86
C ASN A 17 -23.97 -20.85 -37.57
N GLU A 18 -23.84 -19.53 -37.65
CA GLU A 18 -23.95 -18.69 -36.45
C GLU A 18 -25.36 -18.76 -35.86
N LEU A 19 -26.39 -18.84 -36.72
CA LEU A 19 -27.75 -18.94 -36.22
C LEU A 19 -27.99 -20.25 -35.47
N ILE A 20 -27.42 -21.37 -35.96
CA ILE A 20 -27.51 -22.61 -35.20
C ILE A 20 -26.84 -22.46 -33.84
N ALA A 21 -25.64 -21.89 -33.84
CA ALA A 21 -24.85 -21.75 -32.62
C ALA A 21 -25.58 -20.86 -31.59
N ILE A 22 -26.20 -19.76 -32.05
CA ILE A 22 -26.92 -18.90 -31.11
C ILE A 22 -27.90 -19.74 -30.30
N ASN A 23 -28.73 -20.52 -31.00
CA ASN A 23 -29.81 -21.23 -30.34
C ASN A 23 -29.28 -22.40 -29.53
N GLN A 24 -28.29 -23.12 -30.07
CA GLN A 24 -27.72 -24.26 -29.37
C GLN A 24 -27.06 -23.80 -28.07
N TYR A 25 -26.23 -22.75 -28.15
CA TYR A 25 -25.57 -22.21 -26.95
C TYR A 25 -26.59 -21.61 -25.99
N PHE A 26 -27.62 -20.93 -26.49
CA PHE A 26 -28.59 -20.36 -25.55
C PHE A 26 -29.32 -21.46 -24.79
N LEU A 27 -29.74 -22.53 -25.48
CA LEU A 27 -30.45 -23.61 -24.81
C LEU A 27 -29.52 -24.33 -23.83
N HIS A 28 -28.28 -24.61 -24.23
CA HIS A 28 -27.34 -25.23 -23.30
C HIS A 28 -27.16 -24.36 -22.06
N SER A 29 -27.06 -23.05 -22.26
CA SER A 29 -26.91 -22.14 -21.14
C SER A 29 -28.05 -22.30 -20.17
N ARG A 30 -29.28 -22.28 -20.69
CA ARG A 30 -30.44 -22.31 -19.80
C ARG A 30 -30.63 -23.70 -19.19
N MET A 31 -30.20 -24.76 -19.87
CA MET A 31 -30.19 -26.09 -19.26
C MET A 31 -29.25 -26.11 -18.06
N TRP A 32 -28.03 -25.63 -18.25
CA TRP A 32 -27.08 -25.60 -17.14
C TRP A 32 -27.60 -24.75 -15.99
N ASN A 33 -28.23 -23.61 -16.27
CA ASN A 33 -28.79 -22.83 -15.17
C ASN A 33 -29.90 -23.58 -14.45
N ASP A 34 -30.78 -24.22 -15.19
CA ASP A 34 -31.85 -25.03 -14.61
C ASP A 34 -31.27 -26.09 -13.68
N TRP A 35 -30.14 -26.68 -14.04
CA TRP A 35 -29.51 -27.72 -13.23
C TRP A 35 -28.70 -27.19 -12.06
N GLY A 36 -28.57 -25.87 -11.93
CA GLY A 36 -27.80 -25.28 -10.84
C GLY A 36 -26.32 -25.03 -11.12
N LEU A 37 -25.90 -25.18 -12.38
CA LEU A 37 -24.51 -25.01 -12.78
C LEU A 37 -24.34 -23.64 -13.40
N LYS A 38 -24.47 -22.64 -12.54
CA LYS A 38 -24.66 -21.28 -13.01
C LYS A 38 -23.42 -20.69 -13.65
N ARG A 39 -22.22 -21.17 -13.29
CA ARG A 39 -21.02 -20.65 -13.94
C ARG A 39 -20.93 -21.16 -15.37
N LEU A 40 -21.31 -22.41 -15.60
CA LEU A 40 -21.41 -22.92 -16.96
C LEU A 40 -22.49 -22.19 -17.73
N GLY A 41 -23.66 -22.00 -17.10
CA GLY A 41 -24.74 -21.27 -17.76
C GLY A 41 -24.32 -19.87 -18.17
N ALA A 42 -23.61 -19.16 -17.29
CA ALA A 42 -23.18 -17.81 -17.61
C ALA A 42 -22.17 -17.81 -18.75
N HIS A 43 -21.20 -18.73 -18.72
CA HIS A 43 -20.20 -18.73 -19.75
C HIS A 43 -20.82 -19.07 -21.11
N GLU A 44 -21.74 -20.03 -21.12
CA GLU A 44 -22.40 -20.42 -22.36
C GLU A 44 -23.31 -19.31 -22.87
N TYR A 45 -23.96 -18.58 -21.97
CA TYR A 45 -24.71 -17.39 -22.38
C TYR A 45 -23.82 -16.40 -23.11
N HIS A 46 -22.62 -16.14 -22.56
CA HIS A 46 -21.74 -15.20 -23.24
C HIS A 46 -21.25 -15.75 -24.59
N GLU A 47 -21.10 -17.06 -24.73
CA GLU A 47 -20.81 -17.63 -26.05
C GLU A 47 -21.95 -17.40 -27.03
N SER A 48 -23.19 -17.55 -26.57
CA SER A 48 -24.37 -17.28 -27.40
C SER A 48 -24.39 -15.81 -27.85
N ILE A 49 -24.18 -14.88 -26.91
CA ILE A 49 -24.14 -13.46 -27.24
C ILE A 49 -23.07 -13.18 -28.29
N ASP A 50 -21.88 -13.80 -28.14
CA ASP A 50 -20.81 -13.58 -29.10
C ASP A 50 -21.26 -13.98 -30.50
N GLU A 51 -21.94 -15.11 -30.63
CA GLU A 51 -22.43 -15.54 -31.94
C GLU A 51 -23.47 -14.58 -32.47
N MET A 52 -24.31 -14.05 -31.58
CA MET A 52 -25.28 -13.03 -32.00
C MET A 52 -24.58 -11.82 -32.58
N LYS A 53 -23.47 -11.38 -31.97
CA LYS A 53 -22.75 -10.23 -32.52
C LYS A 53 -22.11 -10.56 -33.86
N HIS A 54 -21.59 -11.78 -34.02
CA HIS A 54 -21.07 -12.19 -35.33
C HIS A 54 -22.18 -12.20 -36.38
N ALA A 55 -23.34 -12.78 -36.03
CA ALA A 55 -24.47 -12.80 -36.96
C ALA A 55 -24.84 -11.38 -37.39
N ASP A 56 -24.85 -10.43 -36.45
CA ASP A 56 -25.16 -9.04 -36.77
C ASP A 56 -24.20 -8.48 -37.80
N LYS A 57 -22.89 -8.67 -37.60
CA LYS A 57 -21.92 -8.16 -38.57
C LYS A 57 -22.08 -8.81 -39.93
N LEU A 58 -22.40 -10.11 -39.97
CA LEU A 58 -22.63 -10.78 -41.25
C LEU A 58 -23.86 -10.22 -41.95
N ILE A 59 -24.94 -10.02 -41.22
CA ILE A 59 -26.15 -9.43 -41.79
C ILE A 59 -25.85 -8.06 -42.38
N GLU A 60 -25.12 -7.24 -41.63
CA GLU A 60 -24.80 -5.90 -42.10
C GLU A 60 -23.96 -5.95 -43.38
N ARG A 61 -22.96 -6.83 -43.44
CA ARG A 61 -22.11 -6.95 -44.62
C ARG A 61 -22.91 -7.44 -45.82
N ILE A 62 -23.77 -8.44 -45.62
CA ILE A 62 -24.58 -8.96 -46.73
C ILE A 62 -25.47 -7.86 -47.29
N LEU A 63 -26.10 -7.06 -46.42
CA LEU A 63 -26.96 -5.97 -46.91
C LEU A 63 -26.16 -4.91 -47.64
N PHE A 64 -24.97 -4.56 -47.13
CA PHE A 64 -24.14 -3.59 -47.84
C PHE A 64 -23.82 -4.08 -49.25
N LEU A 65 -23.54 -5.39 -49.39
CA LEU A 65 -23.24 -6.02 -50.67
C LEU A 65 -24.48 -6.30 -51.50
N GLU A 66 -25.64 -5.85 -51.04
CA GLU A 66 -26.92 -5.91 -51.76
C GLU A 66 -27.39 -7.35 -51.94
N GLY A 67 -27.05 -8.21 -50.99
CA GLY A 67 -27.65 -9.52 -50.91
C GLY A 67 -28.76 -9.58 -49.87
N LEU A 68 -29.36 -10.76 -49.78
CA LEU A 68 -30.46 -11.00 -48.84
C LEU A 68 -29.94 -11.89 -47.72
N PRO A 69 -29.81 -11.38 -46.49
CA PRO A 69 -29.42 -12.25 -45.38
C PRO A 69 -30.50 -13.29 -45.08
N ASN A 70 -30.07 -14.56 -44.97
CA ASN A 70 -30.98 -15.67 -44.76
C ASN A 70 -31.09 -15.94 -43.26
N LEU A 71 -32.13 -15.41 -42.63
CA LEU A 71 -32.47 -15.75 -41.25
C LEU A 71 -33.62 -16.75 -41.16
N GLN A 72 -34.04 -17.33 -42.28
CA GLN A 72 -35.21 -18.20 -42.31
C GLN A 72 -34.84 -19.66 -42.16
N ASP A 73 -33.72 -20.07 -42.74
CA ASP A 73 -33.34 -21.47 -42.70
C ASP A 73 -32.52 -21.67 -41.43
N LEU A 74 -32.92 -22.63 -40.65
CA LEU A 74 -32.20 -22.98 -39.43
C LEU A 74 -31.83 -24.45 -39.54
N GLY A 75 -30.53 -24.73 -39.51
CA GLY A 75 -30.03 -26.08 -39.56
C GLY A 75 -30.20 -26.79 -38.24
N LYS A 76 -29.65 -28.01 -38.19
CA LYS A 76 -29.88 -28.90 -37.05
C LYS A 76 -29.10 -28.47 -35.81
N LEU A 77 -29.82 -28.23 -34.71
CA LEU A 77 -29.19 -27.99 -33.42
C LEU A 77 -28.68 -29.29 -32.84
N LEU A 78 -27.48 -29.25 -32.29
CA LEU A 78 -26.86 -30.39 -31.62
C LEU A 78 -26.97 -30.18 -30.10
N ILE A 79 -28.00 -30.78 -29.50
CA ILE A 79 -28.31 -30.58 -28.09
C ILE A 79 -27.88 -31.81 -27.31
N GLY A 80 -27.03 -31.63 -26.34
CA GLY A 80 -26.61 -32.74 -25.52
C GLY A 80 -27.55 -33.00 -24.35
N GLU A 81 -27.39 -34.17 -23.73
CA GLU A 81 -28.21 -34.59 -22.59
C GLU A 81 -27.48 -34.49 -21.27
N ASN A 82 -26.18 -34.18 -21.30
CA ASN A 82 -25.39 -34.03 -20.10
C ASN A 82 -24.21 -33.12 -20.45
N THR A 83 -23.50 -32.68 -19.41
CA THR A 83 -22.47 -31.65 -19.60
C THR A 83 -21.43 -32.05 -20.65
N GLN A 84 -20.85 -33.24 -20.52
CA GLN A 84 -19.82 -33.64 -21.49
C GLN A 84 -20.37 -33.68 -22.91
N GLU A 85 -21.57 -34.23 -23.09
CA GLU A 85 -22.15 -34.28 -24.43
C GLU A 85 -22.46 -32.87 -24.95
N MET A 86 -22.91 -31.98 -24.08
CA MET A 86 -23.22 -30.62 -24.52
C MET A 86 -21.97 -29.90 -25.01
N LEU A 87 -20.89 -30.00 -24.23
CA LEU A 87 -19.60 -29.43 -24.64
C LEU A 87 -19.12 -30.04 -25.96
N GLN A 88 -19.23 -31.37 -26.11
CA GLN A 88 -18.80 -32.00 -27.35
C GLN A 88 -19.66 -31.59 -28.54
N CYS A 89 -20.98 -31.42 -28.32
CA CYS A 89 -21.85 -30.90 -29.38
C CYS A 89 -21.44 -29.49 -29.79
N ASP A 90 -21.11 -28.63 -28.83
CA ASP A 90 -20.62 -27.32 -29.18
C ASP A 90 -19.33 -27.42 -29.99
N LEU A 91 -18.43 -28.31 -29.57
CA LEU A 91 -17.17 -28.45 -30.29
C LEU A 91 -17.39 -28.99 -31.71
N ASN A 92 -18.27 -29.98 -31.86
CA ASN A 92 -18.56 -30.49 -33.20
C ASN A 92 -19.08 -29.38 -34.10
N LEU A 93 -19.97 -28.54 -33.58
CA LEU A 93 -20.50 -27.41 -34.35
C LEU A 93 -19.40 -26.44 -34.73
N GLU A 94 -18.50 -26.11 -33.78
CA GLU A 94 -17.43 -25.14 -34.04
C GLU A 94 -16.47 -25.66 -35.10
N LEU A 95 -16.18 -26.96 -35.10
CA LEU A 95 -15.26 -27.49 -36.09
C LEU A 95 -15.86 -27.43 -37.49
N LYS A 96 -17.17 -27.68 -37.63
CA LYS A 96 -17.85 -27.44 -38.91
C LYS A 96 -17.78 -25.96 -39.29
N ALA A 97 -18.03 -25.06 -38.33
CA ALA A 97 -18.00 -23.64 -38.60
C ALA A 97 -16.64 -23.16 -39.10
N THR A 98 -15.53 -23.65 -38.51
CA THR A 98 -14.22 -23.17 -38.94
C THR A 98 -13.85 -23.72 -40.31
N LYS A 99 -14.26 -24.96 -40.62
CA LYS A 99 -14.08 -25.46 -41.97
C LYS A 99 -14.76 -24.54 -42.98
N ASP A 100 -16.01 -24.16 -42.71
CA ASP A 100 -16.75 -23.30 -43.62
C ASP A 100 -16.14 -21.91 -43.70
N LEU A 101 -15.63 -21.38 -42.58
CA LEU A 101 -14.98 -20.08 -42.60
C LEU A 101 -13.75 -20.09 -43.50
N ARG A 102 -12.94 -21.16 -43.42
CA ARG A 102 -11.75 -21.24 -44.25
C ARG A 102 -12.09 -21.28 -45.74
N GLU A 103 -13.09 -22.07 -46.12
CA GLU A 103 -13.51 -22.12 -47.52
C GLU A 103 -14.00 -20.77 -47.99
N ALA A 104 -14.73 -20.04 -47.13
CA ALA A 104 -15.21 -18.71 -47.50
C ALA A 104 -14.05 -17.72 -47.70
N ILE A 105 -13.05 -17.77 -46.82
CA ILE A 105 -11.91 -16.86 -46.95
C ILE A 105 -11.15 -17.13 -48.25
N VAL A 106 -10.96 -18.39 -48.61
CA VAL A 106 -10.34 -18.72 -49.89
C VAL A 106 -11.05 -18.00 -51.03
N HIS A 107 -12.38 -18.05 -51.03
CA HIS A 107 -13.10 -17.47 -52.15
C HIS A 107 -13.04 -15.95 -52.12
N CYS A 108 -13.17 -15.34 -50.94
CA CYS A 108 -13.03 -13.89 -50.85
C CYS A 108 -11.68 -13.43 -51.39
N GLU A 109 -10.61 -14.16 -51.07
CA GLU A 109 -9.29 -13.80 -51.56
C GLU A 109 -9.24 -13.87 -53.07
N GLN A 110 -9.85 -14.92 -53.65
CA GLN A 110 -9.77 -15.12 -55.09
C GLN A 110 -10.45 -14.02 -55.86
N VAL A 111 -11.57 -13.49 -55.34
CA VAL A 111 -12.31 -12.41 -56.01
C VAL A 111 -11.97 -11.03 -55.44
N HIS A 112 -10.96 -10.94 -54.57
CA HIS A 112 -10.43 -9.67 -54.10
C HIS A 112 -11.40 -8.92 -53.19
N ASP A 113 -12.29 -9.64 -52.50
CA ASP A 113 -13.16 -9.04 -51.48
C ASP A 113 -12.42 -9.10 -50.13
N TYR A 114 -11.43 -8.22 -50.03
CA TYR A 114 -10.52 -8.23 -48.88
C TYR A 114 -11.21 -7.78 -47.59
N VAL A 115 -12.24 -6.95 -47.68
CA VAL A 115 -12.95 -6.54 -46.48
C VAL A 115 -13.80 -7.68 -45.95
N SER A 116 -14.46 -8.44 -46.84
CA SER A 116 -15.18 -9.61 -46.35
C SER A 116 -14.22 -10.63 -45.77
N ARG A 117 -13.05 -10.80 -46.40
CA ARG A 117 -12.06 -11.70 -45.84
C ARG A 117 -11.68 -11.28 -44.43
N ASP A 118 -11.50 -9.97 -44.20
CA ASP A 118 -11.06 -9.51 -42.88
C ASP A 118 -12.12 -9.78 -41.82
N LEU A 119 -13.40 -9.57 -42.17
CA LEU A 119 -14.48 -9.88 -41.25
C LEU A 119 -14.48 -11.35 -40.89
N LEU A 120 -14.37 -12.20 -41.90
CA LEU A 120 -14.36 -13.64 -41.67
C LEU A 120 -13.15 -14.08 -40.85
N LYS A 121 -11.99 -13.45 -41.07
CA LYS A 121 -10.82 -13.78 -40.27
C LYS A 121 -11.07 -13.44 -38.81
N ASP A 122 -11.69 -12.29 -38.54
CA ASP A 122 -12.03 -11.93 -37.16
C ASP A 122 -12.98 -12.94 -36.54
N ILE A 123 -14.00 -13.37 -37.28
CA ILE A 123 -14.91 -14.38 -36.76
C ILE A 123 -14.16 -15.68 -36.50
N LEU A 124 -13.26 -16.05 -37.42
CA LEU A 124 -12.50 -17.27 -37.26
C LEU A 124 -11.64 -17.23 -36.01
N GLU A 125 -11.07 -16.06 -35.69
CA GLU A 125 -10.29 -15.94 -34.47
C GLU A 125 -11.16 -16.20 -33.25
N SER A 126 -12.38 -15.65 -33.25
CA SER A 126 -13.30 -15.88 -32.15
CA SER A 126 -13.30 -15.87 -32.14
C SER A 126 -13.69 -17.34 -32.06
N GLU A 127 -13.96 -17.98 -33.20
CA GLU A 127 -14.34 -19.37 -33.16
C GLU A 127 -13.19 -20.26 -32.70
N GLU A 128 -11.93 -19.96 -33.09
CA GLU A 128 -10.83 -20.75 -32.56
C GLU A 128 -10.67 -20.53 -31.06
N GLU A 129 -10.95 -19.33 -30.57
CA GLU A 129 -10.94 -19.12 -29.11
C GLU A 129 -12.00 -20.00 -28.44
N HIS A 130 -13.17 -20.12 -29.06
CA HIS A 130 -14.19 -20.98 -28.50
C HIS A 130 -13.74 -22.45 -28.50
N ILE A 131 -13.10 -22.88 -29.60
CA ILE A 131 -12.59 -24.25 -29.64
C ILE A 131 -11.59 -24.48 -28.50
N ASP A 132 -10.72 -23.50 -28.26
CA ASP A 132 -9.76 -23.61 -27.16
C ASP A 132 -10.50 -23.79 -25.83
N TYR A 133 -11.51 -22.95 -25.58
CA TYR A 133 -12.30 -23.08 -24.36
C TYR A 133 -12.91 -24.48 -24.23
N LEU A 134 -13.51 -24.97 -25.31
CA LEU A 134 -14.23 -26.24 -25.26
C LEU A 134 -13.26 -27.41 -25.06
N GLU A 135 -12.18 -27.44 -25.83
CA GLU A 135 -11.20 -28.50 -25.66
C GLU A 135 -10.64 -28.50 -24.25
N THR A 136 -10.42 -27.31 -23.71
CA THR A 136 -9.88 -27.20 -22.36
C THR A 136 -10.88 -27.73 -21.33
N GLN A 137 -12.17 -27.42 -21.50
CA GLN A 137 -13.14 -27.91 -20.54
C GLN A 137 -13.22 -29.42 -20.57
N LEU A 138 -13.21 -30.01 -21.77
CA LEU A 138 -13.26 -31.46 -21.86
C LEU A 138 -12.01 -32.08 -21.23
N GLY A 139 -10.85 -31.43 -21.39
CA GLY A 139 -9.64 -31.91 -20.75
C GLY A 139 -9.71 -31.82 -19.23
N LEU A 140 -10.29 -30.72 -18.72
CA LEU A 140 -10.39 -30.56 -17.27
C LEU A 140 -11.29 -31.61 -16.65
N ILE A 141 -12.39 -31.94 -17.34
CA ILE A 141 -13.27 -33.01 -16.85
C ILE A 141 -12.47 -34.28 -16.66
N GLN A 142 -11.56 -34.56 -17.60
CA GLN A 142 -10.74 -35.76 -17.49
C GLN A 142 -9.77 -35.65 -16.31
N LYS A 143 -9.18 -34.48 -16.11
CA LYS A 143 -8.14 -34.31 -15.09
C LYS A 143 -8.69 -34.20 -13.68
N VAL A 144 -9.80 -33.49 -13.46
CA VAL A 144 -10.32 -33.29 -12.11
C VAL A 144 -11.53 -34.16 -11.80
N GLY A 145 -12.08 -34.87 -12.79
CA GLY A 145 -13.30 -35.65 -12.62
C GLY A 145 -14.54 -34.80 -12.83
N LEU A 146 -15.61 -35.42 -13.33
CA LEU A 146 -16.82 -34.65 -13.65
C LEU A 146 -17.44 -34.05 -12.40
N GLU A 147 -17.49 -34.82 -11.30
CA GLU A 147 -18.10 -34.28 -10.09
C GLU A 147 -17.38 -33.02 -9.62
N ASN A 148 -16.05 -33.04 -9.58
CA ASN A 148 -15.32 -31.81 -9.21
C ASN A 148 -15.54 -30.72 -10.25
N TYR A 149 -15.51 -31.08 -11.54
CA TYR A 149 -15.68 -30.07 -12.57
C TYR A 149 -17.02 -29.36 -12.39
N LEU A 150 -18.08 -30.14 -12.19
CA LEU A 150 -19.42 -29.55 -12.01
C LEU A 150 -19.48 -28.75 -10.70
N GLN A 151 -18.86 -29.25 -9.62
CA GLN A 151 -18.81 -28.51 -8.36
C GLN A 151 -18.25 -27.11 -8.58
N SER A 152 -17.16 -27.02 -9.35
CA SER A 152 -16.50 -25.75 -9.63
C SER A 152 -17.32 -24.84 -10.54
N HIS A 153 -18.43 -25.32 -11.10
CA HIS A 153 -19.26 -24.48 -11.96
C HIS A 153 -20.65 -24.24 -11.38
N MET A 154 -20.83 -24.48 -10.07
CA MET A 154 -22.12 -24.22 -9.43
C MET A 154 -22.37 -22.74 -9.25
N HIS A 155 -21.36 -22.02 -8.77
CA HIS A 155 -21.51 -20.61 -8.38
C HIS A 155 -20.73 -19.73 -9.35
N GLU A 156 -21.30 -18.57 -9.66
CA GLU A 156 -20.62 -17.60 -10.51
C GLU A 156 -19.51 -16.86 -9.76
N MET B 1 -6.39 -28.12 -30.65
CA MET B 1 -6.85 -28.20 -32.08
C MET B 1 -5.66 -28.62 -32.94
N LYS B 2 -5.74 -29.71 -33.69
CA LYS B 2 -4.53 -30.24 -34.30
C LYS B 2 -4.09 -29.33 -35.45
N GLY B 3 -2.90 -28.72 -35.32
CA GLY B 3 -2.40 -27.85 -36.36
C GLY B 3 -1.63 -28.60 -37.45
N ASP B 4 -1.37 -27.87 -38.54
CA ASP B 4 -0.51 -28.36 -39.62
C ASP B 4 0.91 -28.54 -39.10
N LYS B 5 1.53 -29.69 -39.37
CA LYS B 5 2.86 -29.95 -38.85
C LYS B 5 3.89 -28.92 -39.31
N LYS B 6 3.87 -28.57 -40.60
CA LYS B 6 4.83 -27.60 -41.08
C LYS B 6 4.54 -26.20 -40.55
N VAL B 7 3.27 -25.84 -40.34
CA VAL B 7 3.00 -24.57 -39.67
C VAL B 7 3.69 -24.51 -38.32
N ILE B 8 3.54 -25.59 -37.53
CA ILE B 8 4.14 -25.62 -36.19
C ILE B 8 5.66 -25.53 -36.28
N GLN B 9 6.26 -26.21 -37.27
CA GLN B 9 7.70 -26.06 -37.50
C GLN B 9 8.09 -24.61 -37.80
N HIS B 10 7.30 -23.92 -38.63
CA HIS B 10 7.54 -22.50 -38.90
C HIS B 10 7.44 -21.68 -37.62
N LEU B 11 6.38 -21.91 -36.84
CA LEU B 11 6.21 -21.15 -35.61
C LEU B 11 7.39 -21.37 -34.67
N ASN B 12 7.88 -22.62 -34.57
CA ASN B 12 9.04 -22.87 -33.73
C ASN B 12 10.31 -22.20 -34.27
N LYS B 13 10.43 -22.07 -35.59
CA LYS B 13 11.55 -21.34 -36.17
C LYS B 13 11.47 -19.86 -35.82
N ILE B 14 10.27 -19.26 -35.95
CA ILE B 14 10.08 -17.86 -35.56
C ILE B 14 10.33 -17.69 -34.07
N LEU B 15 9.82 -18.62 -33.25
CA LEU B 15 10.10 -18.57 -31.81
C LEU B 15 11.60 -18.62 -31.56
N GLY B 16 12.32 -19.49 -32.27
CA GLY B 16 13.77 -19.53 -32.12
C GLY B 16 14.43 -18.19 -32.39
N ASN B 17 13.98 -17.50 -33.43
CA ASN B 17 14.49 -16.17 -33.73
C ASN B 17 14.21 -15.18 -32.60
N GLU B 18 12.98 -15.22 -32.06
CA GLU B 18 12.62 -14.32 -30.98
C GLU B 18 13.46 -14.59 -29.74
N LEU B 19 13.77 -15.87 -29.46
CA LEU B 19 14.58 -16.17 -28.29
C LEU B 19 16.00 -15.61 -28.42
N ILE B 20 16.60 -15.68 -29.61
CA ILE B 20 17.90 -15.04 -29.82
C ILE B 20 17.77 -13.55 -29.54
N ALA B 21 16.73 -12.92 -30.12
CA ALA B 21 16.57 -11.48 -30.00
C ALA B 21 16.36 -11.05 -28.56
N ILE B 22 15.57 -11.81 -27.79
CA ILE B 22 15.40 -11.46 -26.37
C ILE B 22 16.75 -11.29 -25.70
N ASN B 23 17.62 -12.29 -25.86
CA ASN B 23 18.88 -12.29 -25.12
C ASN B 23 19.87 -11.27 -25.69
N GLN B 24 19.94 -11.15 -27.02
CA GLN B 24 20.80 -10.15 -27.65
C GLN B 24 20.42 -8.74 -27.22
N TYR B 25 19.14 -8.40 -27.32
CA TYR B 25 18.71 -7.06 -26.95
C TYR B 25 18.86 -6.84 -25.45
N PHE B 26 18.62 -7.86 -24.61
CA PHE B 26 18.77 -7.63 -23.18
C PHE B 26 20.22 -7.35 -22.84
N LEU B 27 21.15 -8.11 -23.41
CA LEU B 27 22.57 -7.88 -23.14
C LEU B 27 23.01 -6.52 -23.67
N HIS B 28 22.63 -6.19 -24.89
CA HIS B 28 22.96 -4.86 -25.43
C HIS B 28 22.43 -3.76 -24.53
N SER B 29 21.19 -3.90 -24.03
CA SER B 29 20.60 -2.91 -23.12
C SER B 29 21.47 -2.72 -21.89
N ARG B 30 21.86 -3.83 -21.25
CA ARG B 30 22.63 -3.71 -20.02
C ARG B 30 24.07 -3.26 -20.28
N MET B 31 24.66 -3.57 -21.44
CA MET B 31 25.94 -2.97 -21.81
C MET B 31 25.83 -1.46 -21.92
N TRP B 32 24.80 -0.98 -22.64
CA TRP B 32 24.60 0.46 -22.79
C TRP B 32 24.37 1.13 -21.44
N ASN B 33 23.60 0.50 -20.56
CA ASN B 33 23.42 1.10 -19.24
C ASN B 33 24.75 1.15 -18.49
N ASP B 34 25.53 0.08 -18.55
CA ASP B 34 26.82 0.05 -17.86
C ASP B 34 27.72 1.19 -18.33
N TRP B 35 27.66 1.50 -19.63
CA TRP B 35 28.48 2.55 -20.23
C TRP B 35 27.93 3.94 -19.99
N GLY B 36 26.78 4.07 -19.32
CA GLY B 36 26.21 5.36 -19.09
C GLY B 36 25.33 5.89 -20.20
N LEU B 37 25.01 5.07 -21.19
CA LEU B 37 24.16 5.46 -22.31
C LEU B 37 22.72 4.99 -22.04
N LYS B 38 22.12 5.63 -21.02
CA LYS B 38 20.89 5.13 -20.43
C LYS B 38 19.69 5.21 -21.37
N ARG B 39 19.66 6.19 -22.28
CA ARG B 39 18.53 6.26 -23.20
C ARG B 39 18.56 5.08 -24.17
N LEU B 40 19.74 4.74 -24.67
CA LEU B 40 19.89 3.54 -25.48
C LEU B 40 19.57 2.30 -24.66
N GLY B 41 20.08 2.23 -23.44
CA GLY B 41 19.79 1.08 -22.59
C GLY B 41 18.31 0.88 -22.38
N ALA B 42 17.58 1.97 -22.12
CA ALA B 42 16.14 1.85 -21.89
C ALA B 42 15.39 1.44 -23.15
N HIS B 43 15.73 2.06 -24.28
CA HIS B 43 15.05 1.72 -25.52
C HIS B 43 15.28 0.26 -25.89
N GLU B 44 16.51 -0.21 -25.73
CA GLU B 44 16.84 -1.60 -26.05
C GLU B 44 16.16 -2.58 -25.10
N TYR B 45 16.05 -2.20 -23.82
CA TYR B 45 15.27 -2.98 -22.87
C TYR B 45 13.84 -3.16 -23.37
N HIS B 46 13.19 -2.07 -23.79
CA HIS B 46 11.82 -2.20 -24.28
C HIS B 46 11.75 -3.07 -25.55
N GLU B 47 12.78 -3.04 -26.40
CA GLU B 47 12.81 -3.93 -27.54
C GLU B 47 12.87 -5.39 -27.09
N SER B 48 13.67 -5.68 -26.05
CA SER B 48 13.76 -7.04 -25.52
C SER B 48 12.42 -7.50 -24.96
N ILE B 49 11.76 -6.63 -24.18
CA ILE B 49 10.43 -6.95 -23.64
C ILE B 49 9.45 -7.24 -24.77
N ASP B 50 9.50 -6.45 -25.85
CA ASP B 50 8.57 -6.68 -26.96
C ASP B 50 8.79 -8.06 -27.57
N GLU B 51 10.05 -8.48 -27.70
CA GLU B 51 10.32 -9.82 -28.22
C GLU B 51 9.84 -10.90 -27.27
N MET B 52 9.96 -10.64 -25.97
CA MET B 52 9.43 -11.57 -24.97
C MET B 52 7.93 -11.76 -25.15
N LYS B 53 7.22 -10.66 -25.44
CA LYS B 53 5.77 -10.74 -25.63
C LYS B 53 5.43 -11.51 -26.90
N HIS B 54 6.19 -11.31 -27.99
CA HIS B 54 6.00 -12.12 -29.19
C HIS B 54 6.25 -13.60 -28.90
N ALA B 55 7.35 -13.91 -28.22
CA ALA B 55 7.63 -15.30 -27.89
C ALA B 55 6.48 -15.94 -27.12
N ASP B 56 5.93 -15.21 -26.15
CA ASP B 56 4.78 -15.72 -25.39
C ASP B 56 3.62 -16.09 -26.32
N LYS B 57 3.24 -15.19 -27.22
CA LYS B 57 2.14 -15.48 -28.13
C LYS B 57 2.45 -16.67 -29.03
N LEU B 58 3.69 -16.81 -29.49
CA LEU B 58 4.05 -17.97 -30.29
C LEU B 58 3.94 -19.27 -29.49
N ILE B 59 4.46 -19.26 -28.26
CA ILE B 59 4.36 -20.43 -27.38
C ILE B 59 2.90 -20.83 -27.19
N GLU B 60 2.04 -19.84 -26.90
CA GLU B 60 0.62 -20.10 -26.67
C GLU B 60 -0.04 -20.68 -27.91
N ARG B 61 0.27 -20.15 -29.11
CA ARG B 61 -0.30 -20.66 -30.35
C ARG B 61 0.17 -22.09 -30.63
N ILE B 62 1.47 -22.37 -30.45
CA ILE B 62 1.99 -23.71 -30.69
C ILE B 62 1.30 -24.73 -29.78
N LEU B 63 1.15 -24.38 -28.50
CA LEU B 63 0.46 -25.30 -27.60
C LEU B 63 -0.99 -25.50 -27.99
N PHE B 64 -1.69 -24.43 -28.37
CA PHE B 64 -3.08 -24.59 -28.83
C PHE B 64 -3.15 -25.56 -30.01
N LEU B 65 -2.20 -25.48 -30.92
CA LEU B 65 -2.15 -26.35 -32.10
C LEU B 65 -1.56 -27.73 -31.79
N GLU B 66 -1.31 -28.02 -30.52
CA GLU B 66 -0.89 -29.34 -30.06
C GLU B 66 0.52 -29.69 -30.51
N GLY B 67 1.37 -28.68 -30.66
CA GLY B 67 2.79 -28.86 -30.86
C GLY B 67 3.57 -28.61 -29.57
N LEU B 68 4.88 -28.83 -29.68
CA LEU B 68 5.78 -28.63 -28.55
C LEU B 68 6.64 -27.40 -28.79
N PRO B 69 6.49 -26.33 -28.00
CA PRO B 69 7.31 -25.13 -28.23
C PRO B 69 8.76 -25.41 -27.85
N ASN B 70 9.68 -25.06 -28.74
CA ASN B 70 11.10 -25.35 -28.54
C ASN B 70 11.73 -24.15 -27.86
N LEU B 71 11.90 -24.23 -26.55
CA LEU B 71 12.64 -23.22 -25.80
C LEU B 71 14.05 -23.67 -25.46
N GLN B 72 14.48 -24.81 -25.99
CA GLN B 72 15.76 -25.41 -25.60
C GLN B 72 16.90 -24.99 -26.52
N ASP B 73 16.61 -24.82 -27.80
CA ASP B 73 17.63 -24.58 -28.78
C ASP B 73 17.77 -23.07 -28.91
N LEU B 74 18.95 -22.57 -28.62
CA LEU B 74 19.21 -21.14 -28.70
C LEU B 74 20.30 -20.93 -29.73
N GLY B 75 19.97 -20.16 -30.77
CA GLY B 75 20.91 -19.88 -31.84
C GLY B 75 21.92 -18.81 -31.43
N LYS B 76 22.70 -18.38 -32.42
CA LYS B 76 23.86 -17.53 -32.16
C LYS B 76 23.45 -16.08 -31.89
N LEU B 77 23.87 -15.55 -30.74
CA LEU B 77 23.70 -14.15 -30.42
C LEU B 77 24.72 -13.32 -31.20
N LEU B 78 24.27 -12.19 -31.75
CA LEU B 78 25.14 -11.26 -32.46
C LEU B 78 25.38 -10.08 -31.53
N ILE B 79 26.49 -10.13 -30.79
CA ILE B 79 26.80 -9.11 -29.79
C ILE B 79 27.88 -8.18 -30.35
N GLY B 80 27.59 -6.89 -30.33
CA GLY B 80 28.59 -5.94 -30.79
C GLY B 80 29.53 -5.50 -29.68
N GLU B 81 30.62 -4.83 -30.08
CA GLU B 81 31.63 -4.35 -29.14
C GLU B 81 31.59 -2.85 -28.94
N ASN B 82 30.76 -2.13 -29.71
CA ASN B 82 30.55 -0.71 -29.51
C ASN B 82 29.17 -0.41 -30.08
N THR B 83 28.70 0.83 -29.88
CA THR B 83 27.32 1.18 -30.22
C THR B 83 27.02 0.93 -31.70
N GLN B 84 27.91 1.38 -32.60
CA GLN B 84 27.68 1.19 -34.02
C GLN B 84 27.50 -0.28 -34.37
N GLU B 85 28.39 -1.14 -33.84
CA GLU B 85 28.31 -2.57 -34.14
C GLU B 85 27.07 -3.19 -33.52
N MET B 86 26.71 -2.75 -32.32
CA MET B 86 25.55 -3.33 -31.65
C MET B 86 24.27 -3.06 -32.45
N LEU B 87 24.10 -1.81 -32.91
CA LEU B 87 22.95 -1.48 -33.73
C LEU B 87 22.93 -2.29 -35.02
N GLN B 88 24.09 -2.45 -35.67
CA GLN B 88 24.13 -3.23 -36.90
C GLN B 88 23.87 -4.71 -36.64
N CYS B 89 24.33 -5.25 -35.52
CA CYS B 89 24.02 -6.62 -35.15
C CYS B 89 22.53 -6.81 -34.96
N ASP B 90 21.87 -5.85 -34.30
CA ASP B 90 20.42 -5.91 -34.16
C ASP B 90 19.74 -5.89 -35.53
N LEU B 91 20.22 -5.01 -36.43
CA LEU B 91 19.61 -4.90 -37.75
C LEU B 91 19.81 -6.18 -38.55
N ASN B 92 21.00 -6.79 -38.45
CA ASN B 92 21.24 -8.05 -39.16
C ASN B 92 20.30 -9.14 -38.67
N LEU B 93 20.07 -9.20 -37.36
CA LEU B 93 19.16 -10.19 -36.82
C LEU B 93 17.73 -9.96 -37.29
N GLU B 94 17.30 -8.69 -37.30
CA GLU B 94 15.94 -8.36 -37.70
C GLU B 94 15.70 -8.69 -39.17
N LEU B 95 16.69 -8.47 -40.03
CA LEU B 95 16.50 -8.78 -41.44
C LEU B 95 16.36 -10.28 -41.66
N LYS B 96 17.11 -11.10 -40.90
CA LYS B 96 16.87 -12.54 -40.95
C LYS B 96 15.48 -12.88 -40.42
N ALA B 97 15.04 -12.21 -39.34
CA ALA B 97 13.75 -12.50 -38.73
C ALA B 97 12.61 -12.23 -39.70
N THR B 98 12.69 -11.13 -40.44
CA THR B 98 11.56 -10.79 -41.31
C THR B 98 11.53 -11.71 -42.53
N LYS B 99 12.68 -12.15 -43.03
CA LYS B 99 12.69 -13.15 -44.10
C LYS B 99 11.97 -14.42 -43.66
N ASP B 100 12.27 -14.89 -42.45
CA ASP B 100 11.62 -16.10 -41.96
C ASP B 100 10.13 -15.88 -41.72
N LEU B 101 9.73 -14.70 -41.25
CA LEU B 101 8.31 -14.43 -41.06
C LEU B 101 7.55 -14.49 -42.38
N ARG B 102 8.11 -13.90 -43.44
CA ARG B 102 7.44 -13.94 -44.73
C ARG B 102 7.28 -15.38 -45.21
N GLU B 103 8.32 -16.20 -45.06
CA GLU B 103 8.21 -17.57 -45.53
C GLU B 103 7.16 -18.34 -44.73
N ALA B 104 7.06 -18.06 -43.44
CA ALA B 104 6.04 -18.72 -42.63
C ALA B 104 4.63 -18.27 -43.02
N ILE B 105 4.45 -16.99 -43.33
CA ILE B 105 3.15 -16.50 -43.73
C ILE B 105 2.70 -17.15 -45.03
N VAL B 106 3.62 -17.29 -46.00
CA VAL B 106 3.30 -18.00 -47.24
C VAL B 106 2.70 -19.36 -46.93
N HIS B 107 3.36 -20.12 -46.06
CA HIS B 107 2.90 -21.47 -45.79
C HIS B 107 1.56 -21.48 -45.05
N CYS B 108 1.38 -20.59 -44.08
CA CYS B 108 0.09 -20.50 -43.39
C CYS B 108 -1.04 -20.24 -44.37
N GLU B 109 -0.83 -19.31 -45.31
CA GLU B 109 -1.84 -19.01 -46.31
C GLU B 109 -2.15 -20.26 -47.14
N GLN B 110 -1.11 -21.02 -47.50
CA GLN B 110 -1.31 -22.17 -48.38
C GLN B 110 -2.17 -23.24 -47.72
N VAL B 111 -2.04 -23.43 -46.41
CA VAL B 111 -2.81 -24.44 -45.72
C VAL B 111 -4.00 -23.85 -44.95
N HIS B 112 -4.32 -22.58 -45.19
CA HIS B 112 -5.54 -21.95 -44.69
C HIS B 112 -5.52 -21.74 -43.17
N ASP B 113 -4.32 -21.64 -42.58
CA ASP B 113 -4.22 -21.32 -41.15
C ASP B 113 -4.15 -19.80 -41.05
N TYR B 114 -5.33 -19.19 -41.19
CA TYR B 114 -5.39 -17.74 -41.30
C TYR B 114 -5.16 -17.06 -39.96
N VAL B 115 -5.44 -17.72 -38.86
CA VAL B 115 -5.19 -17.13 -37.55
C VAL B 115 -3.68 -17.09 -37.25
N SER B 116 -2.96 -18.17 -37.57
CA SER B 116 -1.50 -18.13 -37.45
C SER B 116 -0.92 -17.05 -38.35
N ARG B 117 -1.42 -16.94 -39.60
CA ARG B 117 -0.95 -15.87 -40.48
C ARG B 117 -1.14 -14.52 -39.82
N ASP B 118 -2.31 -14.27 -39.23
CA ASP B 118 -2.58 -12.96 -38.62
C ASP B 118 -1.61 -12.67 -37.47
N LEU B 119 -1.32 -13.67 -36.64
CA LEU B 119 -0.33 -13.51 -35.58
C LEU B 119 1.02 -13.13 -36.15
N LEU B 120 1.48 -13.86 -37.18
CA LEU B 120 2.77 -13.60 -37.77
C LEU B 120 2.83 -12.24 -38.45
N LYS B 121 1.73 -11.81 -39.06
CA LYS B 121 1.69 -10.47 -39.65
C LYS B 121 1.85 -9.39 -38.58
N ASP B 122 1.19 -9.57 -37.43
CA ASP B 122 1.35 -8.61 -36.35
C ASP B 122 2.80 -8.57 -35.85
N ILE B 123 3.42 -9.74 -35.70
CA ILE B 123 4.83 -9.76 -35.31
C ILE B 123 5.69 -9.08 -36.37
N LEU B 124 5.42 -9.37 -37.66
CA LEU B 124 6.16 -8.72 -38.75
C LEU B 124 6.04 -7.20 -38.70
N GLU B 125 4.85 -6.66 -38.40
CA GLU B 125 4.70 -5.22 -38.28
C GLU B 125 5.61 -4.67 -37.18
N SER B 126 5.67 -5.38 -36.05
CA SER B 126 6.57 -4.97 -34.97
CA SER B 126 6.57 -4.97 -34.97
C SER B 126 8.03 -5.04 -35.41
N GLU B 127 8.41 -6.11 -36.10
CA GLU B 127 9.80 -6.21 -36.53
C GLU B 127 10.16 -5.15 -37.57
N GLU B 128 9.24 -4.82 -38.49
CA GLU B 128 9.52 -3.71 -39.41
C GLU B 128 9.66 -2.38 -38.68
N GLU B 129 8.87 -2.16 -37.61
CA GLU B 129 9.05 -0.96 -36.79
C GLU B 129 10.44 -0.93 -36.17
N HIS B 130 10.93 -2.08 -35.72
CA HIS B 130 12.28 -2.12 -35.17
C HIS B 130 13.33 -1.81 -36.24
N ILE B 131 13.16 -2.37 -37.43
CA ILE B 131 14.07 -2.07 -38.52
C ILE B 131 14.09 -0.57 -38.81
N ASP B 132 12.90 0.06 -38.84
CA ASP B 132 12.85 1.51 -39.03
C ASP B 132 13.68 2.22 -37.96
N TYR B 133 13.50 1.85 -36.70
CA TYR B 133 14.28 2.46 -35.62
C TYR B 133 15.76 2.30 -35.87
N LEU B 134 16.21 1.08 -36.20
CA LEU B 134 17.63 0.80 -36.32
C LEU B 134 18.25 1.57 -37.49
N GLU B 135 17.60 1.52 -38.66
CA GLU B 135 18.07 2.27 -39.82
C GLU B 135 18.14 3.76 -39.50
N THR B 136 17.16 4.26 -38.76
CA THR B 136 17.14 5.66 -38.39
C THR B 136 18.31 6.02 -37.47
N GLN B 137 18.61 5.15 -36.48
CA GLN B 137 19.73 5.44 -35.60
C GLN B 137 21.05 5.44 -36.35
N LEU B 138 21.25 4.46 -37.24
CA LEU B 138 22.49 4.44 -38.01
C LEU B 138 22.60 5.67 -38.90
N GLY B 139 21.48 6.14 -39.43
CA GLY B 139 21.51 7.36 -40.22
C GLY B 139 21.83 8.58 -39.39
N LEU B 140 21.29 8.64 -38.18
CA LEU B 140 21.58 9.78 -37.29
C LEU B 140 23.06 9.83 -36.92
N ILE B 141 23.70 8.69 -36.71
CA ILE B 141 25.14 8.71 -36.40
C ILE B 141 25.90 9.42 -37.52
N GLN B 142 25.49 9.21 -38.77
CA GLN B 142 26.14 9.87 -39.89
C GLN B 142 25.81 11.36 -39.93
N LYS B 143 24.58 11.73 -39.58
CA LYS B 143 24.15 13.13 -39.69
C LYS B 143 24.69 13.99 -38.56
N VAL B 144 24.70 13.48 -37.32
CA VAL B 144 25.11 14.30 -36.19
C VAL B 144 26.51 13.99 -35.68
N GLY B 145 27.13 12.90 -36.16
CA GLY B 145 28.41 12.44 -35.67
C GLY B 145 28.24 11.54 -34.47
N LEU B 146 29.19 10.59 -34.31
CA LEU B 146 29.07 9.60 -33.25
C LEU B 146 29.09 10.24 -31.86
N GLU B 147 29.97 11.23 -31.62
CA GLU B 147 30.06 11.82 -30.29
C GLU B 147 28.76 12.51 -29.90
N ASN B 148 28.17 13.28 -30.82
CA ASN B 148 26.87 13.87 -30.52
C ASN B 148 25.79 12.79 -30.35
N TYR B 149 25.80 11.76 -31.21
CA TYR B 149 24.76 10.73 -31.11
C TYR B 149 24.80 10.07 -29.74
N LEU B 150 26.00 9.72 -29.27
CA LEU B 150 26.15 9.12 -27.95
C LEU B 150 25.78 10.10 -26.86
N GLN B 151 26.18 11.36 -26.99
CA GLN B 151 25.80 12.36 -26.00
C GLN B 151 24.28 12.43 -25.83
N SER B 152 23.54 12.40 -26.93
CA SER B 152 22.09 12.47 -26.93
C SER B 152 21.45 11.25 -26.29
N HIS B 153 22.20 10.19 -26.07
CA HIS B 153 21.64 8.99 -25.48
C HIS B 153 22.19 8.73 -24.07
N MET B 154 22.82 9.72 -23.46
CA MET B 154 23.28 9.57 -22.09
C MET B 154 22.13 9.59 -21.10
N HIS B 155 21.24 10.55 -21.22
CA HIS B 155 20.21 10.81 -20.23
C HIS B 155 18.86 10.34 -20.74
N GLU B 156 18.08 9.74 -19.84
CA GLU B 156 16.67 9.55 -20.09
C GLU B 156 15.92 10.85 -19.81
N MET C 1 27.34 -1.21 25.15
CA MET C 1 27.79 -2.63 25.06
C MET C 1 29.28 -2.63 24.72
N LYS C 2 30.13 -3.33 25.46
CA LYS C 2 31.56 -3.20 25.23
C LYS C 2 31.96 -3.88 23.92
N GLY C 3 32.38 -3.10 22.96
CA GLY C 3 32.83 -3.62 21.69
C GLY C 3 34.28 -4.04 21.69
N ASP C 4 34.64 -4.78 20.66
CA ASP C 4 36.03 -5.19 20.44
C ASP C 4 36.90 -3.97 20.12
N LYS C 5 38.05 -3.85 20.80
CA LYS C 5 38.93 -2.69 20.60
C LYS C 5 39.34 -2.54 19.14
N LYS C 6 39.71 -3.65 18.47
CA LYS C 6 40.14 -3.54 17.09
C LYS C 6 38.98 -3.24 16.14
N VAL C 7 37.77 -3.76 16.43
CA VAL C 7 36.59 -3.33 15.65
C VAL C 7 36.45 -1.83 15.72
N ILE C 8 36.54 -1.28 16.93
CA ILE C 8 36.38 0.17 17.08
C ILE C 8 37.48 0.90 16.32
N GLN C 9 38.71 0.39 16.37
CA GLN C 9 39.77 0.99 15.55
C GLN C 9 39.42 0.94 14.07
N HIS C 10 38.90 -0.20 13.60
CA HIS C 10 38.48 -0.29 12.20
C HIS C 10 37.36 0.70 11.89
N LEU C 11 36.35 0.80 12.76
CA LEU C 11 35.26 1.73 12.49
C LEU C 11 35.77 3.17 12.46
N ASN C 12 36.73 3.50 13.32
CA ASN C 12 37.30 4.85 13.28
C ASN C 12 38.08 5.09 12.01
N LYS C 13 38.73 4.06 11.46
CA LYS C 13 39.42 4.21 10.19
C LYS C 13 38.44 4.47 9.05
N ILE C 14 37.35 3.71 9.00
CA ILE C 14 36.33 3.93 7.99
C ILE C 14 35.74 5.33 8.15
N LEU C 15 35.44 5.71 9.38
CA LEU C 15 34.93 7.04 9.66
C LEU C 15 35.90 8.11 9.16
N GLY C 16 37.19 7.91 9.42
CA GLY C 16 38.18 8.88 8.91
C GLY C 16 38.14 8.98 7.40
N ASN C 17 37.96 7.86 6.71
CA ASN C 17 37.82 7.91 5.25
C ASN C 17 36.57 8.67 4.85
N GLU C 18 35.45 8.43 5.55
CA GLU C 18 34.21 9.14 5.23
C GLU C 18 34.36 10.65 5.45
N LEU C 19 35.08 11.06 6.50
CA LEU C 19 35.27 12.49 6.76
C LEU C 19 36.06 13.17 5.65
N ILE C 20 37.10 12.52 5.12
CA ILE C 20 37.81 13.03 3.96
C ILE C 20 36.84 13.18 2.80
N ALA C 21 36.06 12.14 2.52
CA ALA C 21 35.14 12.14 1.38
C ALA C 21 34.09 13.25 1.49
N ILE C 22 33.51 13.44 2.67
CA ILE C 22 32.53 14.52 2.86
C ILE C 22 33.09 15.84 2.33
N ASN C 23 34.27 16.20 2.82
CA ASN C 23 34.88 17.49 2.48
C ASN C 23 35.33 17.53 1.02
N GLN C 24 35.95 16.47 0.53
CA GLN C 24 36.40 16.45 -0.86
C GLN C 24 35.22 16.56 -1.82
N TYR C 25 34.15 15.78 -1.58
CA TYR C 25 32.98 15.83 -2.45
C TYR C 25 32.25 17.16 -2.31
N PHE C 26 32.18 17.73 -1.10
CA PHE C 26 31.50 19.01 -0.96
C PHE C 26 32.24 20.11 -1.71
N LEU C 27 33.57 20.15 -1.58
CA LEU C 27 34.34 21.16 -2.31
C LEU C 27 34.23 20.95 -3.82
N HIS C 28 34.35 19.70 -4.27
CA HIS C 28 34.21 19.46 -5.70
C HIS C 28 32.85 19.93 -6.19
N SER C 29 31.79 19.65 -5.41
CA SER C 29 30.44 20.08 -5.78
C SER C 29 30.40 21.59 -5.98
N ARG C 30 30.93 22.32 -5.01
CA ARG C 30 30.84 23.78 -5.04
C ARG C 30 31.75 24.37 -6.11
N MET C 31 32.87 23.73 -6.42
CA MET C 31 33.66 24.11 -7.59
C MET C 31 32.85 23.93 -8.88
N TRP C 32 32.23 22.76 -9.05
CA TRP C 32 31.45 22.54 -10.26
C TRP C 32 30.31 23.56 -10.36
N ASN C 33 29.64 23.86 -9.25
CA ASN C 33 28.57 24.86 -9.31
C ASN C 33 29.14 26.23 -9.71
N ASP C 34 30.27 26.63 -9.11
CA ASP C 34 30.90 27.90 -9.44
C ASP C 34 31.22 27.97 -10.93
N TRP C 35 31.61 26.86 -11.54
CA TRP C 35 31.93 26.81 -12.97
C TRP C 35 30.72 26.69 -13.88
N GLY C 36 29.50 26.60 -13.34
CA GLY C 36 28.32 26.48 -14.16
C GLY C 36 27.98 25.06 -14.54
N LEU C 37 28.70 24.09 -14.00
CA LEU C 37 28.44 22.68 -14.30
C LEU C 37 27.52 22.10 -13.23
N LYS C 38 26.29 22.60 -13.24
CA LYS C 38 25.38 22.40 -12.10
C LYS C 38 24.88 20.97 -11.98
N ARG C 39 24.83 20.19 -13.06
CA ARG C 39 24.42 18.80 -12.92
C ARG C 39 25.48 18.01 -12.16
N LEU C 40 26.76 18.26 -12.47
CA LEU C 40 27.83 17.65 -11.69
C LEU C 40 27.82 18.17 -10.26
N GLY C 41 27.62 19.48 -10.07
CA GLY C 41 27.57 20.03 -8.72
C GLY C 41 26.49 19.39 -7.87
N ALA C 42 25.29 19.23 -8.43
CA ALA C 42 24.20 18.63 -7.67
C ALA C 42 24.47 17.16 -7.36
N HIS C 43 24.97 16.41 -8.33
CA HIS C 43 25.24 15.00 -8.08
C HIS C 43 26.31 14.84 -7.01
N GLU C 44 27.36 15.64 -7.10
CA GLU C 44 28.45 15.55 -6.13
C GLU C 44 28.00 15.99 -4.74
N TYR C 45 27.10 16.99 -4.66
CA TYR C 45 26.49 17.35 -3.39
C TYR C 45 25.79 16.15 -2.76
N HIS C 46 24.97 15.45 -3.56
CA HIS C 46 24.29 14.27 -3.03
C HIS C 46 25.28 13.18 -2.60
N GLU C 47 26.40 13.05 -3.31
CA GLU C 47 27.44 12.11 -2.86
C GLU C 47 28.01 12.52 -1.50
N SER C 48 28.24 13.81 -1.29
CA SER C 48 28.73 14.29 0.00
C SER C 48 27.73 14.00 1.11
N ILE C 49 26.45 14.29 0.85
CA ILE C 49 25.40 14.02 1.83
C ILE C 49 25.36 12.53 2.16
N ASP C 50 25.52 11.67 1.16
CA ASP C 50 25.48 10.24 1.45
C ASP C 50 26.63 9.84 2.36
N GLU C 51 27.82 10.43 2.17
CA GLU C 51 28.93 10.16 3.07
C GLU C 51 28.67 10.69 4.47
N MET C 52 28.02 11.84 4.59
CA MET C 52 27.63 12.36 5.89
C MET C 52 26.74 11.37 6.62
N LYS C 53 25.80 10.74 5.91
CA LYS C 53 24.91 9.79 6.52
C LYS C 53 25.67 8.55 6.98
N HIS C 54 26.63 8.10 6.19
CA HIS C 54 27.45 6.95 6.62
C HIS C 54 28.26 7.30 7.87
N ALA C 55 28.87 8.49 7.89
CA ALA C 55 29.63 8.93 9.07
C ALA C 55 28.75 8.95 10.30
N ASP C 56 27.52 9.45 10.17
CA ASP C 56 26.57 9.45 11.28
C ASP C 56 26.40 8.04 11.84
N LYS C 57 26.13 7.08 10.95
CA LYS C 57 25.90 5.71 11.44
C LYS C 57 27.16 5.13 12.09
N LEU C 58 28.34 5.44 11.55
CA LEU C 58 29.57 4.95 12.16
C LEU C 58 29.77 5.54 13.55
N ILE C 59 29.56 6.85 13.71
CA ILE C 59 29.67 7.51 15.01
C ILE C 59 28.72 6.88 16.00
N GLU C 60 27.47 6.66 15.58
CA GLU C 60 26.48 6.07 16.47
C GLU C 60 26.89 4.67 16.91
N ARG C 61 27.42 3.87 15.98
CA ARG C 61 27.83 2.51 16.31
C ARG C 61 29.03 2.51 17.24
N ILE C 62 30.01 3.38 16.99
CA ILE C 62 31.19 3.45 17.86
C ILE C 62 30.78 3.80 19.27
N LEU C 63 29.89 4.77 19.43
CA LEU C 63 29.46 5.14 20.78
C LEU C 63 28.69 4.01 21.45
N PHE C 64 27.82 3.31 20.72
CA PHE C 64 27.13 2.17 21.31
C PHE C 64 28.12 1.14 21.83
N LEU C 65 29.20 0.91 21.09
CA LEU C 65 30.23 -0.06 21.48
C LEU C 65 31.20 0.49 22.51
N GLU C 66 30.92 1.70 23.03
CA GLU C 66 31.68 2.30 24.11
C GLU C 66 33.08 2.73 23.68
N GLY C 67 33.25 3.10 22.41
CA GLY C 67 34.45 3.73 21.92
C GLY C 67 34.28 5.23 21.73
N LEU C 68 35.39 5.85 21.36
CA LEU C 68 35.43 7.29 21.13
C LEU C 68 35.52 7.56 19.64
N PRO C 69 34.49 8.10 19.01
CA PRO C 69 34.59 8.42 17.59
C PRO C 69 35.60 9.52 17.36
N ASN C 70 36.49 9.31 16.40
CA ASN C 70 37.56 10.27 16.11
C ASN C 70 37.11 11.15 14.97
N LEU C 71 36.64 12.37 15.30
CA LEU C 71 36.36 13.38 14.29
C LEU C 71 37.44 14.45 14.23
N GLN C 72 38.55 14.25 14.92
CA GLN C 72 39.62 15.25 15.00
C GLN C 72 40.62 15.09 13.88
N ASP C 73 40.92 13.85 13.51
CA ASP C 73 41.99 13.60 12.56
C ASP C 73 41.36 13.61 11.18
N LEU C 74 41.83 14.51 10.34
CA LEU C 74 41.37 14.59 8.96
C LEU C 74 42.55 14.32 8.04
N GLY C 75 42.44 13.24 7.25
CA GLY C 75 43.43 12.93 6.25
C GLY C 75 43.42 13.85 5.04
N LYS C 76 44.27 13.48 4.07
CA LYS C 76 44.53 14.33 2.90
C LYS C 76 43.37 14.32 1.92
N LEU C 77 42.82 15.52 1.67
CA LEU C 77 41.83 15.68 0.60
C LEU C 77 42.52 15.62 -0.76
N LEU C 78 41.90 14.90 -1.71
CA LEU C 78 42.38 14.80 -3.09
C LEU C 78 41.53 15.72 -3.95
N ILE C 79 42.01 16.96 -4.16
CA ILE C 79 41.25 17.98 -4.88
C ILE C 79 41.83 18.13 -6.28
N GLY C 80 40.99 17.99 -7.29
CA GLY C 80 41.41 18.15 -8.65
C GLY C 80 41.35 19.61 -9.11
N GLU C 81 41.98 19.88 -10.26
CA GLU C 81 41.98 21.22 -10.83
C GLU C 81 41.07 21.35 -12.04
N ASN C 82 40.51 20.26 -12.52
CA ASN C 82 39.56 20.27 -13.62
C ASN C 82 38.71 19.02 -13.48
N THR C 83 37.65 18.96 -14.29
CA THR C 83 36.64 17.91 -14.11
C THR C 83 37.25 16.51 -14.20
N GLN C 84 38.07 16.26 -15.21
CA GLN C 84 38.70 14.95 -15.34
C GLN C 84 39.49 14.58 -14.09
N GLU C 85 40.31 15.51 -13.60
CA GLU C 85 41.11 15.24 -12.40
C GLU C 85 40.23 15.05 -11.18
N MET C 86 39.15 15.83 -11.05
CA MET C 86 38.31 15.74 -9.87
C MET C 86 37.64 14.37 -9.80
N LEU C 87 37.17 13.89 -10.95
CA LEU C 87 36.53 12.57 -10.98
C LEU C 87 37.54 11.49 -10.66
N GLN C 88 38.75 11.59 -11.20
CA GLN C 88 39.76 10.59 -10.88
C GLN C 88 40.15 10.64 -9.41
N CYS C 89 40.22 11.85 -8.83
CA CYS C 89 40.52 11.99 -7.40
C CYS C 89 39.45 11.30 -6.56
N ASP C 90 38.18 11.52 -6.89
CA ASP C 90 37.11 10.81 -6.20
C ASP C 90 37.28 9.31 -6.32
N LEU C 91 37.62 8.83 -7.52
CA LEU C 91 37.77 7.39 -7.72
C LEU C 91 38.94 6.84 -6.92
N ASN C 92 40.07 7.56 -6.90
CA ASN C 92 41.21 7.12 -6.09
C ASN C 92 40.83 7.01 -4.62
N LEU C 93 40.06 7.96 -4.10
CA LEU C 93 39.62 7.90 -2.72
C LEU C 93 38.70 6.72 -2.48
N GLU C 94 37.77 6.46 -3.40
CA GLU C 94 36.81 5.38 -3.21
C GLU C 94 37.51 4.02 -3.20
N LEU C 95 38.55 3.86 -4.02
CA LEU C 95 39.25 2.58 -4.06
C LEU C 95 40.02 2.32 -2.77
N LYS C 96 40.58 3.37 -2.16
CA LYS C 96 41.15 3.21 -0.83
C LYS C 96 40.06 2.86 0.19
N ALA C 97 38.93 3.54 0.09
CA ALA C 97 37.86 3.32 1.04
C ALA C 97 37.37 1.88 1.01
N THR C 98 37.21 1.30 -0.18
CA THR C 98 36.67 -0.05 -0.25
C THR C 98 37.69 -1.07 0.24
N LYS C 99 38.98 -0.83 -0.01
CA LYS C 99 40.00 -1.70 0.59
C LYS C 99 39.85 -1.72 2.11
N ASP C 100 39.73 -0.54 2.73
CA ASP C 100 39.61 -0.50 4.17
C ASP C 100 38.31 -1.14 4.66
N LEU C 101 37.22 -0.97 3.91
CA LEU C 101 35.96 -1.59 4.31
C LEU C 101 36.06 -3.11 4.32
N ARG C 102 36.70 -3.67 3.30
CA ARG C 102 36.84 -5.13 3.23
C ARG C 102 37.66 -5.65 4.41
N GLU C 103 38.77 -4.99 4.74
CA GLU C 103 39.59 -5.40 5.89
C GLU C 103 38.80 -5.30 7.19
N ALA C 104 37.97 -4.28 7.32
CA ALA C 104 37.16 -4.12 8.52
C ALA C 104 36.10 -5.22 8.61
N ILE C 105 35.48 -5.57 7.49
CA ILE C 105 34.48 -6.64 7.49
C ILE C 105 35.12 -7.96 7.94
N VAL C 106 36.31 -8.28 7.42
CA VAL C 106 37.02 -9.48 7.87
C VAL C 106 37.11 -9.51 9.38
N HIS C 107 37.55 -8.41 9.98
CA HIS C 107 37.76 -8.46 11.43
C HIS C 107 36.45 -8.57 12.19
N CYS C 108 35.41 -7.86 11.74
CA CYS C 108 34.12 -7.98 12.40
C CYS C 108 33.63 -9.41 12.37
N GLU C 109 33.80 -10.08 11.23
CA GLU C 109 33.38 -11.46 11.12
C GLU C 109 34.14 -12.32 12.12
N GLN C 110 35.43 -12.07 12.27
CA GLN C 110 36.25 -12.91 13.14
C GLN C 110 35.91 -12.74 14.61
N VAL C 111 35.48 -11.56 15.06
CA VAL C 111 35.09 -11.42 16.46
C VAL C 111 33.58 -11.54 16.64
N HIS C 112 32.86 -11.96 15.60
CA HIS C 112 31.42 -12.23 15.64
C HIS C 112 30.60 -10.98 15.85
N ASP C 113 31.12 -9.81 15.43
CA ASP C 113 30.36 -8.57 15.48
C ASP C 113 29.59 -8.44 14.17
N TYR C 114 28.56 -9.27 14.06
CA TYR C 114 27.82 -9.39 12.82
C TYR C 114 27.00 -8.15 12.51
N VAL C 115 26.59 -7.39 13.52
CA VAL C 115 25.86 -6.14 13.26
C VAL C 115 26.78 -5.08 12.68
N SER C 116 27.99 -4.91 13.24
CA SER C 116 28.95 -4.01 12.61
C SER C 116 29.27 -4.45 11.19
N ARG C 117 29.40 -5.76 10.96
CA ARG C 117 29.66 -6.20 9.60
C ARG C 117 28.54 -5.77 8.66
N ASP C 118 27.29 -5.92 9.11
CA ASP C 118 26.14 -5.59 8.26
C ASP C 118 26.13 -4.10 7.91
N LEU C 119 26.44 -3.24 8.88
CA LEU C 119 26.58 -1.81 8.61
C LEU C 119 27.64 -1.54 7.57
N LEU C 120 28.81 -2.15 7.73
CA LEU C 120 29.91 -1.92 6.79
C LEU C 120 29.58 -2.47 5.40
N LYS C 121 28.91 -3.62 5.33
CA LYS C 121 28.47 -4.13 4.04
C LYS C 121 27.56 -3.14 3.33
N ASP C 122 26.61 -2.55 4.06
CA ASP C 122 25.74 -1.54 3.47
C ASP C 122 26.55 -0.33 2.98
N ILE C 123 27.51 0.12 3.77
CA ILE C 123 28.35 1.23 3.33
C ILE C 123 29.14 0.81 2.09
N LEU C 124 29.66 -0.42 2.07
CA LEU C 124 30.42 -0.89 0.93
C LEU C 124 29.57 -0.91 -0.34
N GLU C 125 28.30 -1.32 -0.22
CA GLU C 125 27.40 -1.28 -1.38
C GLU C 125 27.27 0.14 -1.92
N SER C 126 27.17 1.13 -1.03
CA SER C 126 27.09 2.52 -1.45
CA SER C 126 27.08 2.51 -1.47
C SER C 126 28.37 2.96 -2.14
N GLU C 127 29.52 2.57 -1.59
CA GLU C 127 30.78 2.99 -2.18
C GLU C 127 30.99 2.33 -3.53
N GLU C 128 30.58 1.06 -3.71
CA GLU C 128 30.70 0.46 -5.03
C GLU C 128 29.76 1.11 -6.05
N GLU C 129 28.58 1.57 -5.62
CA GLU C 129 27.72 2.33 -6.52
C GLU C 129 28.40 3.63 -6.93
N HIS C 130 29.14 4.25 -6.02
CA HIS C 130 29.83 5.48 -6.37
C HIS C 130 30.96 5.20 -7.36
N ILE C 131 31.69 4.10 -7.15
CA ILE C 131 32.71 3.68 -8.11
C ILE C 131 32.09 3.47 -9.49
N ASP C 132 30.94 2.78 -9.56
CA ASP C 132 30.24 2.59 -10.82
C ASP C 132 29.99 3.93 -11.50
N TYR C 133 29.44 4.89 -10.75
CA TYR C 133 29.17 6.22 -11.30
C TYR C 133 30.44 6.86 -11.84
N LEU C 134 31.52 6.83 -11.05
CA LEU C 134 32.76 7.49 -11.44
C LEU C 134 33.39 6.86 -12.67
N GLU C 135 33.50 5.52 -12.68
CA GLU C 135 34.05 4.85 -13.85
C GLU C 135 33.23 5.14 -15.09
N THR C 136 31.90 5.20 -14.93
CA THR C 136 31.03 5.50 -16.06
C THR C 136 31.26 6.92 -16.56
N GLN C 137 31.44 7.90 -15.67
CA GLN C 137 31.67 9.26 -16.13
C GLN C 137 32.99 9.36 -16.89
N LEU C 138 34.03 8.71 -16.37
CA LEU C 138 35.32 8.77 -17.06
C LEU C 138 35.24 8.11 -18.43
N GLY C 139 34.46 7.02 -18.53
CA GLY C 139 34.26 6.38 -19.81
C GLY C 139 33.47 7.26 -20.77
N LEU C 140 32.49 7.99 -20.26
CA LEU C 140 31.68 8.84 -21.13
C LEU C 140 32.50 9.98 -21.69
N ILE C 141 33.43 10.52 -20.90
CA ILE C 141 34.32 11.57 -21.42
C ILE C 141 35.05 11.06 -22.65
N GLN C 142 35.50 9.80 -22.64
CA GLN C 142 36.16 9.23 -23.81
C GLN C 142 35.20 9.01 -24.97
N LYS C 143 33.96 8.57 -24.69
CA LYS C 143 33.03 8.25 -25.77
C LYS C 143 32.42 9.48 -26.42
N VAL C 144 32.12 10.53 -25.66
CA VAL C 144 31.42 11.69 -26.22
C VAL C 144 32.33 12.90 -26.38
N GLY C 145 33.55 12.85 -25.84
CA GLY C 145 34.46 13.98 -25.82
C GLY C 145 34.21 14.89 -24.63
N LEU C 146 35.28 15.56 -24.20
CA LEU C 146 35.20 16.37 -22.99
C LEU C 146 34.21 17.52 -23.15
N GLU C 147 34.27 18.23 -24.28
CA GLU C 147 33.37 19.37 -24.46
C GLU C 147 31.91 18.95 -24.36
N ASN C 148 31.53 17.86 -25.04
CA ASN C 148 30.14 17.37 -24.97
C ASN C 148 29.83 16.90 -23.54
N TYR C 149 30.78 16.23 -22.89
CA TYR C 149 30.50 15.72 -21.56
C TYR C 149 30.18 16.86 -20.62
N LEU C 150 30.96 17.93 -20.69
CA LEU C 150 30.72 19.08 -19.83
C LEU C 150 29.42 19.78 -20.21
N GLN C 151 29.14 19.90 -21.52
CA GLN C 151 27.89 20.49 -21.97
C GLN C 151 26.70 19.79 -21.34
N SER C 152 26.74 18.46 -21.34
CA SER C 152 25.64 17.66 -20.78
C SER C 152 25.51 17.80 -19.27
N HIS C 153 26.47 18.46 -18.60
CA HIS C 153 26.38 18.63 -17.15
C HIS C 153 26.23 20.10 -16.76
N MET C 154 25.85 20.97 -17.70
CA MET C 154 25.61 22.37 -17.36
C MET C 154 24.29 22.53 -16.61
N HIS C 155 23.22 21.92 -17.11
CA HIS C 155 21.87 22.19 -16.64
C HIS C 155 21.36 20.98 -15.85
N GLU C 156 20.77 21.26 -14.68
CA GLU C 156 20.11 20.21 -13.92
C GLU C 156 18.84 19.76 -14.63
N MET D 1 -42.98 -2.64 38.38
CA MET D 1 -42.89 -4.10 38.75
C MET D 1 -42.43 -4.20 40.19
N LYS D 2 -43.28 -4.64 41.11
CA LYS D 2 -42.96 -4.50 42.52
C LYS D 2 -41.75 -5.38 42.88
N GLY D 3 -40.69 -4.72 43.39
CA GLY D 3 -39.48 -5.43 43.77
C GLY D 3 -39.51 -5.94 45.20
N ASP D 4 -38.54 -6.80 45.50
CA ASP D 4 -38.29 -7.24 46.85
C ASP D 4 -37.91 -6.06 47.75
N LYS D 5 -38.57 -5.96 48.90
CA LYS D 5 -38.36 -4.82 49.79
C LYS D 5 -36.90 -4.69 50.22
N LYS D 6 -36.27 -5.81 50.59
CA LYS D 6 -34.89 -5.75 51.04
C LYS D 6 -33.93 -5.47 49.87
N VAL D 7 -34.25 -5.93 48.65
CA VAL D 7 -33.45 -5.51 47.49
C VAL D 7 -33.45 -4.00 47.39
N ILE D 8 -34.65 -3.40 47.49
CA ILE D 8 -34.76 -1.95 47.36
C ILE D 8 -33.99 -1.24 48.48
N GLN D 9 -34.03 -1.80 49.71
CA GLN D 9 -33.21 -1.23 50.78
C GLN D 9 -31.72 -1.28 50.44
N HIS D 10 -31.26 -2.41 49.89
CA HIS D 10 -29.86 -2.50 49.47
C HIS D 10 -29.54 -1.48 48.39
N LEU D 11 -30.41 -1.38 47.37
CA LEU D 11 -30.18 -0.41 46.30
C LEU D 11 -30.09 1.01 46.85
N ASN D 12 -30.95 1.35 47.81
CA ASN D 12 -30.88 2.68 48.42
C ASN D 12 -29.61 2.87 49.24
N LYS D 13 -29.10 1.81 49.88
CA LYS D 13 -27.83 1.91 50.56
C LYS D 13 -26.69 2.17 49.58
N ILE D 14 -26.70 1.45 48.46
CA ILE D 14 -25.69 1.69 47.42
C ILE D 14 -25.82 3.10 46.87
N LEU D 15 -27.06 3.53 46.58
CA LEU D 15 -27.28 4.91 46.13
C LEU D 15 -26.73 5.91 47.12
N GLY D 16 -26.96 5.68 48.42
CA GLY D 16 -26.43 6.58 49.43
C GLY D 16 -24.92 6.68 49.38
N ASN D 17 -24.24 5.55 49.15
CA ASN D 17 -22.79 5.60 49.01
C ASN D 17 -22.37 6.39 47.79
N GLU D 18 -23.08 6.21 46.66
CA GLU D 18 -22.77 6.96 45.45
C GLU D 18 -22.98 8.46 45.66
N LEU D 19 -24.03 8.85 46.40
CA LEU D 19 -24.27 10.28 46.65
C LEU D 19 -23.16 10.90 47.49
N ILE D 20 -22.64 10.18 48.49
CA ILE D 20 -21.47 10.67 49.23
C ILE D 20 -20.30 10.86 48.27
N ALA D 21 -20.03 9.85 47.45
CA ALA D 21 -18.90 9.89 46.53
C ALA D 21 -19.01 11.04 45.54
N ILE D 22 -20.21 11.29 45.00
CA ILE D 22 -20.37 12.41 44.08
C ILE D 22 -19.83 13.69 44.70
N ASN D 23 -20.30 14.01 45.91
CA ASN D 23 -19.94 15.27 46.54
C ASN D 23 -18.48 15.29 46.98
N GLN D 24 -18.01 14.19 47.56
CA GLN D 24 -16.63 14.09 48.01
C GLN D 24 -15.66 14.25 46.84
N TYR D 25 -15.91 13.56 45.73
CA TYR D 25 -15.02 13.66 44.57
C TYR D 25 -15.15 15.02 43.90
N PHE D 26 -16.36 15.60 43.88
CA PHE D 26 -16.49 16.91 43.26
C PHE D 26 -15.72 17.97 44.04
N LEU D 27 -15.83 17.95 45.37
CA LEU D 27 -15.10 18.91 46.18
C LEU D 27 -13.59 18.71 46.05
N HIS D 28 -13.13 17.46 46.13
CA HIS D 28 -11.70 17.19 45.95
C HIS D 28 -11.22 17.69 44.59
N SER D 29 -12.02 17.49 43.55
CA SER D 29 -11.66 17.98 42.22
C SER D 29 -11.45 19.48 42.24
N ARG D 30 -12.41 20.21 42.81
CA ARG D 30 -12.33 21.67 42.79
C ARG D 30 -11.25 22.19 43.72
N MET D 31 -10.94 21.45 44.81
CA MET D 31 -9.79 21.80 45.63
C MET D 31 -8.49 21.65 44.83
N TRP D 32 -8.32 20.52 44.15
CA TRP D 32 -7.13 20.33 43.33
C TRP D 32 -7.01 21.39 42.26
N ASN D 33 -8.11 21.72 41.57
CA ASN D 33 -8.04 22.78 40.57
C ASN D 33 -7.62 24.11 41.21
N ASP D 34 -8.19 24.46 42.36
CA ASP D 34 -7.83 25.70 43.03
C ASP D 34 -6.35 25.74 43.38
N TRP D 35 -5.77 24.59 43.70
CA TRP D 35 -4.35 24.50 44.04
C TRP D 35 -3.45 24.44 42.82
N GLY D 36 -4.00 24.38 41.61
CA GLY D 36 -3.18 24.32 40.41
C GLY D 36 -2.79 22.92 40.01
N LEU D 37 -3.36 21.91 40.64
CA LEU D 37 -3.09 20.52 40.30
C LEU D 37 -4.17 20.03 39.36
N LYS D 38 -4.12 20.58 38.13
CA LYS D 38 -5.24 20.47 37.21
C LYS D 38 -5.43 19.05 36.67
N ARG D 39 -4.36 18.27 36.59
CA ARG D 39 -4.53 16.89 36.11
C ARG D 39 -5.30 16.06 37.13
N LEU D 40 -4.99 16.25 38.41
CA LEU D 40 -5.77 15.60 39.46
C LEU D 40 -7.19 16.14 39.47
N GLY D 41 -7.35 17.44 39.31
CA GLY D 41 -8.69 18.01 39.33
C GLY D 41 -9.56 17.45 38.23
N ALA D 42 -8.98 17.32 37.04
CA ALA D 42 -9.72 16.76 35.91
C ALA D 42 -10.07 15.30 36.14
N HIS D 43 -9.11 14.50 36.59
CA HIS D 43 -9.39 13.09 36.80
C HIS D 43 -10.49 12.89 37.84
N GLU D 44 -10.41 13.66 38.92
CA GLU D 44 -11.37 13.51 40.01
C GLU D 44 -12.76 14.01 39.61
N TYR D 45 -12.81 15.03 38.73
CA TYR D 45 -14.08 15.45 38.15
C TYR D 45 -14.73 14.29 37.39
N HIS D 46 -13.94 13.61 36.57
CA HIS D 46 -14.48 12.46 35.84
C HIS D 46 -14.92 11.34 36.78
N GLU D 47 -14.23 11.15 37.90
CA GLU D 47 -14.69 10.17 38.89
C GLU D 47 -16.03 10.58 39.48
N SER D 48 -16.21 11.87 39.76
CA SER D 48 -17.48 12.37 40.28
C SER D 48 -18.60 12.15 39.26
N ILE D 49 -18.33 12.47 38.00
CA ILE D 49 -19.31 12.26 36.94
C ILE D 49 -19.68 10.79 36.85
N ASP D 50 -18.69 9.89 36.96
CA ASP D 50 -19.00 8.47 36.86
C ASP D 50 -19.92 8.02 37.99
N GLU D 51 -19.72 8.56 39.20
CA GLU D 51 -20.62 8.24 40.30
C GLU D 51 -22.02 8.81 40.06
N MET D 52 -22.10 9.99 39.46
CA MET D 52 -23.39 10.54 39.08
C MET D 52 -24.16 9.61 38.13
N LYS D 53 -23.45 9.01 37.17
CA LYS D 53 -24.10 8.10 36.24
C LYS D 53 -24.54 6.82 36.94
N HIS D 54 -23.75 6.32 37.91
CA HIS D 54 -24.20 5.16 38.68
C HIS D 54 -25.43 5.49 39.50
N ALA D 55 -25.43 6.66 40.15
CA ALA D 55 -26.59 7.10 40.92
C ALA D 55 -27.84 7.13 40.06
N ASP D 56 -27.72 7.70 38.85
CA ASP D 56 -28.84 7.73 37.92
C ASP D 56 -29.39 6.33 37.68
N LYS D 57 -28.54 5.36 37.35
CA LYS D 57 -29.04 4.02 37.07
C LYS D 57 -29.70 3.39 38.30
N LEU D 58 -29.16 3.63 39.51
CA LEU D 58 -29.79 3.12 40.73
C LEU D 58 -31.16 3.75 40.96
N ILE D 59 -31.26 5.08 40.78
CA ILE D 59 -32.54 5.77 40.90
C ILE D 59 -33.56 5.16 39.93
N GLU D 60 -33.15 4.97 38.67
CA GLU D 60 -34.04 4.41 37.67
C GLU D 60 -34.51 3.00 38.03
N ARG D 61 -33.60 2.17 38.53
CA ARG D 61 -33.95 0.80 38.90
C ARG D 61 -34.92 0.79 40.08
N ILE D 62 -34.63 1.61 41.10
CA ILE D 62 -35.48 1.69 42.28
C ILE D 62 -36.88 2.11 41.88
N LEU D 63 -37.00 3.11 41.00
CA LEU D 63 -38.33 3.53 40.57
C LEU D 63 -39.05 2.44 39.78
N PHE D 64 -38.34 1.73 38.89
CA PHE D 64 -38.94 0.63 38.17
C PHE D 64 -39.49 -0.42 39.14
N LEU D 65 -38.76 -0.70 40.21
CA LEU D 65 -39.17 -1.66 41.23
C LEU D 65 -40.20 -1.10 42.21
N GLU D 66 -40.67 0.12 41.97
CA GLU D 66 -41.74 0.79 42.73
C GLU D 66 -41.31 1.11 44.16
N GLY D 67 -40.02 1.42 44.35
CA GLY D 67 -39.53 1.98 45.59
C GLY D 67 -39.29 3.47 45.48
N LEU D 68 -38.90 4.05 46.61
CA LEU D 68 -38.61 5.47 46.70
C LEU D 68 -37.10 5.66 46.78
N PRO D 69 -36.47 6.24 45.75
CA PRO D 69 -35.03 6.52 45.82
C PRO D 69 -34.76 7.59 46.86
N ASN D 70 -33.83 7.29 47.76
CA ASN D 70 -33.51 8.18 48.86
C ASN D 70 -32.38 9.12 48.44
N LEU D 71 -32.73 10.33 48.04
CA LEU D 71 -31.77 11.38 47.77
C LEU D 71 -31.67 12.39 48.91
N GLN D 72 -32.33 12.14 50.03
CA GLN D 72 -32.39 13.10 51.13
C GLN D 72 -31.31 12.89 52.17
N ASP D 73 -31.00 11.63 52.44
CA ASP D 73 -30.04 11.28 53.46
C ASP D 73 -28.67 11.26 52.81
N LEU D 74 -27.81 12.13 53.28
CA LEU D 74 -26.44 12.20 52.82
C LEU D 74 -25.53 11.86 53.98
N GLY D 75 -24.78 10.78 53.86
CA GLY D 75 -23.83 10.37 54.87
C GLY D 75 -22.59 11.24 54.89
N LYS D 76 -21.62 10.81 55.70
CA LYS D 76 -20.46 11.62 56.00
C LYS D 76 -19.45 11.66 54.86
N LEU D 77 -19.15 12.86 54.38
CA LEU D 77 -18.08 13.03 53.40
C LEU D 77 -16.72 12.88 54.06
N LEU D 78 -15.80 12.23 53.38
CA LEU D 78 -14.43 12.08 53.87
C LEU D 78 -13.55 13.05 53.06
N ILE D 79 -13.33 14.24 53.60
CA ILE D 79 -12.62 15.30 52.88
C ILE D 79 -11.21 15.40 53.45
N GLY D 80 -10.23 15.30 52.58
CA GLY D 80 -8.86 15.47 52.99
C GLY D 80 -8.40 16.90 52.83
N GLU D 81 -7.23 17.21 53.38
CA GLU D 81 -6.71 18.57 53.29
C GLU D 81 -5.36 18.64 52.58
N ASN D 82 -4.91 17.53 52.02
CA ASN D 82 -3.71 17.50 51.20
C ASN D 82 -3.86 16.31 50.28
N THR D 83 -3.06 16.27 49.22
CA THR D 83 -3.26 15.29 48.15
C THR D 83 -3.24 13.86 48.66
N GLN D 84 -2.22 13.47 49.43
CA GLN D 84 -2.18 12.08 49.88
C GLN D 84 -3.41 11.73 50.71
N GLU D 85 -3.84 12.64 51.59
CA GLU D 85 -5.01 12.37 52.41
C GLU D 85 -6.29 12.27 51.59
N MET D 86 -6.45 13.13 50.58
CA MET D 86 -7.63 13.10 49.74
C MET D 86 -7.72 11.77 49.00
N LEU D 87 -6.59 11.30 48.46
CA LEU D 87 -6.58 10.00 47.81
C LEU D 87 -6.92 8.88 48.80
N GLN D 88 -6.40 8.94 50.02
CA GLN D 88 -6.72 7.92 50.99
C GLN D 88 -8.18 7.98 51.42
N CYS D 89 -8.76 9.19 51.54
CA CYS D 89 -10.18 9.35 51.84
C CYS D 89 -11.03 8.70 50.77
N ASP D 90 -10.70 8.94 49.50
CA ASP D 90 -11.42 8.31 48.41
C ASP D 90 -11.31 6.79 48.49
N LEU D 91 -10.11 6.27 48.78
CA LEU D 91 -9.90 4.83 48.90
C LEU D 91 -10.71 4.24 50.06
N ASN D 92 -10.69 4.89 51.23
CA ASN D 92 -11.50 4.43 52.35
C ASN D 92 -12.97 4.38 51.99
N LEU D 93 -13.46 5.39 51.27
CA LEU D 93 -14.84 5.40 50.83
C LEU D 93 -15.12 4.25 49.88
N GLU D 94 -14.22 4.02 48.92
CA GLU D 94 -14.43 2.95 47.93
C GLU D 94 -14.43 1.57 48.56
N LEU D 95 -13.61 1.35 49.59
CA LEU D 95 -13.61 0.03 50.23
C LEU D 95 -14.89 -0.22 51.00
N LYS D 96 -15.46 0.81 51.62
CA LYS D 96 -16.78 0.64 52.21
C LYS D 96 -17.83 0.38 51.12
N ALA D 97 -17.71 1.08 49.99
CA ALA D 97 -18.69 0.94 48.94
C ALA D 97 -18.67 -0.48 48.38
N THR D 98 -17.48 -1.07 48.22
CA THR D 98 -17.47 -2.41 47.61
C THR D 98 -17.95 -3.46 48.59
N LYS D 99 -17.70 -3.29 49.89
CA LYS D 99 -18.26 -4.22 50.86
C LYS D 99 -19.80 -4.21 50.79
N ASP D 100 -20.38 -3.02 50.70
CA ASP D 100 -21.83 -2.93 50.60
C ASP D 100 -22.36 -3.51 49.30
N LEU D 101 -21.65 -3.31 48.18
CA LEU D 101 -22.07 -3.90 46.91
C LEU D 101 -22.09 -5.42 46.99
N ARG D 102 -21.07 -6.01 47.61
CA ARG D 102 -21.05 -7.47 47.71
C ARG D 102 -22.22 -7.98 48.53
N GLU D 103 -22.53 -7.34 49.65
CA GLU D 103 -23.67 -7.77 50.46
C GLU D 103 -24.99 -7.64 49.70
N ALA D 104 -25.12 -6.55 48.93
CA ALA D 104 -26.32 -6.37 48.10
C ALA D 104 -26.44 -7.46 47.03
N ILE D 105 -25.32 -7.82 46.40
CA ILE D 105 -25.37 -8.85 45.36
C ILE D 105 -25.78 -10.19 45.96
N VAL D 106 -25.26 -10.52 47.15
CA VAL D 106 -25.66 -11.75 47.84
C VAL D 106 -27.17 -11.82 47.96
N HIS D 107 -27.78 -10.71 48.39
CA HIS D 107 -29.21 -10.75 48.61
C HIS D 107 -29.98 -10.82 47.30
N CYS D 108 -29.57 -10.06 46.28
CA CYS D 108 -30.23 -10.15 44.98
C CYS D 108 -30.22 -11.59 44.46
N GLU D 109 -29.08 -12.27 44.58
CA GLU D 109 -28.99 -13.64 44.12
C GLU D 109 -29.97 -14.53 44.87
N GLN D 110 -30.07 -14.35 46.19
CA GLN D 110 -30.92 -15.19 47.01
C GLN D 110 -32.40 -15.04 46.65
N VAL D 111 -32.85 -13.84 46.28
CA VAL D 111 -34.24 -13.64 45.93
C VAL D 111 -34.46 -13.61 44.41
N HIS D 112 -33.44 -13.94 43.63
CA HIS D 112 -33.54 -14.16 42.18
C HIS D 112 -33.76 -12.88 41.40
N ASP D 113 -33.32 -11.74 41.94
CA ASP D 113 -33.36 -10.47 41.21
C ASP D 113 -32.05 -10.34 40.44
N TYR D 114 -31.98 -11.12 39.36
CA TYR D 114 -30.76 -11.23 38.59
C TYR D 114 -30.43 -9.96 37.82
N VAL D 115 -31.43 -9.15 37.48
CA VAL D 115 -31.14 -7.90 36.77
C VAL D 115 -30.55 -6.87 37.74
N SER D 116 -31.09 -6.76 38.95
CA SER D 116 -30.44 -5.91 39.95
C SER D 116 -29.02 -6.38 40.23
N ARG D 117 -28.82 -7.69 40.34
CA ARG D 117 -27.47 -8.19 40.53
C ARG D 117 -26.54 -7.71 39.42
N ASP D 118 -27.00 -7.78 38.18
CA ASP D 118 -26.13 -7.44 37.05
C ASP D 118 -25.77 -5.97 37.08
N LEU D 119 -26.73 -5.11 37.41
CA LEU D 119 -26.45 -3.70 37.59
C LEU D 119 -25.41 -3.49 38.68
N LEU D 120 -25.56 -4.16 39.82
CA LEU D 120 -24.61 -3.96 40.91
C LEU D 120 -23.23 -4.52 40.57
N LYS D 121 -23.17 -5.61 39.82
CA LYS D 121 -21.89 -6.13 39.39
C LYS D 121 -21.17 -5.12 38.49
N ASP D 122 -21.91 -4.48 37.57
CA ASP D 122 -21.30 -3.47 36.71
C ASP D 122 -20.75 -2.31 37.53
N ILE D 123 -21.50 -1.85 38.54
CA ILE D 123 -21.03 -0.79 39.40
C ILE D 123 -19.81 -1.24 40.18
N LEU D 124 -19.84 -2.48 40.68
CA LEU D 124 -18.69 -3.02 41.41
C LEU D 124 -17.45 -3.04 40.54
N GLU D 125 -17.60 -3.39 39.26
CA GLU D 125 -16.45 -3.35 38.36
C GLU D 125 -15.89 -1.92 38.26
N SER D 126 -16.77 -0.92 38.15
CA SER D 126 -16.30 0.46 38.10
CA SER D 126 -16.30 0.46 38.10
C SER D 126 -15.61 0.86 39.40
N GLU D 127 -16.16 0.44 40.56
CA GLU D 127 -15.55 0.84 41.82
C GLU D 127 -14.21 0.13 42.04
N GLU D 128 -14.07 -1.15 41.63
CA GLU D 128 -12.76 -1.78 41.70
C GLU D 128 -11.75 -1.10 40.78
N GLU D 129 -12.18 -0.61 39.61
CA GLU D 129 -11.27 0.16 38.76
C GLU D 129 -10.81 1.42 39.47
N HIS D 130 -11.70 2.07 40.21
CA HIS D 130 -11.31 3.24 40.97
C HIS D 130 -10.34 2.88 42.07
N ILE D 131 -10.58 1.79 42.78
CA ILE D 131 -9.63 1.33 43.78
C ILE D 131 -8.26 1.09 43.16
N ASP D 132 -8.22 0.47 41.99
CA ASP D 132 -6.96 0.28 41.26
C ASP D 132 -6.24 1.61 41.04
N TYR D 133 -6.96 2.61 40.51
CA TYR D 133 -6.39 3.94 40.31
C TYR D 133 -5.82 4.49 41.62
N LEU D 134 -6.61 4.44 42.69
CA LEU D 134 -6.21 5.06 43.95
C LEU D 134 -4.99 4.37 44.56
N GLU D 135 -5.02 3.03 44.62
CA GLU D 135 -3.86 2.30 45.14
C GLU D 135 -2.62 2.61 44.32
N THR D 136 -2.77 2.72 43.00
CA THR D 136 -1.65 3.07 42.13
C THR D 136 -1.10 4.46 42.43
N GLN D 137 -1.99 5.44 42.63
CA GLN D 137 -1.50 6.79 42.90
C GLN D 137 -0.75 6.85 44.22
N LEU D 138 -1.29 6.20 45.26
CA LEU D 138 -0.60 6.17 46.55
C LEU D 138 0.77 5.51 46.42
N GLY D 139 0.85 4.43 45.63
CA GLY D 139 2.14 3.79 45.40
C GLY D 139 3.10 4.68 44.64
N LEU D 140 2.60 5.45 43.66
CA LEU D 140 3.46 6.33 42.92
C LEU D 140 4.03 7.43 43.80
N ILE D 141 3.22 7.96 44.72
CA ILE D 141 3.74 8.95 45.66
C ILE D 141 4.96 8.39 46.36
N GLN D 142 4.90 7.12 46.78
CA GLN D 142 6.05 6.52 47.47
C GLN D 142 7.24 6.34 46.54
N LYS D 143 6.99 5.99 45.27
CA LYS D 143 8.07 5.67 44.35
C LYS D 143 8.77 6.91 43.77
N VAL D 144 8.01 7.94 43.41
CA VAL D 144 8.57 9.11 42.72
C VAL D 144 8.76 10.29 43.67
N GLY D 145 8.25 10.20 44.89
CA GLY D 145 8.29 11.28 45.86
C GLY D 145 7.12 12.22 45.69
N LEU D 146 6.67 12.80 46.81
CA LEU D 146 5.48 13.65 46.78
C LEU D 146 5.66 14.85 45.86
N GLU D 147 6.80 15.55 45.96
CA GLU D 147 6.98 16.75 45.14
C GLU D 147 6.91 16.42 43.65
N ASN D 148 7.57 15.34 43.22
CA ASN D 148 7.48 14.94 41.82
C ASN D 148 6.05 14.52 41.44
N TYR D 149 5.38 13.79 42.33
CA TYR D 149 4.03 13.34 42.02
C TYR D 149 3.10 14.53 41.80
N LEU D 150 3.20 15.55 42.67
CA LEU D 150 2.39 16.74 42.49
C LEU D 150 2.79 17.48 41.23
N GLN D 151 4.10 17.61 40.98
CA GLN D 151 4.57 18.27 39.76
C GLN D 151 3.94 17.64 38.53
N SER D 152 3.90 16.31 38.48
CA SER D 152 3.37 15.59 37.33
C SER D 152 1.87 15.79 37.17
N HIS D 153 1.19 16.39 38.14
CA HIS D 153 -0.25 16.57 38.04
C HIS D 153 -0.63 18.05 37.99
N MET D 154 0.35 18.92 37.71
CA MET D 154 0.05 20.34 37.56
C MET D 154 -0.70 20.60 36.26
N HIS D 155 -0.22 20.02 35.16
CA HIS D 155 -0.71 20.34 33.84
C HIS D 155 -1.49 19.16 33.28
N GLU D 156 -2.60 19.45 32.63
CA GLU D 156 -3.34 18.46 31.89
C GLU D 156 -2.62 18.13 30.58
N MET E 1 34.75 -1.90 -12.46
CA MET E 1 35.67 -2.24 -11.33
C MET E 1 36.17 -3.64 -11.62
N LYS E 2 37.47 -3.90 -11.49
CA LYS E 2 38.00 -5.18 -11.96
C LYS E 2 37.64 -6.26 -10.93
N GLY E 3 36.73 -7.15 -11.30
CA GLY E 3 36.29 -8.18 -10.39
C GLY E 3 37.21 -9.37 -10.44
N ASP E 4 37.07 -10.20 -9.41
CA ASP E 4 37.76 -11.48 -9.35
C ASP E 4 37.26 -12.41 -10.48
N LYS E 5 38.20 -12.98 -11.24
CA LYS E 5 37.86 -13.81 -12.39
C LYS E 5 36.96 -14.97 -11.98
N LYS E 6 37.27 -15.61 -10.85
CA LYS E 6 36.47 -16.76 -10.42
C LYS E 6 35.12 -16.34 -9.84
N VAL E 7 35.01 -15.20 -9.17
CA VAL E 7 33.68 -14.66 -8.86
C VAL E 7 32.85 -14.58 -10.14
N ILE E 8 33.41 -13.98 -11.19
CA ILE E 8 32.66 -13.80 -12.44
C ILE E 8 32.25 -15.15 -13.02
N GLN E 9 33.14 -16.16 -12.97
CA GLN E 9 32.74 -17.49 -13.40
C GLN E 9 31.56 -18.03 -12.59
N HIS E 10 31.58 -17.83 -11.26
CA HIS E 10 30.45 -18.27 -10.44
C HIS E 10 29.18 -17.51 -10.79
N LEU E 11 29.29 -16.18 -10.98
CA LEU E 11 28.09 -15.42 -11.34
C LEU E 11 27.51 -15.88 -12.68
N ASN E 12 28.37 -16.19 -13.64
CA ASN E 12 27.91 -16.73 -14.92
C ASN E 12 27.28 -18.12 -14.76
N LYS E 13 27.77 -18.95 -13.83
CA LYS E 13 27.12 -20.23 -13.58
C LYS E 13 25.73 -20.04 -12.99
N ILE E 14 25.59 -19.16 -12.00
CA ILE E 14 24.27 -18.87 -11.43
C ILE E 14 23.37 -18.30 -12.52
N LEU E 15 23.90 -17.38 -13.33
CA LEU E 15 23.10 -16.83 -14.43
C LEU E 15 22.62 -17.93 -15.37
N GLY E 16 23.49 -18.89 -15.67
CA GLY E 16 23.09 -19.99 -16.53
C GLY E 16 21.95 -20.80 -15.93
N ASN E 17 22.00 -21.00 -14.61
CA ASN E 17 20.90 -21.71 -13.94
C ASN E 17 19.62 -20.91 -14.03
N GLU E 18 19.71 -19.59 -13.88
CA GLU E 18 18.54 -18.74 -13.95
C GLU E 18 17.94 -18.78 -15.35
N LEU E 19 18.80 -18.81 -16.38
CA LEU E 19 18.30 -18.86 -17.76
C LEU E 19 17.54 -20.15 -18.05
N ILE E 20 18.00 -21.28 -17.52
CA ILE E 20 17.24 -22.52 -17.62
C ILE E 20 15.89 -22.36 -16.95
N ALA E 21 15.89 -21.82 -15.73
CA ALA E 21 14.65 -21.71 -14.96
C ALA E 21 13.65 -20.79 -15.65
N ILE E 22 14.11 -19.66 -16.21
CA ILE E 22 13.20 -18.77 -16.92
C ILE E 22 12.40 -19.55 -17.94
N ASN E 23 13.09 -20.31 -18.79
CA ASN E 23 12.43 -20.98 -19.89
C ASN E 23 11.60 -22.16 -19.41
N GLN E 24 12.14 -22.93 -18.47
CA GLN E 24 11.40 -24.08 -17.94
C GLN E 24 10.11 -23.62 -17.28
N TYR E 25 10.19 -22.59 -16.43
CA TYR E 25 9.00 -22.10 -15.74
C TYR E 25 8.04 -21.43 -16.73
N PHE E 26 8.57 -20.70 -17.73
CA PHE E 26 7.65 -20.08 -18.67
C PHE E 26 6.86 -21.13 -19.45
N LEU E 27 7.57 -22.18 -19.92
CA LEU E 27 6.89 -23.23 -20.65
C LEU E 27 5.89 -23.98 -19.76
N HIS E 28 6.30 -24.34 -18.54
CA HIS E 28 5.34 -24.98 -17.62
C HIS E 28 4.11 -24.10 -17.39
N SER E 29 4.30 -22.78 -17.21
CA SER E 29 3.19 -21.86 -17.04
C SER E 29 2.21 -21.95 -18.21
N ARG E 30 2.74 -21.91 -19.43
CA ARG E 30 1.85 -21.88 -20.59
C ARG E 30 1.24 -23.25 -20.86
N MET E 31 1.93 -24.33 -20.51
CA MET E 31 1.28 -25.65 -20.50
C MET E 31 0.08 -25.67 -19.55
N TRP E 32 0.29 -25.23 -18.30
CA TRP E 32 -0.81 -25.24 -17.35
C TRP E 32 -1.96 -24.34 -17.81
N ASN E 33 -1.66 -23.18 -18.41
CA ASN E 33 -2.73 -22.33 -18.91
C ASN E 33 -3.50 -23.01 -20.02
N ASP E 34 -2.79 -23.66 -20.96
CA ASP E 34 -3.44 -24.40 -22.05
C ASP E 34 -4.37 -25.49 -21.51
N TRP E 35 -3.99 -26.12 -20.42
CA TRP E 35 -4.79 -27.18 -19.82
C TRP E 35 -5.92 -26.65 -18.93
N GLY E 36 -6.03 -25.35 -18.77
CA GLY E 36 -7.09 -24.80 -17.97
C GLY E 36 -6.77 -24.70 -16.50
N LEU E 37 -5.52 -24.97 -16.11
CA LEU E 37 -5.12 -24.90 -14.72
C LEU E 37 -4.51 -23.52 -14.46
N LYS E 38 -5.39 -22.52 -14.48
CA LYS E 38 -4.94 -21.13 -14.59
C LYS E 38 -4.26 -20.61 -13.33
N ARG E 39 -4.61 -21.15 -12.16
CA ARG E 39 -3.92 -20.70 -10.94
C ARG E 39 -2.47 -21.17 -10.94
N LEU E 40 -2.21 -22.42 -11.36
CA LEU E 40 -0.84 -22.89 -11.53
C LEU E 40 -0.14 -22.10 -12.62
N GLY E 41 -0.83 -21.85 -13.72
CA GLY E 41 -0.20 -21.10 -14.81
C GLY E 41 0.24 -19.72 -14.38
N ALA E 42 -0.62 -19.03 -13.63
CA ALA E 42 -0.26 -17.69 -13.17
C ALA E 42 0.87 -17.73 -12.16
N HIS E 43 0.82 -18.67 -11.22
CA HIS E 43 1.86 -18.74 -10.20
C HIS E 43 3.20 -19.05 -10.84
N GLU E 44 3.22 -19.99 -11.79
CA GLU E 44 4.44 -20.36 -12.47
C GLU E 44 4.96 -19.23 -13.37
N TYR E 45 4.06 -18.45 -13.97
CA TYR E 45 4.46 -17.24 -14.67
C TYR E 45 5.22 -16.30 -13.75
N HIS E 46 4.67 -16.05 -12.56
CA HIS E 46 5.39 -15.16 -11.65
C HIS E 46 6.72 -15.74 -11.21
N GLU E 47 6.85 -17.07 -11.07
CA GLU E 47 8.16 -17.66 -10.81
C GLU E 47 9.14 -17.38 -11.94
N SER E 48 8.67 -17.50 -13.19
CA SER E 48 9.52 -17.19 -14.34
C SER E 48 9.97 -15.72 -14.28
N ILE E 49 9.05 -14.80 -14.05
CA ILE E 49 9.39 -13.38 -13.97
C ILE E 49 10.41 -13.13 -12.87
N ASP E 50 10.26 -13.81 -11.73
CA ASP E 50 11.21 -13.59 -10.64
C ASP E 50 12.61 -14.05 -11.05
N GLU E 51 12.71 -15.13 -11.84
CA GLU E 51 14.00 -15.57 -12.30
C GLU E 51 14.57 -14.60 -13.33
N MET E 52 13.72 -14.00 -14.16
CA MET E 52 14.17 -12.95 -15.08
C MET E 52 14.79 -11.79 -14.32
N LYS E 53 14.17 -11.39 -13.21
CA LYS E 53 14.71 -10.29 -12.42
C LYS E 53 16.06 -10.64 -11.82
N HIS E 54 16.22 -11.89 -11.34
CA HIS E 54 17.53 -12.30 -10.81
C HIS E 54 18.57 -12.30 -11.92
N ALA E 55 18.22 -12.81 -13.10
CA ALA E 55 19.15 -12.82 -14.22
C ALA E 55 19.60 -11.41 -14.55
N ASP E 56 18.65 -10.46 -14.56
CA ASP E 56 19.00 -9.07 -14.79
C ASP E 56 20.05 -8.59 -13.78
N LYS E 57 19.83 -8.82 -12.49
CA LYS E 57 20.78 -8.33 -11.49
C LYS E 57 22.14 -8.98 -11.68
N LEU E 58 22.17 -10.27 -12.03
CA LEU E 58 23.45 -10.96 -12.27
C LEU E 58 24.19 -10.37 -13.47
N ILE E 59 23.46 -10.13 -14.58
CA ILE E 59 24.07 -9.52 -15.76
C ILE E 59 24.66 -8.17 -15.39
N GLU E 60 23.89 -7.37 -14.65
CA GLU E 60 24.37 -6.04 -14.27
C GLU E 60 25.62 -6.12 -13.41
N ARG E 61 25.66 -7.05 -12.45
CA ARG E 61 26.84 -7.20 -11.59
C ARG E 61 28.05 -7.66 -12.39
N ILE E 62 27.87 -8.64 -13.26
CA ILE E 62 28.96 -9.13 -14.11
C ILE E 62 29.55 -8.00 -14.94
N LEU E 63 28.70 -7.19 -15.56
CA LEU E 63 29.20 -6.09 -16.37
C LEU E 63 29.94 -5.05 -15.52
N PHE E 64 29.42 -4.75 -14.32
CA PHE E 64 30.10 -3.81 -13.45
C PHE E 64 31.50 -4.32 -13.09
N LEU E 65 31.63 -5.63 -12.84
CA LEU E 65 32.90 -6.28 -12.54
C LEU E 65 33.78 -6.51 -13.78
N GLU E 66 33.37 -5.99 -14.93
CA GLU E 66 34.14 -6.02 -16.17
C GLU E 66 34.28 -7.43 -16.72
N GLY E 67 33.27 -8.27 -16.46
CA GLY E 67 33.15 -9.56 -17.10
C GLY E 67 32.17 -9.56 -18.26
N LEU E 68 32.11 -10.69 -18.97
CA LEU E 68 31.17 -10.89 -20.05
C LEU E 68 30.04 -11.80 -19.59
N PRO E 69 28.80 -11.31 -19.49
CA PRO E 69 27.68 -12.18 -19.09
C PRO E 69 27.38 -13.19 -20.21
N ASN E 70 27.25 -14.44 -19.85
CA ASN E 70 27.03 -15.50 -20.83
C ASN E 70 25.54 -15.77 -20.94
N LEU E 71 24.92 -15.22 -21.99
CA LEU E 71 23.52 -15.52 -22.32
C LEU E 71 23.38 -16.50 -23.48
N GLN E 72 24.48 -17.09 -23.92
CA GLN E 72 24.51 -17.93 -25.12
C GLN E 72 24.30 -19.40 -24.80
N ASP E 73 24.87 -19.86 -23.70
CA ASP E 73 24.84 -21.26 -23.36
C ASP E 73 23.58 -21.48 -22.54
N LEU E 74 22.74 -22.39 -23.01
CA LEU E 74 21.51 -22.72 -22.32
C LEU E 74 21.56 -24.20 -22.00
N GLY E 75 21.52 -24.53 -20.72
CA GLY E 75 21.52 -25.90 -20.29
C GLY E 75 20.18 -26.58 -20.46
N LYS E 76 20.09 -27.79 -19.93
CA LYS E 76 18.96 -28.68 -20.21
C LYS E 76 17.72 -28.26 -19.44
N LEU E 77 16.62 -28.01 -20.16
CA LEU E 77 15.34 -27.78 -19.51
C LEU E 77 14.78 -29.10 -19.02
N LEU E 78 14.20 -29.10 -17.82
CA LEU E 78 13.52 -30.27 -17.26
C LEU E 78 12.01 -30.05 -17.37
N ILE E 79 11.40 -30.61 -18.42
CA ILE E 79 10.00 -30.34 -18.75
C ILE E 79 9.17 -31.58 -18.39
N GLY E 80 8.18 -31.38 -17.54
CA GLY E 80 7.33 -32.50 -17.18
C GLY E 80 6.22 -32.75 -18.20
N GLU E 81 5.58 -33.90 -18.06
CA GLU E 81 4.46 -34.28 -18.93
C GLU E 81 3.11 -34.23 -18.23
N ASN E 82 3.08 -33.95 -16.94
CA ASN E 82 1.86 -33.77 -16.18
C ASN E 82 2.22 -32.96 -14.94
N THR E 83 1.19 -32.54 -14.18
CA THR E 83 1.42 -31.58 -13.09
C THR E 83 2.42 -32.11 -12.08
N GLN E 84 2.24 -33.34 -11.60
CA GLN E 84 3.16 -33.91 -10.64
C GLN E 84 4.60 -33.87 -11.14
N GLU E 85 4.82 -34.27 -12.40
CA GLU E 85 6.17 -34.30 -12.95
C GLU E 85 6.73 -32.91 -13.11
N MET E 86 5.88 -31.95 -13.51
CA MET E 86 6.34 -30.58 -13.71
C MET E 86 6.80 -29.97 -12.39
N LEU E 87 6.04 -30.18 -11.32
CA LEU E 87 6.45 -29.69 -10.01
C LEU E 87 7.77 -30.32 -9.57
N GLN E 88 7.92 -31.63 -9.75
CA GLN E 88 9.16 -32.29 -9.35
C GLN E 88 10.33 -31.85 -10.21
N CYS E 89 10.10 -31.58 -11.50
CA CYS E 89 11.13 -31.03 -12.36
C CYS E 89 11.60 -29.66 -11.87
N ASP E 90 10.65 -28.80 -11.50
CA ASP E 90 11.03 -27.51 -10.94
C ASP E 90 11.84 -27.70 -9.66
N LEU E 91 11.42 -28.64 -8.81
CA LEU E 91 12.14 -28.85 -7.55
C LEU E 91 13.55 -29.38 -7.80
N ASN E 92 13.69 -30.33 -8.72
CA ASN E 92 15.02 -30.82 -9.07
C ASN E 92 15.93 -29.68 -9.54
N LEU E 93 15.41 -28.81 -10.39
CA LEU E 93 16.17 -27.65 -10.84
C LEU E 93 16.56 -26.74 -9.68
N GLU E 94 15.61 -26.45 -8.79
CA GLU E 94 15.89 -25.54 -7.68
C GLU E 94 16.91 -26.10 -6.71
N LEU E 95 16.92 -27.43 -6.51
CA LEU E 95 17.91 -28.00 -5.60
C LEU E 95 19.32 -27.91 -6.20
N LYS E 96 19.44 -28.06 -7.52
CA LYS E 96 20.72 -27.82 -8.17
C LYS E 96 21.11 -26.35 -8.04
N ALA E 97 20.12 -25.47 -8.20
CA ALA E 97 20.40 -24.04 -8.15
C ALA E 97 20.92 -23.61 -6.79
N THR E 98 20.34 -24.13 -5.70
CA THR E 98 20.76 -23.68 -4.39
C THR E 98 22.13 -24.23 -4.05
N LYS E 99 22.46 -25.44 -4.52
CA LYS E 99 23.79 -25.98 -4.30
C LYS E 99 24.84 -25.08 -4.93
N ASP E 100 24.59 -24.65 -6.18
CA ASP E 100 25.52 -23.77 -6.87
C ASP E 100 25.59 -22.40 -6.20
N LEU E 101 24.45 -21.88 -5.71
CA LEU E 101 24.49 -20.61 -5.00
C LEU E 101 25.36 -20.69 -3.76
N ARG E 102 25.26 -21.78 -3.00
CA ARG E 102 26.07 -21.89 -1.79
C ARG E 102 27.56 -21.90 -2.12
N GLU E 103 27.96 -22.65 -3.17
CA GLU E 103 29.35 -22.69 -3.59
C GLU E 103 29.84 -21.32 -4.04
N ALA E 104 28.97 -20.58 -4.75
CA ALA E 104 29.36 -19.24 -5.18
C ALA E 104 29.55 -18.30 -3.98
N ILE E 105 28.67 -18.38 -2.98
CA ILE E 105 28.79 -17.53 -1.79
C ILE E 105 30.09 -17.83 -1.06
N VAL E 106 30.44 -19.12 -0.94
CA VAL E 106 31.70 -19.48 -0.28
C VAL E 106 32.85 -18.77 -0.96
N HIS E 107 32.89 -18.82 -2.30
CA HIS E 107 34.00 -18.21 -3.00
C HIS E 107 34.01 -16.69 -2.85
N CYS E 108 32.84 -16.05 -2.96
CA CYS E 108 32.79 -14.60 -2.80
C CYS E 108 33.29 -14.17 -1.44
N GLU E 109 32.92 -14.90 -0.39
CA GLU E 109 33.41 -14.59 0.94
C GLU E 109 34.93 -14.72 1.02
N GLN E 110 35.48 -15.79 0.44
CA GLN E 110 36.92 -16.03 0.50
C GLN E 110 37.73 -14.95 -0.19
N VAL E 111 37.21 -14.32 -1.24
CA VAL E 111 37.93 -13.26 -1.93
C VAL E 111 37.40 -11.88 -1.58
N HIS E 112 36.56 -11.79 -0.53
CA HIS E 112 36.13 -10.52 0.06
C HIS E 112 35.23 -9.70 -0.87
N ASP E 113 34.54 -10.38 -1.80
CA ASP E 113 33.53 -9.71 -2.64
C ASP E 113 32.20 -9.80 -1.90
N TYR E 114 32.05 -8.94 -0.89
CA TYR E 114 30.92 -9.01 0.02
C TYR E 114 29.64 -8.52 -0.64
N VAL E 115 29.75 -7.65 -1.66
CA VAL E 115 28.55 -7.18 -2.35
C VAL E 115 27.98 -8.28 -3.24
N SER E 116 28.85 -8.99 -3.98
CA SER E 116 28.38 -10.14 -4.75
C SER E 116 27.79 -11.20 -3.83
N ARG E 117 28.41 -11.45 -2.68
CA ARG E 117 27.80 -12.37 -1.71
C ARG E 117 26.40 -11.94 -1.33
N ASP E 118 26.22 -10.65 -1.03
CA ASP E 118 24.90 -10.18 -0.62
C ASP E 118 23.85 -10.40 -1.71
N LEU E 119 24.20 -10.10 -2.97
CA LEU E 119 23.31 -10.37 -4.10
C LEU E 119 22.92 -11.83 -4.15
N LEU E 120 23.91 -12.71 -4.06
CA LEU E 120 23.66 -14.14 -4.13
C LEU E 120 22.84 -14.64 -2.94
N LYS E 121 23.06 -14.07 -1.74
CA LYS E 121 22.23 -14.44 -0.59
C LYS E 121 20.76 -14.09 -0.83
N ASP E 122 20.50 -12.91 -1.36
CA ASP E 122 19.13 -12.52 -1.68
C ASP E 122 18.49 -13.47 -2.69
N ILE E 123 19.23 -13.83 -3.75
CA ILE E 123 18.74 -14.82 -4.71
C ILE E 123 18.48 -16.15 -4.02
N LEU E 124 19.40 -16.61 -3.17
CA LEU E 124 19.18 -17.85 -2.44
C LEU E 124 17.92 -17.83 -1.57
N GLU E 125 17.61 -16.68 -0.95
CA GLU E 125 16.38 -16.57 -0.17
C GLU E 125 15.18 -16.75 -1.08
N SER E 126 15.21 -16.17 -2.27
CA SER E 126 14.11 -16.35 -3.22
CA SER E 126 14.11 -16.35 -3.22
C SER E 126 14.00 -17.80 -3.66
N GLU E 127 15.14 -18.46 -3.92
CA GLU E 127 15.08 -19.85 -4.37
C GLU E 127 14.59 -20.79 -3.26
N GLU E 128 14.98 -20.54 -1.99
CA GLU E 128 14.45 -21.34 -0.90
C GLU E 128 12.96 -21.13 -0.72
N GLU E 129 12.45 -19.91 -0.97
CA GLU E 129 11.01 -19.72 -0.97
C GLU E 129 10.33 -20.55 -2.06
N HIS E 130 10.95 -20.65 -3.23
CA HIS E 130 10.40 -21.47 -4.30
C HIS E 130 10.42 -22.94 -3.91
N ILE E 131 11.48 -23.40 -3.26
CA ILE E 131 11.53 -24.78 -2.79
C ILE E 131 10.41 -25.05 -1.77
N ASP E 132 10.19 -24.12 -0.84
CA ASP E 132 9.07 -24.24 0.10
C ASP E 132 7.73 -24.40 -0.64
N TYR E 133 7.46 -23.53 -1.61
CA TYR E 133 6.25 -23.62 -2.42
C TYR E 133 6.12 -25.01 -3.07
N LEU E 134 7.19 -25.47 -3.71
CA LEU E 134 7.15 -26.72 -4.45
C LEU E 134 6.93 -27.92 -3.52
N GLU E 135 7.69 -28.00 -2.44
CA GLU E 135 7.51 -29.07 -1.46
C GLU E 135 6.10 -29.07 -0.91
N THR E 136 5.54 -27.88 -0.66
CA THR E 136 4.20 -27.77 -0.13
C THR E 136 3.16 -28.26 -1.15
N GLN E 137 3.35 -27.93 -2.44
CA GLN E 137 2.42 -28.37 -3.47
C GLN E 137 2.43 -29.88 -3.59
N LEU E 138 3.61 -30.48 -3.61
CA LEU E 138 3.71 -31.93 -3.70
C LEU E 138 3.07 -32.60 -2.49
N GLY E 139 3.25 -32.01 -1.30
CA GLY E 139 2.59 -32.55 -0.11
C GLY E 139 1.08 -32.40 -0.16
N LEU E 140 0.59 -31.28 -0.68
CA LEU E 140 -0.87 -31.10 -0.80
C LEU E 140 -1.47 -32.14 -1.73
N ILE E 141 -0.79 -32.48 -2.83
CA ILE E 141 -1.31 -33.50 -3.72
C ILE E 141 -1.55 -34.79 -2.95
N GLN E 142 -0.65 -35.12 -2.02
CA GLN E 142 -0.82 -36.33 -1.22
C GLN E 142 -1.97 -36.18 -0.24
N LYS E 143 -2.12 -35.00 0.35
CA LYS E 143 -3.13 -34.80 1.40
C LYS E 143 -4.55 -34.67 0.85
N VAL E 144 -4.75 -33.95 -0.26
CA VAL E 144 -6.10 -33.70 -0.77
C VAL E 144 -6.44 -34.55 -1.99
N GLY E 145 -5.47 -35.31 -2.52
CA GLY E 145 -5.64 -36.07 -3.74
C GLY E 145 -5.42 -35.24 -4.99
N LEU E 146 -4.97 -35.87 -6.06
CA LEU E 146 -4.62 -35.13 -7.28
C LEU E 146 -5.83 -34.42 -7.89
N GLU E 147 -6.98 -35.09 -7.92
CA GLU E 147 -8.16 -34.54 -8.55
CA GLU E 147 -8.13 -34.49 -8.59
C GLU E 147 -8.57 -33.22 -7.86
N ASN E 148 -8.58 -33.24 -6.53
CA ASN E 148 -8.92 -32.03 -5.79
C ASN E 148 -7.82 -30.97 -5.96
N TYR E 149 -6.57 -31.40 -5.93
CA TYR E 149 -5.48 -30.43 -6.07
C TYR E 149 -5.63 -29.68 -7.39
N LEU E 150 -5.85 -30.41 -8.48
CA LEU E 150 -6.01 -29.77 -9.77
C LEU E 150 -7.26 -28.90 -9.80
N GLN E 151 -8.35 -29.37 -9.19
CA GLN E 151 -9.57 -28.58 -9.14
C GLN E 151 -9.30 -27.22 -8.51
N SER E 152 -8.56 -27.21 -7.41
CA SER E 152 -8.23 -25.99 -6.68
C SER E 152 -7.35 -25.06 -7.47
N HIS E 153 -6.78 -25.51 -8.58
CA HIS E 153 -5.89 -24.67 -9.39
C HIS E 153 -6.47 -24.35 -10.75
N MET E 154 -7.78 -24.55 -10.93
CA MET E 154 -8.42 -24.19 -12.18
C MET E 154 -8.58 -22.69 -12.33
N HIS E 155 -9.07 -22.03 -11.29
CA HIS E 155 -9.50 -20.64 -11.39
C HIS E 155 -8.51 -19.76 -10.63
N GLU E 156 -8.08 -18.67 -11.27
CA GLU E 156 -7.11 -17.76 -10.67
C GLU E 156 -7.68 -17.07 -9.42
N MET F 1 12.49 -28.84 3.30
CA MET F 1 13.92 -28.93 2.84
C MET F 1 14.75 -29.40 4.02
N LYS F 2 15.44 -30.53 3.95
CA LYS F 2 16.01 -31.08 5.18
C LYS F 2 17.20 -30.24 5.63
N GLY F 3 17.09 -29.64 6.80
CA GLY F 3 18.17 -28.84 7.33
C GLY F 3 19.20 -29.67 8.08
N ASP F 4 20.29 -28.99 8.38
CA ASP F 4 21.36 -29.53 9.23
C ASP F 4 20.85 -29.71 10.65
N LYS F 5 21.06 -30.91 11.22
CA LYS F 5 20.54 -31.19 12.55
C LYS F 5 21.05 -30.21 13.60
N LYS F 6 22.35 -29.88 13.55
CA LYS F 6 22.90 -28.94 14.54
C LYS F 6 22.37 -27.53 14.33
N VAL F 7 22.15 -27.12 13.08
CA VAL F 7 21.47 -25.84 12.85
C VAL F 7 20.12 -25.84 13.55
N ILE F 8 19.34 -26.91 13.37
CA ILE F 8 18.02 -26.95 13.99
C ILE F 8 18.14 -26.91 15.51
N GLN F 9 19.15 -27.60 16.06
CA GLN F 9 19.37 -27.53 17.50
C GLN F 9 19.65 -26.09 17.94
N HIS F 10 20.49 -25.38 17.21
CA HIS F 10 20.77 -23.98 17.55
C HIS F 10 19.51 -23.13 17.43
N LEU F 11 18.73 -23.32 16.35
CA LEU F 11 17.51 -22.53 16.21
C LEU F 11 16.56 -22.80 17.38
N ASN F 12 16.47 -24.05 17.84
CA ASN F 12 15.63 -24.34 18.99
C ASN F 12 16.18 -23.70 20.26
N LYS F 13 17.51 -23.59 20.38
CA LYS F 13 18.09 -22.91 21.53
C LYS F 13 17.73 -21.44 21.52
N ILE F 14 17.83 -20.80 20.36
CA ILE F 14 17.44 -19.40 20.23
C ILE F 14 15.95 -19.25 20.52
N LEU F 15 15.13 -20.14 19.95
CA LEU F 15 13.71 -20.11 20.24
C LEU F 15 13.45 -20.19 21.74
N GLY F 16 14.16 -21.11 22.41
CA GLY F 16 14.00 -21.22 23.86
C GLY F 16 14.31 -19.92 24.60
N ASN F 17 15.36 -19.21 24.16
CA ASN F 17 15.65 -17.92 24.78
C ASN F 17 14.53 -16.93 24.52
N GLU F 18 13.99 -16.92 23.30
CA GLU F 18 12.91 -15.99 22.99
C GLU F 18 11.66 -16.28 23.82
N LEU F 19 11.35 -17.57 24.03
CA LEU F 19 10.17 -17.90 24.83
C LEU F 19 10.29 -17.42 26.28
N ILE F 20 11.51 -17.50 26.85
CA ILE F 20 11.76 -16.93 28.19
C ILE F 20 11.51 -15.43 28.15
N ALA F 21 12.09 -14.75 27.14
CA ALA F 21 11.97 -13.31 27.02
C ALA F 21 10.52 -12.88 26.87
N ILE F 22 9.74 -13.58 26.05
CA ILE F 22 8.34 -13.22 25.88
C ILE F 22 7.69 -13.08 27.25
N ASN F 23 7.81 -14.13 28.07
CA ASN F 23 7.10 -14.17 29.34
C ASN F 23 7.69 -13.19 30.35
N GLN F 24 9.01 -13.13 30.43
CA GLN F 24 9.66 -12.18 31.35
C GLN F 24 9.27 -10.75 31.03
N TYR F 25 9.34 -10.37 29.75
CA TYR F 25 9.01 -9.00 29.38
C TYR F 25 7.51 -8.75 29.57
N PHE F 26 6.67 -9.74 29.26
CA PHE F 26 5.25 -9.52 29.44
C PHE F 26 4.92 -9.30 30.90
N LEU F 27 5.49 -10.12 31.79
CA LEU F 27 5.22 -9.96 33.21
C LEU F 27 5.77 -8.64 33.72
N HIS F 28 7.00 -8.27 33.33
CA HIS F 28 7.56 -6.97 33.72
C HIS F 28 6.66 -5.83 33.25
N SER F 29 6.13 -5.92 32.02
CA SER F 29 5.24 -4.91 31.50
C SER F 29 4.03 -4.72 32.41
N ARG F 30 3.40 -5.84 32.77
CA ARG F 30 2.15 -5.75 33.52
C ARG F 30 2.42 -5.35 34.96
N MET F 31 3.59 -5.71 35.50
CA MET F 31 3.98 -5.17 36.80
C MET F 31 4.12 -3.65 36.74
N TRP F 32 4.86 -3.14 35.76
CA TRP F 32 5.02 -1.70 35.64
C TRP F 32 3.66 -1.02 35.46
N ASN F 33 2.77 -1.61 34.66
CA ASN F 33 1.45 -1.00 34.52
C ASN F 33 0.70 -0.98 35.86
N ASP F 34 0.77 -2.07 36.62
CA ASP F 34 0.07 -2.13 37.91
C ASP F 34 0.60 -1.06 38.85
N TRP F 35 1.89 -0.75 38.75
CA TRP F 35 2.51 0.27 39.60
C TRP F 35 2.28 1.69 39.09
N GLY F 36 1.61 1.87 37.96
CA GLY F 36 1.40 3.21 37.41
C GLY F 36 2.53 3.73 36.56
N LEU F 37 3.52 2.92 36.25
CA LEU F 37 4.64 3.35 35.43
C LEU F 37 4.35 2.95 33.98
N LYS F 38 3.40 3.65 33.39
CA LYS F 38 2.80 3.17 32.15
C LYS F 38 3.69 3.37 30.94
N ARG F 39 4.63 4.32 30.97
CA ARG F 39 5.57 4.44 29.87
C ARG F 39 6.49 3.23 29.82
N LEU F 40 6.99 2.78 30.98
CA LEU F 40 7.77 1.54 31.03
C LEU F 40 6.88 0.35 30.65
N GLY F 41 5.65 0.32 31.17
CA GLY F 41 4.78 -0.81 30.86
C GLY F 41 4.54 -0.96 29.37
N ALA F 42 4.30 0.15 28.68
CA ALA F 42 4.05 0.10 27.25
C ALA F 42 5.31 -0.28 26.49
N HIS F 43 6.46 0.29 26.86
CA HIS F 43 7.68 -0.03 26.13
C HIS F 43 8.02 -1.50 26.28
N GLU F 44 7.87 -2.03 27.50
CA GLU F 44 8.16 -3.43 27.76
C GLU F 44 7.18 -4.36 27.04
N TYR F 45 5.90 -3.95 26.96
CA TYR F 45 4.94 -4.70 26.16
C TYR F 45 5.42 -4.82 24.72
N HIS F 46 5.88 -3.71 24.13
CA HIS F 46 6.36 -3.77 22.75
C HIS F 46 7.60 -4.63 22.63
N GLU F 47 8.46 -4.68 23.66
CA GLU F 47 9.59 -5.59 23.64
C GLU F 47 9.12 -7.04 23.64
N SER F 48 8.09 -7.34 24.43
CA SER F 48 7.57 -8.70 24.46
C SER F 48 6.99 -9.10 23.10
N ILE F 49 6.21 -8.21 22.47
CA ILE F 49 5.66 -8.47 21.14
C ILE F 49 6.79 -8.70 20.13
N ASP F 50 7.88 -7.92 20.21
CA ASP F 50 8.99 -8.13 19.29
C ASP F 50 9.56 -9.53 19.44
N GLU F 51 9.68 -10.02 20.67
CA GLU F 51 10.19 -11.38 20.90
C GLU F 51 9.22 -12.41 20.36
N MET F 52 7.92 -12.15 20.48
CA MET F 52 6.93 -13.05 19.91
C MET F 52 7.11 -13.16 18.40
N LYS F 53 7.37 -12.04 17.75
CA LYS F 53 7.56 -12.06 16.30
C LYS F 53 8.83 -12.82 15.92
N HIS F 54 9.92 -12.68 16.71
CA HIS F 54 11.12 -13.47 16.43
C HIS F 54 10.85 -14.96 16.61
N ALA F 55 10.11 -15.32 17.67
CA ALA F 55 9.80 -16.72 17.92
C ALA F 55 9.01 -17.31 16.76
N ASP F 56 8.04 -16.56 16.26
CA ASP F 56 7.29 -16.99 15.09
C ASP F 56 8.22 -17.29 13.91
N LYS F 57 9.12 -16.37 13.59
CA LYS F 57 10.01 -16.61 12.45
C LYS F 57 10.90 -17.83 12.69
N LEU F 58 11.38 -18.04 13.92
CA LEU F 58 12.20 -19.22 14.20
C LEU F 58 11.39 -20.50 14.05
N ILE F 59 10.15 -20.51 14.55
CA ILE F 59 9.29 -21.68 14.41
C ILE F 59 9.07 -22.00 12.94
N GLU F 60 8.77 -20.98 12.15
CA GLU F 60 8.55 -21.17 10.73
C GLU F 60 9.79 -21.72 10.03
N ARG F 61 10.97 -21.22 10.38
CA ARG F 61 12.21 -21.70 9.77
C ARG F 61 12.48 -23.14 10.16
N ILE F 62 12.29 -23.49 11.44
CA ILE F 62 12.56 -24.85 11.90
C ILE F 62 11.68 -25.83 11.16
N LEU F 63 10.39 -25.49 11.01
CA LEU F 63 9.45 -26.36 10.30
C LEU F 63 9.84 -26.51 8.83
N PHE F 64 10.23 -25.40 8.19
CA PHE F 64 10.68 -25.48 6.80
C PHE F 64 11.83 -26.46 6.67
N LEU F 65 12.77 -26.42 7.64
CA LEU F 65 13.94 -27.30 7.68
C LEU F 65 13.63 -28.72 8.17
N GLU F 66 12.35 -29.02 8.39
CA GLU F 66 11.88 -30.34 8.77
C GLU F 66 12.37 -30.75 10.15
N GLY F 67 12.47 -29.77 11.05
CA GLY F 67 12.68 -30.02 12.46
C GLY F 67 11.40 -29.82 13.25
N LEU F 68 11.50 -30.12 14.54
CA LEU F 68 10.39 -29.97 15.47
C LEU F 68 10.66 -28.76 16.37
N PRO F 69 9.88 -27.69 16.27
CA PRO F 69 10.11 -26.53 17.15
C PRO F 69 9.75 -26.87 18.58
N ASN F 70 10.65 -26.58 19.51
CA ASN F 70 10.43 -26.91 20.91
C ASN F 70 9.77 -25.73 21.62
N LEU F 71 8.44 -25.81 21.83
CA LEU F 71 7.72 -24.83 22.63
C LEU F 71 7.36 -25.35 24.02
N GLN F 72 7.87 -26.52 24.37
CA GLN F 72 7.52 -27.18 25.62
C GLN F 72 8.45 -26.81 26.77
N ASP F 73 9.73 -26.69 26.49
CA ASP F 73 10.71 -26.44 27.54
C ASP F 73 10.81 -24.93 27.72
N LEU F 74 10.48 -24.46 28.91
CA LEU F 74 10.63 -23.05 29.25
C LEU F 74 11.69 -22.90 30.32
N GLY F 75 12.76 -22.15 30.02
CA GLY F 75 13.81 -21.91 30.98
C GLY F 75 13.42 -20.90 32.05
N LYS F 76 14.42 -20.50 32.85
CA LYS F 76 14.17 -19.70 34.05
C LYS F 76 13.91 -18.24 33.71
N LEU F 77 12.74 -17.74 34.14
CA LEU F 77 12.45 -16.31 34.04
C LEU F 77 13.23 -15.54 35.09
N LEU F 78 13.78 -14.41 34.68
CA LEU F 78 14.53 -13.52 35.57
C LEU F 78 13.62 -12.34 35.90
N ILE F 79 12.90 -12.42 37.02
CA ILE F 79 11.90 -11.43 37.38
C ILE F 79 12.44 -10.55 38.49
N GLY F 80 12.44 -9.24 38.27
CA GLY F 80 12.91 -8.32 39.28
C GLY F 80 11.81 -7.92 40.27
N GLU F 81 12.25 -7.30 41.38
CA GLU F 81 11.34 -6.86 42.43
C GLU F 81 11.15 -5.36 42.46
N ASN F 82 11.93 -4.63 41.67
CA ASN F 82 11.76 -3.20 41.52
C ASN F 82 12.33 -2.83 40.15
N THR F 83 12.16 -1.57 39.76
CA THR F 83 12.47 -1.17 38.39
C THR F 83 13.93 -1.41 38.06
N GLN F 84 14.85 -1.03 38.94
CA GLN F 84 16.26 -1.23 38.65
C GLN F 84 16.57 -2.70 38.43
N GLU F 85 16.02 -3.57 39.28
CA GLU F 85 16.30 -5.00 39.16
C GLU F 85 15.69 -5.57 37.89
N MET F 86 14.48 -5.13 37.55
CA MET F 86 13.80 -5.62 36.35
C MET F 86 14.60 -5.26 35.11
N LEU F 87 15.06 -4.01 35.01
CA LEU F 87 15.90 -3.61 33.89
C LEU F 87 17.16 -4.45 33.81
N GLN F 88 17.81 -4.69 34.95
CA GLN F 88 19.04 -5.49 34.93
C GLN F 88 18.77 -6.94 34.58
N CYS F 89 17.64 -7.50 35.04
CA CYS F 89 17.25 -8.85 34.66
C CYS F 89 17.03 -8.97 33.15
N ASP F 90 16.37 -7.99 32.55
CA ASP F 90 16.23 -7.99 31.10
C ASP F 90 17.59 -7.93 30.41
N LEU F 91 18.49 -7.09 30.93
CA LEU F 91 19.82 -6.98 30.32
C LEU F 91 20.60 -8.30 30.47
N ASN F 92 20.50 -8.95 31.63
CA ASN F 92 21.20 -10.22 31.79
C ASN F 92 20.68 -11.24 30.79
N LEU F 93 19.36 -11.30 30.59
CA LEU F 93 18.79 -12.22 29.62
C LEU F 93 19.27 -11.90 28.21
N GLU F 94 19.28 -10.62 27.85
CA GLU F 94 19.66 -10.22 26.49
C GLU F 94 21.12 -10.55 26.20
N LEU F 95 21.99 -10.44 27.19
CA LEU F 95 23.40 -10.75 26.98
C LEU F 95 23.59 -12.24 26.75
N LYS F 96 22.83 -13.07 27.47
CA LYS F 96 22.84 -14.50 27.17
C LYS F 96 22.31 -14.76 25.76
N ALA F 97 21.23 -14.07 25.40
CA ALA F 97 20.62 -14.30 24.10
C ALA F 97 21.58 -13.96 22.96
N THR F 98 22.34 -12.87 23.08
CA THR F 98 23.19 -12.48 21.97
C THR F 98 24.40 -13.40 21.87
N LYS F 99 24.90 -13.89 23.00
CA LYS F 99 25.95 -14.90 22.96
C LYS F 99 25.50 -16.13 22.20
N ASP F 100 24.29 -16.60 22.48
CA ASP F 100 23.78 -17.77 21.79
C ASP F 100 23.53 -17.50 20.30
N LEU F 101 23.06 -16.28 19.97
CA LEU F 101 22.85 -15.94 18.57
C LEU F 101 24.16 -15.99 17.80
N ARG F 102 25.22 -15.43 18.38
CA ARG F 102 26.51 -15.42 17.69
C ARG F 102 27.01 -16.84 17.45
N GLU F 103 26.86 -17.72 18.45
CA GLU F 103 27.34 -19.09 18.26
C GLU F 103 26.54 -19.81 17.20
N ALA F 104 25.23 -19.51 17.13
CA ALA F 104 24.40 -20.12 16.10
C ALA F 104 24.78 -19.64 14.70
N ILE F 105 25.12 -18.35 14.55
CA ILE F 105 25.53 -17.82 13.27
C ILE F 105 26.82 -18.49 12.78
N VAL F 106 27.78 -18.71 13.70
CA VAL F 106 29.00 -19.41 13.34
C VAL F 106 28.67 -20.75 12.72
N HIS F 107 27.78 -21.50 13.35
CA HIS F 107 27.49 -22.83 12.83
C HIS F 107 26.75 -22.76 11.50
N CYS F 108 25.79 -21.83 11.35
CA CYS F 108 25.10 -21.69 10.06
C CYS F 108 26.09 -21.41 8.94
N GLU F 109 27.06 -20.52 9.21
CA GLU F 109 28.07 -20.20 8.21
C GLU F 109 28.87 -21.44 7.85
N GLN F 110 29.27 -22.22 8.86
CA GLN F 110 30.09 -23.40 8.63
C GLN F 110 29.43 -24.41 7.70
N VAL F 111 28.11 -24.60 7.81
CA VAL F 111 27.40 -25.57 6.99
C VAL F 111 26.66 -24.93 5.82
N HIS F 112 26.91 -23.64 5.57
CA HIS F 112 26.43 -22.93 4.40
C HIS F 112 24.92 -22.70 4.43
N ASP F 113 24.31 -22.64 5.63
CA ASP F 113 22.91 -22.28 5.74
C ASP F 113 22.83 -20.76 5.87
N TYR F 114 23.00 -20.10 4.72
CA TYR F 114 23.13 -18.64 4.71
C TYR F 114 21.79 -17.97 4.98
N VAL F 115 20.68 -18.64 4.65
CA VAL F 115 19.36 -18.04 4.92
C VAL F 115 19.09 -18.05 6.41
N SER F 116 19.38 -19.16 7.10
CA SER F 116 19.23 -19.16 8.56
C SER F 116 20.14 -18.11 9.20
N ARG F 117 21.37 -17.98 8.70
CA ARG F 117 22.27 -16.95 9.22
C ARG F 117 21.62 -15.58 9.11
N ASP F 118 21.02 -15.28 7.94
CA ASP F 118 20.45 -13.95 7.71
C ASP F 118 19.30 -13.67 8.69
N LEU F 119 18.46 -14.67 8.93
CA LEU F 119 17.40 -14.54 9.91
C LEU F 119 17.97 -14.24 11.30
N LEU F 120 18.98 -14.98 11.70
CA LEU F 120 19.58 -14.78 13.02
C LEU F 120 20.26 -13.42 13.13
N LYS F 121 20.92 -12.97 12.05
CA LYS F 121 21.51 -11.63 12.05
C LYS F 121 20.45 -10.57 12.27
N ASP F 122 19.29 -10.71 11.62
CA ASP F 122 18.21 -9.74 11.83
C ASP F 122 17.72 -9.76 13.27
N ILE F 123 17.59 -10.94 13.87
CA ILE F 123 17.18 -11.03 15.26
C ILE F 123 18.24 -10.39 16.16
N LEU F 124 19.50 -10.67 15.87
CA LEU F 124 20.59 -10.08 16.64
C LEU F 124 20.55 -8.56 16.61
N GLU F 125 20.25 -7.98 15.45
CA GLU F 125 20.13 -6.54 15.35
C GLU F 125 19.04 -6.03 16.30
N SER F 126 17.90 -6.73 16.37
CA SER F 126 16.85 -6.34 17.28
CA SER F 126 16.84 -6.35 17.29
C SER F 126 17.29 -6.50 18.74
N GLU F 127 18.01 -7.57 19.05
CA GLU F 127 18.45 -7.77 20.43
C GLU F 127 19.49 -6.71 20.85
N GLU F 128 20.42 -6.34 19.95
CA GLU F 128 21.35 -5.25 20.28
C GLU F 128 20.62 -3.93 20.48
N GLU F 129 19.56 -3.66 19.70
CA GLU F 129 18.76 -2.47 19.96
C GLU F 129 18.15 -2.51 21.36
N HIS F 130 17.72 -3.68 21.82
CA HIS F 130 17.15 -3.80 23.15
C HIS F 130 18.22 -3.56 24.22
N ILE F 131 19.43 -4.10 23.98
CA ILE F 131 20.53 -3.85 24.90
C ILE F 131 20.82 -2.36 24.99
N ASP F 132 20.86 -1.67 23.84
CA ASP F 132 21.08 -0.23 23.85
C ASP F 132 20.04 0.48 24.72
N TYR F 133 18.77 0.14 24.53
CA TYR F 133 17.71 0.73 25.34
C TYR F 133 17.95 0.48 26.83
N LEU F 134 18.26 -0.78 27.20
CA LEU F 134 18.40 -1.13 28.60
C LEU F 134 19.60 -0.44 29.24
N GLU F 135 20.74 -0.43 28.55
CA GLU F 135 21.93 0.25 29.07
C GLU F 135 21.65 1.73 29.24
N THR F 136 20.94 2.32 28.30
CA THR F 136 20.58 3.72 28.38
C THR F 136 19.67 4.01 29.57
N GLN F 137 18.67 3.16 29.82
CA GLN F 137 17.79 3.38 30.97
C GLN F 137 18.57 3.31 32.26
N LEU F 138 19.41 2.29 32.41
CA LEU F 138 20.23 2.17 33.62
C LEU F 138 21.13 3.38 33.80
N GLY F 139 21.68 3.91 32.71
CA GLY F 139 22.51 5.11 32.80
C GLY F 139 21.70 6.33 33.16
N LEU F 140 20.47 6.42 32.65
CA LEU F 140 19.64 7.56 32.99
C LEU F 140 19.27 7.57 34.46
N ILE F 141 19.04 6.40 35.05
CA ILE F 141 18.78 6.35 36.49
C ILE F 141 19.92 7.01 37.26
N GLN F 142 21.17 6.77 36.83
CA GLN F 142 22.31 7.39 37.53
C GLN F 142 22.36 8.89 37.28
N LYS F 143 22.01 9.34 36.08
CA LYS F 143 22.14 10.75 35.72
C LYS F 143 21.02 11.62 36.30
N VAL F 144 19.77 11.16 36.26
CA VAL F 144 18.66 11.99 36.74
C VAL F 144 18.16 11.61 38.12
N GLY F 145 18.61 10.49 38.68
CA GLY F 145 18.08 10.02 39.95
C GLY F 145 16.88 9.09 39.75
N LEU F 146 16.74 8.14 40.66
CA LEU F 146 15.68 7.14 40.51
C LEU F 146 14.30 7.79 40.54
N GLU F 147 14.06 8.72 41.47
CA GLU F 147 12.73 9.32 41.59
C GLU F 147 12.34 10.06 40.30
N ASN F 148 13.26 10.86 39.75
CA ASN F 148 12.99 11.52 38.47
C ASN F 148 12.81 10.49 37.35
N TYR F 149 13.67 9.47 37.31
CA TYR F 149 13.54 8.46 36.26
C TYR F 149 12.13 7.86 36.27
N LEU F 150 11.64 7.47 37.45
CA LEU F 150 10.32 6.86 37.56
C LEU F 150 9.24 7.87 37.24
N GLN F 151 9.40 9.13 37.69
CA GLN F 151 8.46 10.19 37.35
C GLN F 151 8.27 10.28 35.84
N SER F 152 9.38 10.25 35.10
CA SER F 152 9.38 10.40 33.66
C SER F 152 8.74 9.22 32.95
N HIS F 153 8.44 8.13 33.66
CA HIS F 153 7.86 6.94 33.04
C HIS F 153 6.47 6.64 33.58
N MET F 154 5.84 7.61 34.24
CA MET F 154 4.47 7.45 34.70
C MET F 154 3.50 7.51 33.54
N HIS F 155 3.62 8.53 32.71
CA HIS F 155 2.62 8.85 31.70
C HIS F 155 3.14 8.43 30.33
N GLU F 156 2.22 7.99 29.47
CA GLU F 156 2.58 7.61 28.11
C GLU F 156 2.65 8.84 27.20
N MET G 1 11.54 64.11 3.48
CA MET G 1 12.65 64.24 4.48
C MET G 1 13.89 64.76 3.77
N LYS G 2 14.52 65.80 4.29
CA LYS G 2 15.61 66.44 3.54
C LYS G 2 16.86 65.56 3.56
N GLY G 3 17.28 65.07 2.38
CA GLY G 3 18.47 64.27 2.30
C GLY G 3 19.75 65.08 2.11
N ASP G 4 20.87 64.41 2.37
CA ASP G 4 22.19 64.96 2.06
C ASP G 4 22.35 65.14 0.55
N LYS G 5 22.78 66.35 0.14
CA LYS G 5 22.86 66.66 -1.27
C LYS G 5 23.78 65.69 -2.02
N LYS G 6 24.93 65.35 -1.44
CA LYS G 6 25.86 64.44 -2.11
C LYS G 6 25.32 63.00 -2.13
N VAL G 7 24.60 62.57 -1.10
CA VAL G 7 23.92 61.27 -1.18
C VAL G 7 23.00 61.25 -2.39
N ILE G 8 22.18 62.29 -2.56
CA ILE G 8 21.24 62.32 -3.66
C ILE G 8 21.99 62.30 -5.00
N GLN G 9 23.13 63.01 -5.09
CA GLN G 9 23.96 62.94 -6.28
C GLN G 9 24.47 61.53 -6.53
N HIS G 10 24.89 60.84 -5.49
CA HIS G 10 25.30 59.44 -5.64
C HIS G 10 24.12 58.58 -6.08
N LEU G 11 22.94 58.79 -5.48
CA LEU G 11 21.81 57.95 -5.86
C LEU G 11 21.44 58.18 -7.32
N ASN G 12 21.51 59.43 -7.79
CA ASN G 12 21.26 59.69 -9.19
C ASN G 12 22.31 59.05 -10.09
N LYS G 13 23.57 58.98 -9.64
CA LYS G 13 24.61 58.30 -10.42
C LYS G 13 24.30 56.81 -10.54
N ILE G 14 23.91 56.18 -9.44
CA ILE G 14 23.54 54.76 -9.48
C ILE G 14 22.32 54.56 -10.36
N LEU G 15 21.33 55.45 -10.24
CA LEU G 15 20.16 55.38 -11.09
C LEU G 15 20.54 55.47 -12.56
N GLY G 16 21.46 56.37 -12.89
CA GLY G 16 21.92 56.46 -14.26
C GLY G 16 22.52 55.17 -14.76
N ASN G 17 23.29 54.50 -13.90
CA ASN G 17 23.86 53.22 -14.28
C ASN G 17 22.78 52.18 -14.52
N GLU G 18 21.78 52.13 -13.63
CA GLU G 18 20.68 51.19 -13.83
C GLU G 18 19.92 51.47 -15.13
N LEU G 19 19.74 52.76 -15.47
CA LEU G 19 19.02 53.10 -16.70
C LEU G 19 19.76 52.63 -17.95
N ILE G 20 21.10 52.72 -17.95
CA ILE G 20 21.89 52.14 -19.03
C ILE G 20 21.66 50.65 -19.09
N ALA G 21 21.76 49.98 -17.94
CA ALA G 21 21.65 48.53 -17.89
C ALA G 21 20.28 48.06 -18.37
N ILE G 22 19.21 48.77 -17.98
CA ILE G 22 17.89 48.38 -18.46
C ILE G 22 17.88 48.26 -19.98
N ASN G 23 18.34 49.31 -20.67
CA ASN G 23 18.27 49.34 -22.12
C ASN G 23 19.25 48.36 -22.76
N GLN G 24 20.48 48.29 -22.26
CA GLN G 24 21.47 47.36 -22.79
C GLN G 24 20.99 45.92 -22.68
N TYR G 25 20.51 45.52 -21.50
CA TYR G 25 20.06 44.16 -21.33
C TYR G 25 18.80 43.89 -22.13
N PHE G 26 17.90 44.86 -22.24
CA PHE G 26 16.68 44.61 -23.01
C PHE G 26 17.02 44.41 -24.48
N LEU G 27 17.92 45.23 -25.03
CA LEU G 27 18.30 45.06 -26.41
C LEU G 27 19.05 43.74 -26.61
N HIS G 28 19.96 43.40 -25.72
CA HIS G 28 20.66 42.12 -25.83
C HIS G 28 19.67 40.96 -25.80
N SER G 29 18.68 41.05 -24.90
CA SER G 29 17.65 40.01 -24.83
C SER G 29 16.94 39.81 -26.16
N ARG G 30 16.48 40.91 -26.76
CA ARG G 30 15.73 40.82 -27.99
C ARG G 30 16.62 40.43 -29.17
N MET G 31 17.91 40.77 -29.13
CA MET G 31 18.84 40.28 -30.15
C MET G 31 18.98 38.78 -30.04
N TRP G 32 19.19 38.27 -28.83
CA TRP G 32 19.30 36.83 -28.65
C TRP G 32 18.01 36.11 -29.07
N ASN G 33 16.85 36.67 -28.75
CA ASN G 33 15.62 36.04 -29.21
C ASN G 33 15.53 36.03 -30.74
N ASP G 34 15.87 37.14 -31.39
CA ASP G 34 15.84 37.21 -32.84
C ASP G 34 16.76 36.17 -33.47
N TRP G 35 17.88 35.86 -32.80
CA TRP G 35 18.83 34.87 -33.29
C TRP G 35 18.47 33.44 -32.94
N GLY G 36 17.37 33.22 -32.22
CA GLY G 36 16.98 31.86 -31.85
C GLY G 36 17.65 31.33 -30.62
N LEU G 37 18.34 32.18 -29.87
CA LEU G 37 19.00 31.79 -28.63
C LEU G 37 18.09 32.17 -27.47
N LYS G 38 16.96 31.44 -27.37
CA LYS G 38 15.85 31.88 -26.53
C LYS G 38 16.16 31.73 -25.04
N ARG G 39 17.05 30.81 -24.66
CA ARG G 39 17.37 30.69 -23.25
C ARG G 39 18.17 31.88 -22.76
N LEU G 40 19.12 32.35 -23.60
CA LEU G 40 19.82 33.59 -23.32
C LEU G 40 18.87 34.78 -23.35
N GLY G 41 17.97 34.81 -24.32
CA GLY G 41 17.07 35.94 -24.42
C GLY G 41 16.19 36.08 -23.19
N ALA G 42 15.68 34.95 -22.70
CA ALA G 42 14.82 34.97 -21.52
C ALA G 42 15.60 35.36 -20.28
N HIS G 43 16.81 34.81 -20.12
CA HIS G 43 17.57 35.15 -18.94
C HIS G 43 17.91 36.64 -18.92
N GLU G 44 18.29 37.17 -20.08
CA GLU G 44 18.67 38.58 -20.19
C GLU G 44 17.46 39.49 -20.02
N TYR G 45 16.29 39.03 -20.45
CA TYR G 45 15.06 39.78 -20.17
C TYR G 45 14.85 39.94 -18.67
N HIS G 46 15.00 38.83 -17.93
CA HIS G 46 14.84 38.91 -16.47
C HIS G 46 15.92 39.80 -15.85
N GLU G 47 17.14 39.82 -16.40
CA GLU G 47 18.13 40.77 -15.89
C GLU G 47 17.67 42.20 -16.08
N SER G 48 17.07 42.50 -17.25
CA SER G 48 16.59 43.85 -17.52
C SER G 48 15.49 44.24 -16.55
N ILE G 49 14.55 43.33 -16.30
CA ILE G 49 13.47 43.57 -15.35
C ILE G 49 14.03 43.85 -13.96
N ASP G 50 15.06 43.07 -13.55
CA ASP G 50 15.64 43.31 -12.24
C ASP G 50 16.21 44.72 -12.12
N GLU G 51 16.84 45.21 -13.19
CA GLU G 51 17.38 46.56 -13.17
C GLU G 51 16.26 47.59 -13.13
N MET G 52 15.15 47.32 -13.82
CA MET G 52 13.97 48.17 -13.73
C MET G 52 13.49 48.30 -12.30
N LYS G 53 13.46 47.18 -11.56
CA LYS G 53 13.03 47.23 -10.17
C LYS G 53 14.00 48.02 -9.31
N HIS G 54 15.31 47.87 -9.55
CA HIS G 54 16.27 48.67 -8.81
C HIS G 54 16.09 50.16 -9.10
N ALA G 55 15.90 50.51 -10.37
CA ALA G 55 15.69 51.90 -10.73
C ALA G 55 14.46 52.46 -10.03
N ASP G 56 13.38 51.67 -9.97
CA ASP G 56 12.18 52.10 -9.27
C ASP G 56 12.50 52.45 -7.81
N LYS G 57 13.21 51.56 -7.12
CA LYS G 57 13.51 51.82 -5.71
C LYS G 57 14.37 53.07 -5.54
N LEU G 58 15.33 53.30 -6.44
CA LEU G 58 16.17 54.48 -6.36
C LEU G 58 15.36 55.76 -6.59
N ILE G 59 14.47 55.74 -7.59
CA ILE G 59 13.61 56.88 -7.84
C ILE G 59 12.77 57.19 -6.60
N GLU G 60 12.18 56.15 -6.01
CA GLU G 60 11.37 56.33 -4.80
C GLU G 60 12.18 56.93 -3.66
N ARG G 61 13.40 56.44 -3.45
CA ARG G 61 14.25 56.96 -2.38
C ARG G 61 14.63 58.41 -2.64
N ILE G 62 14.99 58.73 -3.88
CA ILE G 62 15.40 60.09 -4.20
C ILE G 62 14.27 61.07 -3.93
N LEU G 63 13.04 60.71 -4.34
CA LEU G 63 11.90 61.58 -4.10
C LEU G 63 11.62 61.74 -2.61
N PHE G 64 11.72 60.65 -1.85
CA PHE G 64 11.52 60.75 -0.40
C PHE G 64 12.49 61.74 0.21
N LEU G 65 13.76 61.71 -0.23
CA LEU G 65 14.79 62.63 0.26
C LEU G 65 14.70 64.01 -0.37
N GLU G 66 13.64 64.28 -1.13
CA GLU G 66 13.35 65.60 -1.71
C GLU G 66 14.37 66.02 -2.77
N GLY G 67 14.91 65.03 -3.50
CA GLY G 67 15.70 65.27 -4.69
C GLY G 67 14.92 65.05 -5.96
N LEU G 68 15.56 65.36 -7.08
CA LEU G 68 14.95 65.18 -8.40
C LEU G 68 15.60 63.99 -9.08
N PRO G 69 14.89 62.88 -9.27
CA PRO G 69 15.49 61.73 -9.97
C PRO G 69 15.75 62.09 -11.42
N ASN G 70 16.97 61.81 -11.88
CA ASN G 70 17.36 62.15 -13.24
C ASN G 70 17.13 60.96 -14.16
N LEU G 71 16.01 60.98 -14.89
CA LEU G 71 15.74 59.99 -15.92
C LEU G 71 16.04 60.52 -17.32
N GLN G 72 16.69 61.67 -17.43
CA GLN G 72 16.89 62.32 -18.73
C GLN G 72 18.24 61.99 -19.35
N ASP G 73 19.28 61.82 -18.54
CA ASP G 73 20.67 61.80 -19.04
C ASP G 73 21.24 60.38 -19.17
N LEU G 74 20.89 59.72 -20.26
CA LEU G 74 21.26 58.33 -20.49
C LEU G 74 22.69 58.24 -21.00
N GLY G 75 23.53 57.50 -20.28
CA GLY G 75 24.90 57.27 -20.69
C GLY G 75 25.03 56.23 -21.78
N LYS G 76 26.28 55.85 -22.05
CA LYS G 76 26.58 55.06 -23.24
C LYS G 76 26.24 53.57 -23.02
N LEU G 77 25.40 53.03 -23.90
CA LEU G 77 25.13 51.60 -23.92
C LEU G 77 26.32 50.85 -24.47
N LEU G 78 26.63 49.68 -23.87
CA LEU G 78 27.68 48.80 -24.37
C LEU G 78 27.00 47.64 -25.07
N ILE G 79 26.86 47.73 -26.39
CA ILE G 79 26.11 46.74 -27.16
C ILE G 79 27.10 45.86 -27.92
N GLY G 80 26.99 44.55 -27.72
CA GLY G 80 27.80 43.61 -28.47
C GLY G 80 27.14 43.19 -29.77
N GLU G 81 27.92 42.49 -30.59
CA GLU G 81 27.41 42.04 -31.88
C GLU G 81 27.48 40.53 -32.01
N ASN G 82 27.91 39.85 -30.94
CA ASN G 82 27.86 38.40 -30.88
C ASN G 82 27.79 38.02 -29.41
N THR G 83 27.47 36.75 -29.16
CA THR G 83 27.18 36.33 -27.79
C THR G 83 28.34 36.61 -26.83
N GLN G 84 29.57 36.21 -27.18
CA GLN G 84 30.67 36.41 -26.24
C GLN G 84 30.87 37.90 -25.94
N GLU G 85 30.72 38.73 -26.97
CA GLU G 85 30.93 40.16 -26.76
C GLU G 85 29.80 40.76 -25.93
N MET G 86 28.56 40.32 -26.16
CA MET G 86 27.45 40.83 -25.38
C MET G 86 27.61 40.49 -23.90
N LEU G 87 27.99 39.26 -23.58
CA LEU G 87 28.26 38.91 -22.20
C LEU G 87 29.37 39.77 -21.62
N GLN G 88 30.45 39.98 -22.39
CA GLN G 88 31.53 40.81 -21.87
C GLN G 88 31.10 42.27 -21.68
N CYS G 89 30.27 42.79 -22.60
CA CYS G 89 29.73 44.14 -22.43
C CYS G 89 28.91 44.26 -21.15
N ASP G 90 28.04 43.28 -20.88
CA ASP G 90 27.30 43.29 -19.62
C ASP G 90 28.23 43.25 -18.42
N LEU G 91 29.27 42.40 -18.48
CA LEU G 91 30.21 42.30 -17.38
C LEU G 91 30.94 43.62 -17.19
N ASN G 92 31.40 44.24 -18.29
CA ASN G 92 32.08 45.53 -18.16
C ASN G 92 31.17 46.57 -17.50
N LEU G 93 29.90 46.61 -17.90
CA LEU G 93 28.96 47.54 -17.30
C LEU G 93 28.75 47.24 -15.82
N GLU G 94 28.66 45.96 -15.46
CA GLU G 94 28.42 45.61 -14.07
C GLU G 94 29.61 45.98 -13.19
N LEU G 95 30.83 45.83 -13.71
CA LEU G 95 32.00 46.17 -12.93
C LEU G 95 32.06 47.67 -12.67
N LYS G 96 31.66 48.48 -13.64
CA LYS G 96 31.56 49.92 -13.39
C LYS G 96 30.47 50.20 -12.37
N ALA G 97 29.35 49.50 -12.47
CA ALA G 97 28.23 49.73 -11.56
C ALA G 97 28.61 49.42 -10.12
N THR G 98 29.34 48.33 -9.88
CA THR G 98 29.67 47.97 -8.51
C THR G 98 30.73 48.91 -7.93
N LYS G 99 31.65 49.41 -8.76
CA LYS G 99 32.59 50.43 -8.28
C LYS G 99 31.83 51.64 -7.79
N ASP G 100 30.85 52.10 -8.56
CA ASP G 100 30.07 53.27 -8.16
C ASP G 100 29.21 52.97 -6.93
N LEU G 101 28.65 51.77 -6.82
CA LEU G 101 27.87 51.43 -5.63
C LEU G 101 28.74 51.51 -4.38
N ARG G 102 29.96 50.99 -4.44
CA ARG G 102 30.81 51.02 -3.26
C ARG G 102 31.10 52.46 -2.85
N GLU G 103 31.41 53.33 -3.81
CA GLU G 103 31.71 54.72 -3.47
C GLU G 103 30.49 55.42 -2.87
N ALA G 104 29.31 55.11 -3.40
CA ALA G 104 28.07 55.67 -2.83
C ALA G 104 27.84 55.18 -1.41
N ILE G 105 28.08 53.89 -1.14
CA ILE G 105 27.91 53.37 0.21
C ILE G 105 28.87 54.04 1.18
N VAL G 106 30.12 54.25 0.77
CA VAL G 106 31.07 54.95 1.63
C VAL G 106 30.50 56.29 2.08
N HIS G 107 29.95 57.05 1.13
CA HIS G 107 29.46 58.37 1.47
C HIS G 107 28.22 58.30 2.36
N CYS G 108 27.30 57.37 2.05
CA CYS G 108 26.13 57.21 2.91
C CYS G 108 26.55 56.94 4.35
N GLU G 109 27.56 56.09 4.53
CA GLU G 109 28.02 55.76 5.87
C GLU G 109 28.56 56.99 6.57
N GLN G 110 29.34 57.79 5.83
CA GLN G 110 29.98 58.97 6.40
C GLN G 110 28.98 59.97 6.95
N VAL G 111 27.84 60.14 6.26
CA VAL G 111 26.82 61.10 6.67
C VAL G 111 25.65 60.44 7.40
N HIS G 112 25.78 59.15 7.72
CA HIS G 112 24.83 58.44 8.59
C HIS G 112 23.49 58.19 7.91
N ASP G 113 23.46 58.12 6.57
CA ASP G 113 22.22 57.76 5.86
C ASP G 113 22.22 56.25 5.72
N TYR G 114 21.93 55.60 6.84
CA TYR G 114 22.05 54.15 6.91
C TYR G 114 20.96 53.44 6.10
N VAL G 115 19.80 54.06 5.91
CA VAL G 115 18.75 53.45 5.09
C VAL G 115 19.12 53.49 3.61
N SER G 116 19.67 54.62 3.12
CA SER G 116 20.19 54.64 1.77
C SER G 116 21.28 53.60 1.58
N ARG G 117 22.16 53.45 2.57
CA ARG G 117 23.22 52.45 2.48
C ARG G 117 22.62 51.06 2.33
N ASP G 118 21.60 50.75 3.12
CA ASP G 118 21.03 49.40 3.08
C ASP G 118 20.42 49.11 1.69
N LEU G 119 19.74 50.09 1.12
CA LEU G 119 19.20 49.94 -0.23
C LEU G 119 20.31 49.65 -1.23
N LEU G 120 21.40 50.41 -1.15
CA LEU G 120 22.49 50.23 -2.08
C LEU G 120 23.17 48.89 -1.86
N LYS G 121 23.28 48.45 -0.61
CA LYS G 121 23.86 47.14 -0.34
C LYS G 121 23.01 46.05 -0.99
N ASP G 122 21.69 46.17 -0.91
CA ASP G 122 20.83 45.18 -1.55
C ASP G 122 21.02 45.18 -3.06
N ILE G 123 21.09 46.37 -3.67
CA ILE G 123 21.36 46.46 -5.09
C ILE G 123 22.71 45.84 -5.43
N LEU G 124 23.73 46.12 -4.61
CA LEU G 124 25.08 45.56 -4.81
C LEU G 124 25.05 44.04 -4.78
N GLU G 125 24.27 43.45 -3.86
CA GLU G 125 24.15 42.00 -3.84
C GLU G 125 23.58 41.48 -5.15
N SER G 126 22.57 42.14 -5.69
CA SER G 126 22.01 41.72 -6.97
CA SER G 126 22.01 41.72 -6.98
C SER G 126 23.03 41.86 -8.10
N GLU G 127 23.80 42.96 -8.10
CA GLU G 127 24.76 43.14 -9.17
C GLU G 127 25.89 42.12 -9.08
N GLU G 128 26.34 41.76 -7.87
CA GLU G 128 27.35 40.70 -7.76
C GLU G 128 26.80 39.35 -8.18
N GLU G 129 25.53 39.08 -7.94
CA GLU G 129 24.93 37.87 -8.48
C GLU G 129 24.99 37.88 -10.01
N HIS G 130 24.73 39.03 -10.63
CA HIS G 130 24.80 39.10 -12.08
C HIS G 130 26.23 38.90 -12.56
N ILE G 131 27.20 39.48 -11.85
CA ILE G 131 28.60 39.25 -12.19
C ILE G 131 28.94 37.78 -12.13
N ASP G 132 28.48 37.09 -11.09
CA ASP G 132 28.70 35.65 -10.98
C ASP G 132 28.14 34.92 -12.19
N TYR G 133 26.89 35.21 -12.56
CA TYR G 133 26.30 34.62 -13.76
C TYR G 133 27.17 34.87 -14.99
N LEU G 134 27.58 36.13 -15.19
CA LEU G 134 28.31 36.48 -16.41
C LEU G 134 29.66 35.78 -16.47
N GLU G 135 30.42 35.83 -15.37
CA GLU G 135 31.73 35.18 -15.34
C GLU G 135 31.57 33.70 -15.58
N THR G 136 30.52 33.10 -15.03
CA THR G 136 30.28 31.68 -15.23
C THR G 136 29.99 31.39 -16.71
N GLN G 137 29.19 32.24 -17.38
CA GLN G 137 28.88 31.98 -18.77
C GLN G 137 30.14 32.08 -19.63
N LEU G 138 30.97 33.08 -19.36
CA LEU G 138 32.19 33.22 -20.13
C LEU G 138 33.11 32.03 -19.92
N GLY G 139 33.15 31.53 -18.68
CA GLY G 139 33.94 30.33 -18.41
C GLY G 139 33.39 29.11 -19.09
N LEU G 140 32.06 28.98 -19.15
CA LEU G 140 31.47 27.84 -19.84
C LEU G 140 31.78 27.87 -21.32
N ILE G 141 31.83 29.05 -21.94
CA ILE G 141 32.19 29.12 -23.35
C ILE G 141 33.59 28.52 -23.54
N GLN G 142 34.47 28.76 -22.59
CA GLN G 142 35.82 28.20 -22.73
C GLN G 142 35.83 26.69 -22.51
N LYS G 143 35.02 26.20 -21.58
CA LYS G 143 35.06 24.78 -21.23
C LYS G 143 34.32 23.90 -22.23
N VAL G 144 33.14 24.31 -22.69
CA VAL G 144 32.34 23.46 -23.56
C VAL G 144 32.48 23.82 -25.04
N GLY G 145 33.11 24.95 -25.36
CA GLY G 145 33.22 25.45 -26.72
C GLY G 145 32.02 26.30 -27.10
N LEU G 146 32.26 27.29 -27.97
CA LEU G 146 31.21 28.24 -28.30
C LEU G 146 30.00 27.57 -28.93
N GLU G 147 30.23 26.66 -29.90
CA GLU G 147 29.13 26.03 -30.61
C GLU G 147 28.22 25.24 -29.66
N ASN G 148 28.82 24.46 -28.75
CA ASN G 148 27.99 23.79 -27.74
C ASN G 148 27.32 24.79 -26.80
N TYR G 149 28.04 25.84 -26.38
CA TYR G 149 27.42 26.81 -25.48
C TYR G 149 26.16 27.41 -26.12
N LEU G 150 26.27 27.83 -27.38
CA LEU G 150 25.12 28.38 -28.09
C LEU G 150 24.01 27.34 -28.25
N GLN G 151 24.38 26.11 -28.60
CA GLN G 151 23.40 25.03 -28.74
C GLN G 151 22.56 24.88 -27.48
N SER G 152 23.22 24.93 -26.32
CA SER G 152 22.55 24.76 -25.05
C SER G 152 21.65 25.92 -24.69
N HIS G 153 21.71 27.02 -25.44
CA HIS G 153 20.88 28.18 -25.15
C HIS G 153 19.84 28.43 -26.23
N MET G 154 19.65 27.48 -27.14
CA MET G 154 18.62 27.65 -28.17
C MET G 154 17.23 27.56 -27.55
N HIS G 155 17.00 26.56 -26.72
CA HIS G 155 15.67 26.24 -26.22
C HIS G 155 15.54 26.61 -24.75
N GLU G 156 14.33 27.02 -24.37
CA GLU G 156 13.97 27.07 -22.95
C GLU G 156 13.42 25.70 -22.53
N MET H 1 -21.50 -30.02 22.29
CA MET H 1 -21.03 -30.19 23.69
C MET H 1 -22.23 -30.67 24.53
N LYS H 2 -22.15 -31.84 25.17
CA LYS H 2 -23.35 -32.42 25.77
C LYS H 2 -23.80 -31.57 26.96
N GLY H 3 -25.01 -31.02 26.87
CA GLY H 3 -25.55 -30.22 27.96
C GLY H 3 -26.34 -31.03 28.95
N ASP H 4 -26.60 -30.41 30.10
CA ASP H 4 -27.47 -30.97 31.13
C ASP H 4 -28.89 -31.14 30.61
N LYS H 5 -29.48 -32.31 30.83
CA LYS H 5 -30.79 -32.61 30.28
C LYS H 5 -31.84 -31.61 30.76
N LYS H 6 -31.85 -31.33 32.06
CA LYS H 6 -32.83 -30.40 32.63
C LYS H 6 -32.59 -28.96 32.18
N VAL H 7 -31.33 -28.55 32.00
CA VAL H 7 -31.06 -27.24 31.41
C VAL H 7 -31.72 -27.14 30.05
N ILE H 8 -31.55 -28.16 29.22
CA ILE H 8 -32.12 -28.12 27.88
C ILE H 8 -33.65 -28.06 27.97
N GLN H 9 -34.24 -28.78 28.93
CA GLN H 9 -35.68 -28.69 29.14
C GLN H 9 -36.10 -27.28 29.51
N HIS H 10 -35.37 -26.63 30.42
CA HIS H 10 -35.64 -25.22 30.74
C HIS H 10 -35.51 -24.33 29.52
N LEU H 11 -34.43 -24.49 28.76
CA LEU H 11 -34.26 -23.67 27.55
C LEU H 11 -35.44 -23.84 26.59
N ASN H 12 -35.90 -25.07 26.42
CA ASN H 12 -37.06 -25.31 25.55
C ASN H 12 -38.33 -24.69 26.11
N LYS H 13 -38.46 -24.64 27.44
CA LYS H 13 -39.61 -23.97 28.04
C LYS H 13 -39.58 -22.47 27.76
N ILE H 14 -38.42 -21.85 27.93
CA ILE H 14 -38.25 -20.43 27.61
C ILE H 14 -38.51 -20.20 26.13
N LEU H 15 -37.94 -21.06 25.29
CA LEU H 15 -38.21 -20.97 23.86
C LEU H 15 -39.71 -21.02 23.58
N GLY H 16 -40.43 -21.91 24.26
CA GLY H 16 -41.86 -21.98 24.06
C GLY H 16 -42.54 -20.68 24.41
N ASN H 17 -42.10 -20.04 25.48
CA ASN H 17 -42.68 -18.76 25.87
C ASN H 17 -42.40 -17.70 24.81
N GLU H 18 -41.18 -17.67 24.27
CA GLU H 18 -40.84 -16.69 23.24
C GLU H 18 -41.67 -16.91 21.98
N LEU H 19 -41.94 -18.16 21.62
CA LEU H 19 -42.73 -18.44 20.44
C LEU H 19 -44.16 -17.93 20.58
N ILE H 20 -44.75 -18.06 21.78
CA ILE H 20 -46.06 -17.47 22.03
C ILE H 20 -46.00 -15.97 21.84
N ALA H 21 -45.03 -15.35 22.49
CA ALA H 21 -44.87 -13.90 22.44
C ALA H 21 -44.68 -13.39 21.01
N ILE H 22 -43.89 -14.09 20.19
CA ILE H 22 -43.71 -13.66 18.80
C ILE H 22 -45.06 -13.47 18.13
N ASN H 23 -45.89 -14.51 18.20
CA ASN H 23 -47.15 -14.49 17.49
C ASN H 23 -48.14 -13.54 18.13
N GLN H 24 -48.18 -13.49 19.46
CA GLN H 24 -49.10 -12.59 20.14
C GLN H 24 -48.78 -11.14 19.81
N TYR H 25 -47.50 -10.79 19.86
CA TYR H 25 -47.11 -9.40 19.59
C TYR H 25 -47.28 -9.08 18.11
N PHE H 26 -46.98 -10.03 17.23
CA PHE H 26 -47.16 -9.73 15.81
C PHE H 26 -48.62 -9.47 15.48
N LEU H 27 -49.51 -10.29 16.03
CA LEU H 27 -50.94 -10.10 15.78
C LEU H 27 -51.43 -8.78 16.36
N HIS H 28 -51.04 -8.49 17.62
CA HIS H 28 -51.43 -7.22 18.22
C HIS H 28 -50.94 -6.05 17.37
N SER H 29 -49.69 -6.13 16.88
CA SER H 29 -49.15 -5.07 16.01
C SER H 29 -50.05 -4.83 14.81
N ARG H 30 -50.41 -5.91 14.11
CA ARG H 30 -51.18 -5.76 12.89
C ARG H 30 -52.63 -5.36 13.19
N MET H 31 -53.17 -5.77 14.34
CA MET H 31 -54.48 -5.23 14.76
C MET H 31 -54.41 -3.73 14.95
N TRP H 32 -53.41 -3.26 15.70
CA TRP H 32 -53.27 -1.82 15.91
C TRP H 32 -53.09 -1.08 14.58
N ASN H 33 -52.29 -1.63 13.67
CA ASN H 33 -52.13 -0.97 12.37
C ASN H 33 -53.46 -0.90 11.63
N ASP H 34 -54.21 -1.99 11.61
CA ASP H 34 -55.52 -2.03 10.95
C ASP H 34 -56.45 -0.99 11.53
N TRP H 35 -56.36 -0.74 12.84
CA TRP H 35 -57.21 0.25 13.49
C TRP H 35 -56.70 1.68 13.35
N GLY H 36 -55.56 1.91 12.70
CA GLY H 36 -55.04 3.24 12.54
C GLY H 36 -54.21 3.73 13.71
N LEU H 37 -53.84 2.83 14.62
CA LEU H 37 -53.01 3.19 15.77
C LEU H 37 -51.55 2.80 15.47
N LYS H 38 -51.00 3.54 14.50
CA LYS H 38 -49.74 3.15 13.88
C LYS H 38 -48.54 3.23 14.82
N ARG H 39 -48.56 4.13 15.80
CA ARG H 39 -47.43 4.18 16.73
C ARG H 39 -47.36 2.94 17.61
N LEU H 40 -48.53 2.49 18.10
CA LEU H 40 -48.61 1.23 18.82
C LEU H 40 -48.24 0.07 17.90
N GLY H 41 -48.76 0.06 16.68
CA GLY H 41 -48.44 -1.01 15.75
C GLY H 41 -46.96 -1.15 15.51
N ALA H 42 -46.27 -0.03 15.31
CA ALA H 42 -44.84 -0.07 15.04
C ALA H 42 -44.07 -0.55 16.27
N HIS H 43 -44.42 -0.02 17.45
CA HIS H 43 -43.70 -0.41 18.65
C HIS H 43 -43.89 -1.90 18.92
N GLU H 44 -45.10 -2.40 18.74
CA GLU H 44 -45.38 -3.81 19.02
C GLU H 44 -44.67 -4.72 18.01
N TYR H 45 -44.59 -4.28 16.76
CA TYR H 45 -43.77 -4.97 15.77
C TYR H 45 -42.35 -5.14 16.27
N HIS H 46 -41.75 -4.07 16.79
CA HIS H 46 -40.38 -4.17 17.27
C HIS H 46 -40.29 -5.08 18.49
N GLU H 47 -41.35 -5.14 19.32
CA GLU H 47 -41.35 -6.10 20.41
C GLU H 47 -41.36 -7.53 19.88
N SER H 48 -42.14 -7.79 18.83
CA SER H 48 -42.20 -9.12 18.21
C SER H 48 -40.83 -9.53 17.65
N ILE H 49 -40.20 -8.60 16.94
CA ILE H 49 -38.87 -8.84 16.39
C ILE H 49 -37.88 -9.16 17.51
N ASP H 50 -37.95 -8.42 18.61
CA ASP H 50 -37.02 -8.70 19.71
C ASP H 50 -37.18 -10.13 20.21
N GLU H 51 -38.43 -10.60 20.33
CA GLU H 51 -38.67 -11.97 20.77
C GLU H 51 -38.15 -12.97 19.74
N MET H 52 -38.28 -12.66 18.45
CA MET H 52 -37.70 -13.52 17.41
C MET H 52 -36.20 -13.67 17.60
N LYS H 53 -35.51 -12.59 17.95
CA LYS H 53 -34.07 -12.66 18.15
C LYS H 53 -33.74 -13.53 19.37
N HIS H 54 -34.51 -13.40 20.45
CA HIS H 54 -34.26 -14.22 21.62
C HIS H 54 -34.49 -15.69 21.29
N ALA H 55 -35.56 -15.99 20.55
CA ALA H 55 -35.84 -17.36 20.14
C ALA H 55 -34.68 -17.92 19.34
N ASP H 56 -34.14 -17.13 18.42
CA ASP H 56 -32.96 -17.55 17.65
C ASP H 56 -31.83 -17.97 18.57
N LYS H 57 -31.48 -17.12 19.53
CA LYS H 57 -30.36 -17.44 20.42
C LYS H 57 -30.64 -18.70 21.23
N LEU H 58 -31.88 -18.88 21.70
CA LEU H 58 -32.21 -20.11 22.43
C LEU H 58 -32.05 -21.35 21.56
N ILE H 59 -32.55 -21.29 20.32
CA ILE H 59 -32.43 -22.39 19.38
C ILE H 59 -30.97 -22.73 19.16
N GLU H 60 -30.14 -21.70 18.98
CA GLU H 60 -28.73 -21.93 18.75
C GLU H 60 -28.07 -22.59 19.96
N ARG H 61 -28.41 -22.15 21.17
CA ARG H 61 -27.82 -22.71 22.37
C ARG H 61 -28.24 -24.16 22.57
N ILE H 62 -29.53 -24.45 22.35
CA ILE H 62 -30.04 -25.81 22.52
C ILE H 62 -29.29 -26.75 21.57
N LEU H 63 -29.14 -26.34 20.30
CA LEU H 63 -28.45 -27.19 19.33
C LEU H 63 -26.98 -27.40 19.73
N PHE H 64 -26.30 -26.35 20.19
CA PHE H 64 -24.91 -26.50 20.63
C PHE H 64 -24.81 -27.51 21.76
N LEU H 65 -25.78 -27.51 22.66
CA LEU H 65 -25.83 -28.43 23.79
C LEU H 65 -26.39 -29.81 23.42
N GLU H 66 -26.57 -30.05 22.12
CA GLU H 66 -26.98 -31.34 21.55
C GLU H 66 -28.39 -31.75 21.97
N GLY H 67 -29.26 -30.76 22.18
CA GLY H 67 -30.67 -30.98 22.35
C GLY H 67 -31.46 -30.68 21.08
N LEU H 68 -32.76 -30.97 21.15
CA LEU H 68 -33.69 -30.73 20.05
C LEU H 68 -34.54 -29.51 20.37
N PRO H 69 -34.40 -28.40 19.66
CA PRO H 69 -35.27 -27.25 19.94
C PRO H 69 -36.70 -27.55 19.54
N ASN H 70 -37.63 -27.27 20.45
CA ASN H 70 -39.06 -27.58 20.21
C ASN H 70 -39.72 -26.35 19.61
N LEU H 71 -39.89 -26.34 18.28
CA LEU H 71 -40.67 -25.30 17.63
C LEU H 71 -42.07 -25.77 17.27
N GLN H 72 -42.47 -26.95 17.73
CA GLN H 72 -43.72 -27.56 17.33
C GLN H 72 -44.87 -27.24 18.27
N ASP H 73 -44.58 -27.16 19.55
CA ASP H 73 -45.62 -26.97 20.53
C ASP H 73 -45.76 -25.46 20.73
N LEU H 74 -46.96 -24.98 20.47
CA LEU H 74 -47.27 -23.56 20.64
C LEU H 74 -48.34 -23.44 21.70
N GLY H 75 -48.01 -22.77 22.80
CA GLY H 75 -48.97 -22.54 23.86
C GLY H 75 -50.00 -21.47 23.48
N LYS H 76 -50.83 -21.13 24.46
CA LYS H 76 -51.99 -20.28 24.23
C LYS H 76 -51.58 -18.82 24.07
N LEU H 77 -51.99 -18.24 22.95
CA LEU H 77 -51.85 -16.80 22.74
C LEU H 77 -52.86 -16.05 23.58
N LEU H 78 -52.43 -14.94 24.17
CA LEU H 78 -53.34 -14.07 24.93
C LEU H 78 -53.63 -12.83 24.07
N ILE H 79 -54.77 -12.84 23.38
CA ILE H 79 -55.12 -11.80 22.43
C ILE H 79 -56.19 -10.91 23.06
N GLY H 80 -55.95 -9.61 23.06
CA GLY H 80 -56.96 -8.70 23.55
C GLY H 80 -57.93 -8.26 22.47
N GLU H 81 -59.01 -7.61 22.91
CA GLU H 81 -60.04 -7.14 21.99
C GLU H 81 -60.09 -5.62 21.89
N ASN H 82 -59.26 -4.95 22.68
CA ASN H 82 -59.08 -3.50 22.59
C ASN H 82 -57.71 -3.18 23.17
N THR H 83 -57.29 -1.93 23.01
CA THR H 83 -55.92 -1.56 23.33
C THR H 83 -55.56 -1.87 24.77
N GLN H 84 -56.40 -1.47 25.74
CA GLN H 84 -56.07 -1.73 27.13
C GLN H 84 -55.92 -3.22 27.40
N GLU H 85 -56.83 -4.04 26.86
CA GLU H 85 -56.75 -5.47 27.05
C GLU H 85 -55.50 -6.06 26.39
N MET H 86 -55.15 -5.57 25.20
CA MET H 86 -53.97 -6.10 24.50
C MET H 86 -52.70 -5.83 25.30
N LEU H 87 -52.56 -4.62 25.84
CA LEU H 87 -51.41 -4.28 26.67
C LEU H 87 -51.36 -5.16 27.91
N GLN H 88 -52.51 -5.37 28.56
CA GLN H 88 -52.54 -6.21 29.76
CA GLN H 88 -52.54 -6.22 29.75
C GLN H 88 -52.23 -7.68 29.41
N CYS H 89 -52.71 -8.15 28.26
CA CYS H 89 -52.37 -9.50 27.80
C CYS H 89 -50.87 -9.65 27.61
N ASP H 90 -50.23 -8.66 26.98
CA ASP H 90 -48.78 -8.70 26.86
C ASP H 90 -48.12 -8.73 28.23
N LEU H 91 -48.63 -7.91 29.17
CA LEU H 91 -48.02 -7.85 30.49
C LEU H 91 -48.17 -9.19 31.22
N ASN H 92 -49.36 -9.80 31.13
CA ASN H 92 -49.58 -11.10 31.76
C ASN H 92 -48.60 -12.14 31.21
N LEU H 93 -48.38 -12.13 29.88
CA LEU H 93 -47.45 -13.08 29.28
C LEU H 93 -46.04 -12.83 29.78
N GLU H 94 -45.64 -11.55 29.85
CA GLU H 94 -44.29 -11.22 30.29
C GLU H 94 -44.05 -11.60 31.74
N LEU H 95 -45.07 -11.48 32.61
CA LEU H 95 -44.88 -11.84 34.01
C LEU H 95 -44.69 -13.34 34.17
N LYS H 96 -45.40 -14.15 33.36
CA LYS H 96 -45.13 -15.58 33.33
C LYS H 96 -43.74 -15.87 32.78
N ALA H 97 -43.37 -15.16 31.70
CA ALA H 97 -42.06 -15.41 31.09
C ALA H 97 -40.92 -15.15 32.07
N THR H 98 -40.99 -14.06 32.84
CA THR H 98 -39.89 -13.75 33.77
C THR H 98 -39.85 -14.76 34.91
N LYS H 99 -41.00 -15.22 35.38
CA LYS H 99 -40.98 -16.27 36.40
C LYS H 99 -40.23 -17.51 35.90
N ASP H 100 -40.51 -17.94 34.65
CA ASP H 100 -39.86 -19.12 34.09
C ASP H 100 -38.36 -18.87 33.89
N LEU H 101 -37.99 -17.67 33.45
CA LEU H 101 -36.57 -17.33 33.31
C LEU H 101 -35.82 -17.45 34.63
N ARG H 102 -36.40 -16.94 35.72
CA ARG H 102 -35.72 -17.03 37.00
C ARG H 102 -35.51 -18.47 37.41
N GLU H 103 -36.53 -19.32 37.24
CA GLU H 103 -36.40 -20.72 37.60
C GLU H 103 -35.35 -21.42 36.74
N ALA H 104 -35.24 -21.04 35.46
CA ALA H 104 -34.20 -21.61 34.60
C ALA H 104 -32.81 -21.18 35.06
N ILE H 105 -32.66 -19.91 35.44
CA ILE H 105 -31.35 -19.43 35.89
C ILE H 105 -30.91 -20.18 37.15
N VAL H 106 -31.84 -20.37 38.09
CA VAL H 106 -31.52 -21.13 39.31
C VAL H 106 -30.89 -22.47 38.93
N HIS H 107 -31.51 -23.17 37.98
CA HIS H 107 -31.02 -24.50 37.64
C HIS H 107 -29.68 -24.42 36.93
N CYS H 108 -29.53 -23.48 36.00
CA CYS H 108 -28.26 -23.32 35.32
C CYS H 108 -27.13 -23.09 36.32
N GLU H 109 -27.37 -22.25 37.33
CA GLU H 109 -26.36 -21.98 38.34
C GLU H 109 -26.03 -23.25 39.10
N GLN H 110 -27.04 -24.02 39.49
CA GLN H 110 -26.84 -25.24 40.27
C GLN H 110 -25.92 -26.23 39.54
N VAL H 111 -26.09 -26.39 38.22
CA VAL H 111 -25.28 -27.36 37.47
C VAL H 111 -24.09 -26.70 36.77
N HIS H 112 -23.82 -25.43 37.04
CA HIS H 112 -22.62 -24.74 36.61
C HIS H 112 -22.61 -24.43 35.12
N ASP H 113 -23.78 -24.33 34.49
CA ASP H 113 -23.88 -23.93 33.10
C ASP H 113 -23.98 -22.40 33.07
N TYR H 114 -22.83 -21.78 33.28
CA TYR H 114 -22.80 -20.34 33.47
C TYR H 114 -23.05 -19.60 32.16
N VAL H 115 -22.72 -20.19 31.02
CA VAL H 115 -22.99 -19.51 29.75
C VAL H 115 -24.48 -19.49 29.44
N SER H 116 -25.19 -20.60 29.72
CA SER H 116 -26.64 -20.59 29.57
C SER H 116 -27.26 -19.58 30.52
N ARG H 117 -26.75 -19.51 31.75
CA ARG H 117 -27.26 -18.51 32.69
C ARG H 117 -27.11 -17.11 32.12
N ASP H 118 -25.93 -16.81 31.54
CA ASP H 118 -25.68 -15.46 31.02
C ASP H 118 -26.66 -15.12 29.90
N LEU H 119 -26.91 -16.08 29.01
CA LEU H 119 -27.89 -15.86 27.95
C LEU H 119 -29.25 -15.56 28.53
N LEU H 120 -29.70 -16.38 29.48
CA LEU H 120 -31.02 -16.17 30.08
C LEU H 120 -31.10 -14.84 30.84
N LYS H 121 -30.02 -14.44 31.51
CA LYS H 121 -30.03 -13.14 32.18
C LYS H 121 -30.23 -12.01 31.18
N ASP H 122 -29.53 -12.07 30.03
CA ASP H 122 -29.72 -11.06 28.99
C ASP H 122 -31.16 -11.04 28.48
N ILE H 123 -31.76 -12.21 28.28
CA ILE H 123 -33.16 -12.26 27.87
C ILE H 123 -34.04 -11.67 28.96
N LEU H 124 -33.75 -11.99 30.22
CA LEU H 124 -34.53 -11.44 31.33
C LEU H 124 -34.45 -9.92 31.38
N GLU H 125 -33.27 -9.35 31.11
CA GLU H 125 -33.16 -7.89 31.07
C GLU H 125 -34.07 -7.32 30.01
N SER H 126 -34.12 -7.95 28.84
CA SER H 126 -34.99 -7.48 27.78
CA SER H 126 -35.00 -7.48 27.78
C SER H 126 -36.46 -7.58 28.19
N GLU H 127 -36.85 -8.70 28.82
CA GLU H 127 -38.26 -8.85 29.21
C GLU H 127 -38.64 -7.85 30.30
N GLU H 128 -37.73 -7.54 31.24
CA GLU H 128 -38.04 -6.52 32.25
C GLU H 128 -38.17 -5.14 31.62
N GLU H 129 -37.38 -4.83 30.59
CA GLU H 129 -37.59 -3.59 29.85
C GLU H 129 -38.98 -3.56 29.22
N HIS H 130 -39.42 -4.70 28.69
CA HIS H 130 -40.75 -4.76 28.10
C HIS H 130 -41.82 -4.55 29.17
N ILE H 131 -41.64 -5.14 30.35
CA ILE H 131 -42.59 -4.92 31.44
C ILE H 131 -42.65 -3.45 31.82
N ASP H 132 -41.48 -2.78 31.86
CA ASP H 132 -41.44 -1.35 32.15
C ASP H 132 -42.28 -0.57 31.14
N TYR H 133 -42.09 -0.86 29.85
CA TYR H 133 -42.88 -0.22 28.80
C TYR H 133 -44.38 -0.44 29.03
N LEU H 134 -44.79 -1.68 29.30
CA LEU H 134 -46.21 -2.00 29.38
C LEU H 134 -46.85 -1.35 30.60
N GLU H 135 -46.20 -1.44 31.76
CA GLU H 135 -46.73 -0.80 32.95
C GLU H 135 -46.85 0.69 32.74
N THR H 136 -45.88 1.29 32.04
CA THR H 136 -45.92 2.72 31.76
C THR H 136 -47.10 3.08 30.86
N GLN H 137 -47.34 2.29 29.81
CA GLN H 137 -48.49 2.58 28.95
C GLN H 137 -49.81 2.49 29.72
N LEU H 138 -49.95 1.47 30.57
CA LEU H 138 -51.20 1.30 31.31
C LEU H 138 -51.40 2.44 32.29
N GLY H 139 -50.31 2.94 32.89
CA GLY H 139 -50.40 4.12 33.73
C GLY H 139 -50.75 5.37 32.94
N LEU H 140 -50.21 5.50 31.72
CA LEU H 140 -50.54 6.68 30.92
C LEU H 140 -52.01 6.70 30.54
N ILE H 141 -52.60 5.53 30.27
CA ILE H 141 -54.04 5.49 29.97
C ILE H 141 -54.82 6.14 31.11
N GLN H 142 -54.43 5.83 32.35
CA GLN H 142 -55.10 6.42 33.51
C GLN H 142 -54.83 7.92 33.63
N LYS H 143 -53.60 8.36 33.33
CA LYS H 143 -53.22 9.75 33.58
C LYS H 143 -53.78 10.69 32.52
N VAL H 144 -53.73 10.30 31.24
CA VAL H 144 -54.17 11.19 30.16
C VAL H 144 -55.57 10.85 29.67
N GLY H 145 -56.14 9.73 30.07
CA GLY H 145 -57.42 9.25 29.57
C GLY H 145 -57.27 8.42 28.32
N LEU H 146 -58.18 7.48 28.13
CA LEU H 146 -58.09 6.56 27.00
C LEU H 146 -58.12 7.30 25.66
N GLU H 147 -59.04 8.26 25.48
CA GLU H 147 -59.16 8.93 24.18
C GLU H 147 -57.86 9.66 23.82
N ASN H 148 -57.28 10.39 24.77
CA ASN H 148 -55.99 11.05 24.51
C ASN H 148 -54.89 10.02 24.28
N TYR H 149 -54.86 8.94 25.07
CA TYR H 149 -53.81 7.95 24.90
C TYR H 149 -53.84 7.38 23.49
N LEU H 150 -55.06 7.05 23.00
CA LEU H 150 -55.19 6.49 21.66
C LEU H 150 -54.84 7.55 20.61
N GLN H 151 -55.28 8.78 20.82
CA GLN H 151 -54.93 9.87 19.92
C GLN H 151 -53.43 9.97 19.72
N SER H 152 -52.68 9.91 20.82
CA SER H 152 -51.22 10.02 20.83
C SER H 152 -50.53 8.86 20.13
N HIS H 153 -51.27 7.79 19.79
CA HIS H 153 -50.66 6.63 19.14
C HIS H 153 -51.19 6.43 17.73
N MET H 154 -51.88 7.41 17.16
CA MET H 154 -52.35 7.33 15.78
C MET H 154 -51.19 7.43 14.80
N HIS H 155 -50.33 8.42 14.96
CA HIS H 155 -49.29 8.74 13.97
C HIS H 155 -47.92 8.28 14.47
N GLU H 156 -47.14 7.69 13.57
CA GLU H 156 -45.85 7.11 13.94
C GLU H 156 -44.73 8.13 13.79
N MET I 1 35.00 36.85 -9.54
CA MET I 1 35.31 38.29 -9.27
C MET I 1 36.49 38.33 -8.32
N LYS I 2 37.56 39.06 -8.64
CA LYS I 2 38.76 38.93 -7.84
C LYS I 2 38.56 39.59 -6.48
N GLY I 3 38.53 38.81 -5.42
CA GLY I 3 38.37 39.37 -4.10
C GLY I 3 39.67 39.85 -3.49
N ASP I 4 39.52 40.64 -2.43
CA ASP I 4 40.65 41.07 -1.61
C ASP I 4 41.30 39.85 -0.95
N LYS I 5 42.63 39.76 -1.00
CA LYS I 5 43.29 38.54 -0.51
C LYS I 5 43.08 38.37 0.99
N LYS I 6 43.09 39.46 1.74
CA LYS I 6 42.90 39.35 3.18
C LYS I 6 41.44 39.04 3.54
N VAL I 7 40.47 39.54 2.77
CA VAL I 7 39.09 39.09 2.96
C VAL I 7 39.00 37.59 2.83
N ILE I 8 39.59 37.03 1.76
CA ILE I 8 39.54 35.58 1.56
C ILE I 8 40.20 34.85 2.74
N GLN I 9 41.34 35.35 3.24
CA GLN I 9 41.93 34.75 4.43
C GLN I 9 40.99 34.79 5.62
N HIS I 10 40.32 35.94 5.83
CA HIS I 10 39.33 36.02 6.90
C HIS I 10 38.20 35.01 6.68
N LEU I 11 37.69 34.91 5.44
CA LEU I 11 36.60 33.97 5.17
C LEU I 11 37.06 32.54 5.44
N ASN I 12 38.30 32.20 5.06
CA ASN I 12 38.81 30.87 5.37
C ASN I 12 38.99 30.64 6.86
N LYS I 13 39.30 31.69 7.64
CA LYS I 13 39.39 31.52 9.09
C LYS I 13 38.02 31.25 9.70
N ILE I 14 37.00 31.98 9.26
CA ILE I 14 35.65 31.74 9.74
C ILE I 14 35.21 30.35 9.33
N LEU I 15 35.51 29.95 8.09
CA LEU I 15 35.17 28.60 7.62
C LEU I 15 35.82 27.56 8.52
N GLY I 16 37.10 27.75 8.84
CA GLY I 16 37.78 26.87 9.76
C GLY I 16 37.08 26.73 11.10
N ASN I 17 36.58 27.85 11.64
CA ASN I 17 35.83 27.78 12.89
C ASN I 17 34.53 27.01 12.71
N GLU I 18 33.83 27.22 11.60
CA GLU I 18 32.59 26.49 11.35
C GLU I 18 32.86 25.00 11.22
N LEU I 19 33.97 24.63 10.58
CA LEU I 19 34.31 23.21 10.43
C LEU I 19 34.56 22.55 11.78
N ILE I 20 35.21 23.26 12.71
CA ILE I 20 35.38 22.71 14.06
C ILE I 20 34.02 22.49 14.70
N ALA I 21 33.15 23.49 14.60
CA ALA I 21 31.84 23.45 15.25
C ALA I 21 30.97 22.34 14.68
N ILE I 22 31.00 22.15 13.36
CA ILE I 22 30.21 21.06 12.76
C ILE I 22 30.52 19.75 13.47
N ASN I 23 31.81 19.43 13.57
CA ASN I 23 32.21 18.15 14.16
C ASN I 23 32.00 18.10 15.66
N GLN I 24 32.33 19.18 16.38
CA GLN I 24 32.10 19.22 17.82
C GLN I 24 30.61 19.05 18.15
N TYR I 25 29.75 19.80 17.48
CA TYR I 25 28.32 19.70 17.78
C TYR I 25 27.75 18.36 17.33
N PHE I 26 28.22 17.81 16.20
CA PHE I 26 27.70 16.51 15.77
C PHE I 26 28.07 15.43 16.78
N LEU I 27 29.34 15.42 17.24
CA LEU I 27 29.74 14.44 18.25
C LEU I 27 28.97 14.64 19.56
N HIS I 28 28.84 15.87 20.04
CA HIS I 28 28.07 16.11 21.25
C HIS I 28 26.62 15.63 21.10
N SER I 29 26.02 15.87 19.94
CA SER I 29 24.67 15.41 19.68
C SER I 29 24.56 13.91 19.83
N ARG I 30 25.48 13.19 19.18
CA ARG I 30 25.39 11.75 19.20
C ARG I 30 25.77 11.18 20.55
N MET I 31 26.63 11.87 21.31
CA MET I 31 26.86 11.46 22.70
C MET I 31 25.57 11.59 23.50
N TRP I 32 24.90 12.72 23.40
CA TRP I 32 23.68 12.91 24.17
C TRP I 32 22.61 11.91 23.76
N ASN I 33 22.49 11.61 22.46
CA ASN I 33 21.54 10.57 22.06
C ASN I 33 21.89 9.23 22.66
N ASP I 34 23.18 8.85 22.64
CA ASP I 34 23.60 7.57 23.21
C ASP I 34 23.25 7.50 24.69
N TRP I 35 23.36 8.61 25.41
CA TRP I 35 23.04 8.66 26.82
C TRP I 35 21.55 8.75 27.11
N GLY I 36 20.70 8.84 26.09
CA GLY I 36 19.27 8.92 26.29
C GLY I 36 18.75 10.32 26.54
N LEU I 37 19.58 11.34 26.32
CA LEU I 37 19.18 12.73 26.46
C LEU I 37 18.83 13.26 25.07
N LYS I 38 17.70 12.74 24.56
CA LYS I 38 17.38 12.91 23.15
C LYS I 38 16.96 14.33 22.80
N ARG I 39 16.44 15.11 23.75
CA ARG I 39 16.11 16.49 23.43
C ARG I 39 17.37 17.31 23.22
N LEU I 40 18.38 17.10 24.06
CA LEU I 40 19.69 17.73 23.84
C LEU I 40 20.31 17.25 22.53
N GLY I 41 20.25 15.94 22.29
CA GLY I 41 20.82 15.41 21.06
C GLY I 41 20.21 16.01 19.82
N ALA I 42 18.88 16.16 19.81
CA ALA I 42 18.21 16.74 18.65
C ALA I 42 18.56 18.21 18.49
N HIS I 43 18.57 18.96 19.59
CA HIS I 43 18.89 20.38 19.49
C HIS I 43 20.30 20.57 18.98
N GLU I 44 21.24 19.79 19.50
CA GLU I 44 22.64 19.92 19.12
C GLU I 44 22.85 19.48 17.67
N TYR I 45 22.06 18.52 17.20
CA TYR I 45 22.09 18.13 15.80
C TYR I 45 21.71 19.30 14.91
N HIS I 46 20.61 19.98 15.25
CA HIS I 46 20.22 21.14 14.47
C HIS I 46 21.26 22.26 14.54
N GLU I 47 21.96 22.40 15.68
CA GLU I 47 23.08 23.34 15.73
C GLU I 47 24.18 22.94 14.76
N SER I 48 24.50 21.64 14.69
CA SER I 48 25.51 21.18 13.74
C SER I 48 25.10 21.45 12.30
N ILE I 49 23.84 21.18 11.96
CA ILE I 49 23.33 21.44 10.62
C ILE I 49 23.44 22.92 10.27
N ASP I 50 23.08 23.80 11.22
CA ASP I 50 23.18 25.23 10.96
C ASP I 50 24.62 25.63 10.62
N GLU I 51 25.61 25.04 11.31
CA GLU I 51 27.00 25.36 11.00
C GLU I 51 27.39 24.83 9.64
N MET I 52 26.84 23.68 9.24
CA MET I 52 27.05 23.16 7.89
C MET I 52 26.56 24.15 6.85
N LYS I 53 25.38 24.72 7.07
CA LYS I 53 24.84 25.69 6.11
C LYS I 53 25.70 26.94 6.04
N HIS I 54 26.20 27.43 7.18
CA HIS I 54 27.12 28.58 7.15
C HIS I 54 28.38 28.23 6.38
N ALA I 55 28.95 27.06 6.66
CA ALA I 55 30.15 26.64 5.93
C ALA I 55 29.91 26.60 4.43
N ASP I 56 28.76 26.08 4.00
CA ASP I 56 28.41 26.08 2.57
C ASP I 56 28.47 27.50 2.00
N LYS I 57 27.81 28.45 2.67
CA LYS I 57 27.78 29.80 2.14
C LYS I 57 29.17 30.42 2.11
N LEU I 58 30.01 30.13 3.09
CA LEU I 58 31.40 30.64 3.06
C LEU I 58 32.19 30.05 1.91
N ILE I 59 32.07 28.74 1.68
CA ILE I 59 32.75 28.11 0.55
C ILE I 59 32.33 28.75 -0.75
N GLU I 60 31.03 28.95 -0.93
CA GLU I 60 30.52 29.53 -2.16
C GLU I 60 31.06 30.96 -2.37
N ARG I 61 31.09 31.75 -1.30
CA ARG I 61 31.61 33.12 -1.41
C ARG I 61 33.09 33.12 -1.74
N ILE I 62 33.87 32.26 -1.08
CA ILE I 62 35.30 32.19 -1.37
C ILE I 62 35.54 31.85 -2.82
N LEU I 63 34.80 30.89 -3.38
CA LEU I 63 34.98 30.52 -4.77
C LEU I 63 34.60 31.65 -5.70
N PHE I 64 33.50 32.35 -5.39
CA PHE I 64 33.12 33.49 -6.23
C PHE I 64 34.25 34.51 -6.27
N LEU I 65 34.90 34.72 -5.14
CA LEU I 65 36.00 35.70 -5.03
C LEU I 65 37.33 35.15 -5.52
N GLU I 66 37.30 33.94 -6.10
CA GLU I 66 38.45 33.33 -6.77
C GLU I 66 39.55 32.93 -5.79
N GLY I 67 39.17 32.60 -4.56
CA GLY I 67 40.07 31.99 -3.60
C GLY I 67 39.83 30.50 -3.49
N LEU I 68 40.68 29.86 -2.70
CA LEU I 68 40.60 28.42 -2.48
C LEU I 68 40.06 28.16 -1.10
N PRO I 69 38.86 27.57 -0.97
CA PRO I 69 38.32 27.27 0.36
C PRO I 69 39.16 26.19 1.01
N ASN I 70 39.53 26.41 2.27
CA ASN I 70 40.38 25.48 3.00
C ASN I 70 39.50 24.56 3.86
N LEU I 71 39.28 23.34 3.37
CA LEU I 71 38.57 22.32 4.13
C LEU I 71 39.52 21.27 4.69
N GLN I 72 40.82 21.51 4.57
CA GLN I 72 41.83 20.54 4.94
C GLN I 72 42.29 20.69 6.38
N ASP I 73 42.41 21.93 6.85
CA ASP I 73 42.92 22.19 8.18
C ASP I 73 41.74 22.16 9.13
N LEU I 74 41.81 21.27 10.11
CA LEU I 74 40.80 21.17 11.15
C LEU I 74 41.43 21.47 12.50
N GLY I 75 40.93 22.50 13.16
CA GLY I 75 41.43 22.87 14.46
C GLY I 75 40.92 21.96 15.56
N LYS I 76 41.24 22.32 16.79
CA LYS I 76 41.01 21.45 17.93
C LYS I 76 39.54 21.43 18.33
N LEU I 77 38.96 20.24 18.37
CA LEU I 77 37.61 20.08 18.89
C LEU I 77 37.63 20.15 20.40
N LEU I 78 36.64 20.83 20.97
CA LEU I 78 36.49 20.92 22.43
C LEU I 78 35.36 19.98 22.83
N ILE I 79 35.72 18.79 23.30
CA ILE I 79 34.75 17.74 23.58
C ILE I 79 34.65 17.58 25.08
N GLY I 80 33.42 17.71 25.62
CA GLY I 80 33.24 17.53 27.05
C GLY I 80 33.04 16.07 27.42
N GLU I 81 33.09 15.80 28.73
CA GLU I 81 32.87 14.46 29.26
C GLU I 81 31.53 14.29 29.96
N ASN I 82 30.78 15.38 30.13
CA ASN I 82 29.45 15.35 30.72
C ASN I 82 28.72 16.59 30.22
N THR I 83 27.42 16.63 30.50
CA THR I 83 26.56 17.64 29.89
C THR I 83 27.05 19.05 30.23
N GLN I 84 27.36 19.31 31.50
CA GLN I 84 27.82 20.65 31.88
C GLN I 84 29.06 21.03 31.08
N GLU I 85 30.02 20.12 30.96
CA GLU I 85 31.26 20.44 30.26
C GLU I 85 31.02 20.61 28.77
N MET I 86 30.12 19.80 28.20
CA MET I 86 29.86 19.89 26.77
C MET I 86 29.26 21.24 26.42
N LEU I 87 28.34 21.72 27.25
CA LEU I 87 27.75 23.03 27.01
C LEU I 87 28.79 24.14 27.14
N GLN I 88 29.63 24.08 28.16
CA GLN I 88 30.69 25.08 28.28
C GLN I 88 31.68 25.01 27.12
N CYS I 89 31.98 23.80 26.64
CA CYS I 89 32.88 23.67 25.50
C CYS I 89 32.29 24.33 24.25
N ASP I 90 30.98 24.13 24.03
CA ASP I 90 30.30 24.80 22.92
C ASP I 90 30.34 26.32 23.10
N LEU I 91 30.09 26.79 24.32
CA LEU I 91 30.12 28.23 24.57
C LEU I 91 31.52 28.80 24.34
N ASN I 92 32.56 28.10 24.81
CA ASN I 92 33.92 28.58 24.59
C ASN I 92 34.23 28.68 23.10
N LEU I 93 33.79 27.69 22.32
CA LEU I 93 34.00 27.73 20.88
C LEU I 93 33.26 28.91 20.27
N GLU I 94 32.04 29.17 20.73
CA GLU I 94 31.22 30.22 20.11
C GLU I 94 31.79 31.59 20.41
N LEU I 95 32.33 31.76 21.60
CA LEU I 95 32.92 33.05 21.95
C LEU I 95 34.14 33.34 21.08
N LYS I 96 34.97 32.32 20.81
CA LYS I 96 36.06 32.49 19.87
C LYS I 96 35.52 32.83 18.48
N ALA I 97 34.43 32.17 18.08
CA ALA I 97 33.90 32.36 16.75
C ALA I 97 33.40 33.79 16.55
N THR I 98 32.72 34.36 17.55
CA THR I 98 32.19 35.70 17.36
C THR I 98 33.31 36.75 17.39
N LYS I 99 34.34 36.54 18.20
CA LYS I 99 35.51 37.42 18.13
C LYS I 99 36.08 37.45 16.71
N ASP I 100 36.26 36.27 16.12
CA ASP I 100 36.84 36.21 14.79
C ASP I 100 35.89 36.81 13.74
N LEU I 101 34.58 36.60 13.90
CA LEU I 101 33.62 37.22 12.97
C LEU I 101 33.71 38.74 13.00
N ARG I 102 33.83 39.31 14.19
CA ARG I 102 33.89 40.77 14.31
C ARG I 102 35.12 41.32 13.61
N GLU I 103 36.27 40.63 13.74
CA GLU I 103 37.48 41.10 13.08
C GLU I 103 37.36 40.99 11.58
N ALA I 104 36.68 39.95 11.09
CA ALA I 104 36.49 39.79 9.65
C ALA I 104 35.58 40.88 9.10
N ILE I 105 34.53 41.23 9.84
CA ILE I 105 33.62 42.26 9.38
C ILE I 105 34.34 43.60 9.29
N VAL I 106 35.16 43.92 10.31
CA VAL I 106 35.96 45.16 10.28
C VAL I 106 36.73 45.25 8.97
N HIS I 107 37.41 44.16 8.60
CA HIS I 107 38.23 44.18 7.42
C HIS I 107 37.38 44.30 6.15
N CYS I 108 36.28 43.55 6.06
CA CYS I 108 35.42 43.69 4.90
C CYS I 108 34.97 45.13 4.74
N GLU I 109 34.61 45.78 5.84
CA GLU I 109 34.16 47.17 5.75
C GLU I 109 35.27 48.07 5.23
N GLN I 110 36.50 47.86 5.73
CA GLN I 110 37.62 48.70 5.33
C GLN I 110 37.93 48.59 3.83
N VAL I 111 37.79 47.40 3.23
CA VAL I 111 38.06 47.25 1.81
C VAL I 111 36.79 47.34 0.96
N HIS I 112 35.66 47.70 1.57
CA HIS I 112 34.40 47.97 0.87
C HIS I 112 33.78 46.70 0.28
N ASP I 113 34.08 45.53 0.84
CA ASP I 113 33.42 44.28 0.43
C ASP I 113 32.15 44.13 1.27
N TYR I 114 31.15 44.90 0.89
CA TYR I 114 29.95 45.02 1.72
C TYR I 114 29.10 43.76 1.65
N VAL I 115 29.18 43.01 0.55
CA VAL I 115 28.42 41.76 0.44
C VAL I 115 29.01 40.69 1.36
N SER I 116 30.34 40.57 1.40
CA SER I 116 30.94 39.67 2.38
C SER I 116 30.61 40.09 3.80
N ARG I 117 30.62 41.41 4.09
CA ARG I 117 30.21 41.85 5.42
C ARG I 117 28.80 41.38 5.74
N ASP I 118 27.86 41.52 4.80
CA ASP I 118 26.48 41.13 5.06
C ASP I 118 26.36 39.65 5.37
N LEU I 119 27.11 38.82 4.65
CA LEU I 119 27.12 37.39 4.94
C LEU I 119 27.63 37.13 6.34
N LEU I 120 28.74 37.74 6.70
CA LEU I 120 29.31 37.52 8.02
C LEU I 120 28.42 38.05 9.12
N LYS I 121 27.70 39.15 8.89
CA LYS I 121 26.77 39.66 9.90
C LYS I 121 25.64 38.65 10.13
N ASP I 122 25.14 38.06 9.07
CA ASP I 122 24.10 37.04 9.20
C ASP I 122 24.61 35.86 10.01
N ILE I 123 25.83 35.41 9.72
CA ILE I 123 26.41 34.32 10.50
C ILE I 123 26.60 34.74 11.94
N LEU I 124 27.05 35.98 12.18
CA LEU I 124 27.20 36.47 13.54
C LEU I 124 25.87 36.47 14.31
N GLU I 125 24.77 36.87 13.65
CA GLU I 125 23.46 36.79 14.29
C GLU I 125 23.12 35.37 14.71
N SER I 126 23.39 34.38 13.84
CA SER I 126 23.18 32.99 14.19
CA SER I 126 23.18 32.99 14.20
C SER I 126 24.06 32.56 15.37
N GLU I 127 25.34 32.97 15.37
CA GLU I 127 26.22 32.56 16.46
C GLU I 127 25.82 33.21 17.78
N GLU I 128 25.35 34.48 17.74
CA GLU I 128 24.89 35.08 18.99
C GLU I 128 23.62 34.40 19.50
N GLU I 129 22.74 33.95 18.60
CA GLU I 129 21.60 33.14 19.04
C GLU I 129 22.07 31.88 19.73
N HIS I 130 23.10 31.23 19.20
CA HIS I 130 23.61 30.03 19.86
C HIS I 130 24.19 30.36 21.23
N ILE I 131 24.93 31.47 21.35
CA ILE I 131 25.42 31.88 22.66
C ILE I 131 24.26 32.08 23.62
N ASP I 132 23.20 32.74 23.17
CA ASP I 132 22.01 32.93 24.01
C ASP I 132 21.47 31.57 24.50
N TYR I 133 21.32 30.62 23.59
CA TYR I 133 20.87 29.28 23.99
C TYR I 133 21.79 28.68 25.05
N LEU I 134 23.11 28.74 24.83
CA LEU I 134 24.06 28.08 25.73
C LEU I 134 24.07 28.73 27.11
N GLU I 135 24.12 30.07 27.16
CA GLU I 135 24.07 30.77 28.44
C GLU I 135 22.79 30.42 29.19
N THR I 136 21.68 30.33 28.45
CA THR I 136 20.41 29.99 29.07
C THR I 136 20.44 28.58 29.65
N GLN I 137 21.02 27.61 28.91
CA GLN I 137 21.06 26.25 29.44
C GLN I 137 21.91 26.19 30.71
N LEU I 138 23.06 26.85 30.71
CA LEU I 138 23.91 26.84 31.90
C LEU I 138 23.20 27.48 33.08
N GLY I 139 22.45 28.56 32.83
CA GLY I 139 21.67 29.17 33.89
C GLY I 139 20.55 28.29 34.40
N LEU I 140 19.88 27.56 33.51
CA LEU I 140 18.81 26.66 33.93
C LEU I 140 19.34 25.54 34.80
N ILE I 141 20.54 25.02 34.49
CA ILE I 141 21.13 23.99 35.35
C ILE I 141 21.23 24.50 36.77
N GLN I 142 21.60 25.77 36.94
CA GLN I 142 21.68 26.35 38.28
C GLN I 142 20.30 26.54 38.92
N LYS I 143 19.29 26.90 38.13
CA LYS I 143 17.98 27.19 38.69
C LYS I 143 17.16 25.94 39.00
N VAL I 144 17.24 24.89 38.18
CA VAL I 144 16.40 23.72 38.38
C VAL I 144 17.17 22.54 38.95
N GLY I 145 18.49 22.62 39.01
CA GLY I 145 19.37 21.54 39.41
C GLY I 145 19.70 20.63 38.24
N LEU I 146 20.86 19.99 38.32
CA LEU I 146 21.34 19.19 37.19
C LEU I 146 20.42 18.00 36.91
N GLU I 147 19.96 17.31 37.96
CA GLU I 147 19.13 16.12 37.72
C GLU I 147 17.83 16.49 37.01
N ASN I 148 17.17 17.57 37.44
CA ASN I 148 15.97 18.02 36.73
C ASN I 148 16.30 18.48 35.32
N TYR I 149 17.41 19.20 35.16
CA TYR I 149 17.76 19.70 33.83
C TYR I 149 17.92 18.52 32.86
N LEU I 150 18.64 17.50 33.28
CA LEU I 150 18.81 16.32 32.42
C LEU I 150 17.47 15.60 32.21
N GLN I 151 16.67 15.47 33.27
CA GLN I 151 15.35 14.85 33.13
C GLN I 151 14.54 15.53 32.03
N SER I 152 14.54 16.86 32.01
CA SER I 152 13.76 17.61 31.04
C SER I 152 14.27 17.44 29.62
N HIS I 153 15.45 16.84 29.43
CA HIS I 153 16.03 16.68 28.11
C HIS I 153 16.12 15.20 27.70
N MET I 154 15.41 14.32 28.40
CA MET I 154 15.35 12.90 28.01
C MET I 154 14.49 12.72 26.77
N HIS I 155 13.31 13.32 26.75
CA HIS I 155 12.32 13.04 25.71
C HIS I 155 12.16 14.24 24.80
N GLU I 156 12.07 13.98 23.50
CA GLU I 156 11.85 15.03 22.52
C GLU I 156 10.41 15.50 22.54
N MET J 1 -63.55 -3.89 5.55
CA MET J 1 -64.38 -4.23 4.38
C MET J 1 -64.77 -5.71 4.54
N LYS J 2 -66.06 -6.04 4.54
CA LYS J 2 -66.44 -7.41 4.89
C LYS J 2 -66.09 -8.37 3.77
N GLY J 3 -65.24 -9.34 4.05
CA GLY J 3 -64.83 -10.28 3.04
C GLY J 3 -65.72 -11.51 3.01
N ASP J 4 -65.58 -12.28 1.93
CA ASP J 4 -66.22 -13.58 1.80
C ASP J 4 -65.69 -14.55 2.87
N LYS J 5 -66.62 -15.24 3.55
CA LYS J 5 -66.20 -16.09 4.66
C LYS J 5 -65.28 -17.21 4.21
N LYS J 6 -65.59 -17.84 3.07
CA LYS J 6 -64.75 -18.92 2.56
C LYS J 6 -63.40 -18.39 2.05
N VAL J 7 -63.36 -17.19 1.47
CA VAL J 7 -62.06 -16.59 1.16
C VAL J 7 -61.20 -16.50 2.42
N ILE J 8 -61.77 -15.96 3.51
CA ILE J 8 -61.00 -15.82 4.74
C ILE J 8 -60.55 -17.17 5.26
N GLN J 9 -61.39 -18.22 5.14
CA GLN J 9 -60.97 -19.55 5.52
C GLN J 9 -59.78 -20.02 4.69
N HIS J 10 -59.81 -19.76 3.38
CA HIS J 10 -58.67 -20.14 2.54
C HIS J 10 -57.43 -19.35 2.95
N LEU J 11 -57.58 -18.04 3.17
CA LEU J 11 -56.41 -17.24 3.58
C LEU J 11 -55.82 -17.75 4.89
N ASN J 12 -56.67 -18.17 5.84
CA ASN J 12 -56.14 -18.74 7.09
C ASN J 12 -55.46 -20.07 6.87
N LYS J 13 -55.93 -20.86 5.90
CA LYS J 13 -55.28 -22.12 5.60
C LYS J 13 -53.89 -21.86 5.02
N ILE J 14 -53.81 -20.90 4.10
CA ILE J 14 -52.51 -20.53 3.53
C ILE J 14 -51.60 -20.00 4.64
N LEU J 15 -52.13 -19.12 5.49
CA LEU J 15 -51.36 -18.61 6.63
C LEU J 15 -50.84 -19.75 7.48
N GLY J 16 -51.69 -20.72 7.79
CA GLY J 16 -51.24 -21.88 8.54
C GLY J 16 -50.06 -22.59 7.88
N ASN J 17 -50.11 -22.75 6.55
CA ASN J 17 -48.98 -23.37 5.86
C ASN J 17 -47.71 -22.52 5.99
N GLU J 18 -47.83 -21.19 5.87
CA GLU J 18 -46.67 -20.30 6.01
C GLU J 18 -46.08 -20.37 7.41
N LEU J 19 -46.93 -20.51 8.44
CA LEU J 19 -46.44 -20.60 9.81
C LEU J 19 -45.64 -21.87 10.05
N ILE J 20 -46.08 -23.00 9.48
CA ILE J 20 -45.26 -24.22 9.54
C ILE J 20 -43.92 -23.96 8.90
N ALA J 21 -43.94 -23.39 7.71
CA ALA J 21 -42.72 -23.20 6.93
C ALA J 21 -41.74 -22.28 7.64
N ILE J 22 -42.24 -21.18 8.24
CA ILE J 22 -41.35 -20.30 9.00
C ILE J 22 -40.53 -21.12 9.98
N ASN J 23 -41.19 -21.97 10.78
CA ASN J 23 -40.50 -22.66 11.86
C ASN J 23 -39.63 -23.79 11.32
N GLN J 24 -40.15 -24.55 10.35
CA GLN J 24 -39.37 -25.62 9.75
C GLN J 24 -38.10 -25.08 9.12
N TYR J 25 -38.22 -24.00 8.35
CA TYR J 25 -37.04 -23.45 7.68
C TYR J 25 -36.09 -22.82 8.69
N PHE J 26 -36.61 -22.16 9.74
CA PHE J 26 -35.71 -21.57 10.71
C PHE J 26 -34.92 -22.63 11.45
N LEU J 27 -35.59 -23.73 11.84
CA LEU J 27 -34.87 -24.80 12.53
C LEU J 27 -33.86 -25.47 11.60
N HIS J 28 -34.24 -25.75 10.35
CA HIS J 28 -33.30 -26.31 9.39
C HIS J 28 -32.08 -25.39 9.21
N SER J 29 -32.33 -24.08 9.12
CA SER J 29 -31.22 -23.13 9.01
C SER J 29 -30.24 -23.26 10.17
N ARG J 30 -30.76 -23.30 11.40
CA ARG J 30 -29.89 -23.31 12.56
C ARG J 30 -29.23 -24.68 12.75
N MET J 31 -29.88 -25.77 12.33
CA MET J 31 -29.20 -27.06 12.27
C MET J 31 -28.01 -27.01 11.33
N TRP J 32 -28.22 -26.51 10.12
CA TRP J 32 -27.13 -26.42 9.16
C TRP J 32 -25.99 -25.54 9.69
N ASN J 33 -26.32 -24.44 10.37
CA ASN J 33 -25.27 -23.61 10.94
C ASN J 33 -24.49 -24.37 12.01
N ASP J 34 -25.20 -25.09 12.87
CA ASP J 34 -24.56 -25.86 13.94
C ASP J 34 -23.62 -26.90 13.36
N TRP J 35 -23.96 -27.45 12.21
CA TRP J 35 -23.12 -28.46 11.55
C TRP J 35 -21.98 -27.86 10.74
N GLY J 36 -21.86 -26.55 10.67
CA GLY J 36 -20.82 -25.91 9.88
C GLY J 36 -21.14 -25.77 8.43
N LEU J 37 -22.39 -25.98 8.03
CA LEU J 37 -22.83 -25.81 6.65
C LEU J 37 -23.48 -24.44 6.50
N LYS J 38 -22.63 -23.41 6.62
CA LYS J 38 -23.13 -22.06 6.82
C LYS J 38 -23.76 -21.49 5.57
N ARG J 39 -23.37 -21.94 4.37
CA ARG J 39 -24.04 -21.41 3.18
C ARG J 39 -25.47 -21.92 3.10
N LEU J 40 -25.69 -23.20 3.44
CA LEU J 40 -27.06 -23.71 3.53
C LEU J 40 -27.82 -23.00 4.63
N GLY J 41 -27.18 -22.80 5.77
CA GLY J 41 -27.85 -22.15 6.88
C GLY J 41 -28.31 -20.76 6.51
N ALA J 42 -27.46 -20.00 5.81
CA ALA J 42 -27.83 -18.65 5.42
C ALA J 42 -28.96 -18.64 4.41
N HIS J 43 -28.89 -19.53 3.41
CA HIS J 43 -29.94 -19.55 2.41
C HIS J 43 -31.27 -19.93 3.02
N GLU J 44 -31.26 -20.94 3.91
CA GLU J 44 -32.48 -21.39 4.57
C GLU J 44 -33.02 -20.32 5.51
N TYR J 45 -32.14 -19.54 6.12
CA TYR J 45 -32.59 -18.39 6.92
C TYR J 45 -33.37 -17.42 6.07
N HIS J 46 -32.86 -17.09 4.89
CA HIS J 46 -33.57 -16.17 4.02
C HIS J 46 -34.90 -16.76 3.53
N GLU J 47 -34.97 -18.07 3.31
CA GLU J 47 -36.25 -18.70 3.01
C GLU J 47 -37.25 -18.52 4.15
N SER J 48 -36.80 -18.69 5.39
CA SER J 48 -37.68 -18.49 6.54
C SER J 48 -38.17 -17.04 6.60
N ILE J 49 -37.27 -16.07 6.42
CA ILE J 49 -37.67 -14.65 6.40
C ILE J 49 -38.70 -14.41 5.31
N ASP J 50 -38.52 -15.00 4.12
CA ASP J 50 -39.47 -14.77 3.04
C ASP J 50 -40.86 -15.25 3.45
N GLU J 51 -40.94 -16.40 4.12
CA GLU J 51 -42.23 -16.92 4.58
C GLU J 51 -42.83 -16.01 5.65
N MET J 52 -41.98 -15.44 6.51
CA MET J 52 -42.45 -14.47 7.49
C MET J 52 -43.09 -13.28 6.80
N LYS J 53 -42.49 -12.80 5.70
CA LYS J 53 -43.08 -11.67 5.00
C LYS J 53 -44.43 -12.04 4.37
N HIS J 54 -44.55 -13.25 3.82
CA HIS J 54 -45.84 -13.67 3.27
C HIS J 54 -46.89 -13.76 4.37
N ALA J 55 -46.51 -14.33 5.51
CA ALA J 55 -47.44 -14.44 6.63
C ALA J 55 -47.93 -13.08 7.06
N ASP J 56 -47.02 -12.10 7.11
CA ASP J 56 -47.42 -10.72 7.42
C ASP J 56 -48.51 -10.24 6.45
N LYS J 57 -48.27 -10.39 5.16
CA LYS J 57 -49.24 -9.89 4.18
C LYS J 57 -50.58 -10.60 4.32
N LEU J 58 -50.57 -11.91 4.60
CA LEU J 58 -51.84 -12.63 4.78
C LEU J 58 -52.58 -12.13 6.01
N ILE J 59 -51.86 -11.92 7.12
CA ILE J 59 -52.47 -11.41 8.35
C ILE J 59 -53.11 -10.06 8.07
N GLU J 60 -52.39 -9.18 7.37
CA GLU J 60 -52.91 -7.86 7.07
C GLU J 60 -54.17 -7.94 6.22
N ARG J 61 -54.18 -8.81 5.22
CA ARG J 61 -55.34 -8.95 4.34
C ARG J 61 -56.54 -9.50 5.10
N ILE J 62 -56.32 -10.51 5.96
CA ILE J 62 -57.40 -11.10 6.73
C ILE J 62 -58.04 -10.04 7.63
N LEU J 63 -57.20 -9.26 8.33
CA LEU J 63 -57.73 -8.20 9.19
C LEU J 63 -58.52 -7.17 8.39
N PHE J 64 -58.02 -6.77 7.21
CA PHE J 64 -58.75 -5.80 6.39
C PHE J 64 -60.14 -6.33 6.03
N LEU J 65 -60.22 -7.62 5.74
CA LEU J 65 -61.45 -8.31 5.37
C LEU J 65 -62.32 -8.67 6.58
N GLU J 66 -61.93 -8.16 7.76
CA GLU J 66 -62.69 -8.30 9.01
C GLU J 66 -62.78 -9.74 9.47
N GLY J 67 -61.73 -10.51 9.20
CA GLY J 67 -61.58 -11.84 9.74
C GLY J 67 -60.56 -11.86 10.87
N LEU J 68 -60.44 -13.03 11.49
CA LEU J 68 -59.46 -13.26 12.55
C LEU J 68 -58.31 -14.13 12.04
N PRO J 69 -57.10 -13.59 11.95
CA PRO J 69 -55.96 -14.42 11.52
C PRO J 69 -55.64 -15.45 12.58
N ASN J 70 -55.51 -16.71 12.16
CA ASN J 70 -55.23 -17.80 13.08
C ASN J 70 -53.72 -18.01 13.17
N LEU J 71 -53.11 -17.49 14.24
CA LEU J 71 -51.72 -17.75 14.57
C LEU J 71 -51.57 -18.77 15.69
N GLN J 72 -52.66 -19.42 16.10
CA GLN J 72 -52.64 -20.32 17.24
C GLN J 72 -52.40 -21.77 16.84
N ASP J 73 -52.93 -22.16 15.71
CA ASP J 73 -52.89 -23.54 15.28
C ASP J 73 -51.63 -23.70 14.44
N LEU J 74 -50.76 -24.58 14.88
CA LEU J 74 -49.53 -24.85 14.17
C LEU J 74 -49.54 -26.31 13.77
N GLY J 75 -49.49 -26.56 12.47
CA GLY J 75 -49.46 -27.91 11.95
C GLY J 75 -48.10 -28.55 12.10
N LYS J 76 -47.98 -29.74 11.48
CA LYS J 76 -46.82 -30.60 11.72
C LYS J 76 -45.60 -30.11 10.97
N LEU J 77 -44.52 -29.84 11.70
CA LEU J 77 -43.24 -29.53 11.06
C LEU J 77 -42.63 -30.81 10.50
N LEU J 78 -42.03 -30.70 9.30
CA LEU J 78 -41.34 -31.83 8.66
C LEU J 78 -39.83 -31.58 8.81
N ILE J 79 -39.22 -32.20 9.82
CA ILE J 79 -37.83 -31.91 10.17
C ILE J 79 -36.99 -33.09 9.72
N GLY J 80 -36.00 -32.84 8.90
CA GLY J 80 -35.11 -33.91 8.48
C GLY J 80 -33.97 -34.16 9.47
N GLU J 81 -33.27 -35.29 9.27
CA GLU J 81 -32.13 -35.67 10.10
C GLU J 81 -30.80 -35.56 9.39
N ASN J 82 -30.81 -35.18 8.10
CA ASN J 82 -29.59 -34.90 7.36
C ASN J 82 -29.97 -33.97 6.20
N THR J 83 -28.94 -33.47 5.50
CA THR J 83 -29.18 -32.46 4.48
C THR J 83 -30.16 -32.95 3.41
N GLN J 84 -29.98 -34.19 2.98
CA GLN J 84 -30.87 -34.73 1.95
C GLN J 84 -32.32 -34.68 2.41
N GLU J 85 -32.56 -35.16 3.64
CA GLU J 85 -33.91 -35.22 4.17
C GLU J 85 -34.48 -33.83 4.41
N MET J 86 -33.65 -32.89 4.88
CA MET J 86 -34.16 -31.56 5.17
C MET J 86 -34.65 -30.89 3.89
N LEU J 87 -33.88 -31.00 2.81
CA LEU J 87 -34.31 -30.43 1.54
C LEU J 87 -35.59 -31.10 1.05
N GLN J 88 -35.68 -32.44 1.15
CA GLN J 88 -36.90 -33.10 0.69
C GLN J 88 -38.10 -32.74 1.57
N CYS J 89 -37.89 -32.56 2.89
CA CYS J 89 -38.96 -32.12 3.77
C CYS J 89 -39.47 -30.74 3.37
N ASP J 90 -38.56 -29.81 3.06
CA ASP J 90 -38.97 -28.51 2.57
C ASP J 90 -39.76 -28.67 1.27
N LEU J 91 -39.29 -29.53 0.36
CA LEU J 91 -39.96 -29.68 -0.91
C LEU J 91 -41.35 -30.30 -0.73
N ASN J 92 -41.47 -31.29 0.16
CA ASN J 92 -42.78 -31.86 0.46
C ASN J 92 -43.74 -30.80 0.99
N LEU J 93 -43.28 -29.95 1.89
CA LEU J 93 -44.13 -28.89 2.42
C LEU J 93 -44.52 -27.90 1.33
N GLU J 94 -43.57 -27.52 0.46
CA GLU J 94 -43.87 -26.54 -0.60
C GLU J 94 -44.90 -27.09 -1.57
N LEU J 95 -44.84 -28.39 -1.87
CA LEU J 95 -45.81 -28.95 -2.80
C LEU J 95 -47.21 -28.94 -2.21
N LYS J 96 -47.34 -29.19 -0.91
CA LYS J 96 -48.63 -29.04 -0.27
C LYS J 96 -49.09 -27.58 -0.29
N ALA J 97 -48.15 -26.66 -0.06
CA ALA J 97 -48.47 -25.24 -0.04
C ALA J 97 -49.01 -24.76 -1.38
N THR J 98 -48.40 -25.21 -2.48
CA THR J 98 -48.83 -24.71 -3.78
C THR J 98 -50.17 -25.32 -4.17
N LYS J 99 -50.44 -26.55 -3.76
CA LYS J 99 -51.77 -27.13 -3.96
C LYS J 99 -52.83 -26.27 -3.28
N ASP J 100 -52.59 -25.91 -2.03
CA ASP J 100 -53.58 -25.12 -1.30
C ASP J 100 -53.71 -23.72 -1.89
N LEU J 101 -52.60 -23.14 -2.36
CA LEU J 101 -52.68 -21.81 -2.99
C LEU J 101 -53.56 -21.86 -4.24
N ARG J 102 -53.41 -22.90 -5.06
CA ARG J 102 -54.19 -22.99 -6.28
C ARG J 102 -55.68 -23.08 -5.96
N GLU J 103 -56.03 -23.88 -4.94
CA GLU J 103 -57.43 -24.00 -4.56
C GLU J 103 -57.99 -22.72 -3.98
N ALA J 104 -57.17 -21.95 -3.27
CA ALA J 104 -57.59 -20.65 -2.76
C ALA J 104 -57.82 -19.66 -3.90
N ILE J 105 -56.94 -19.66 -4.92
CA ILE J 105 -57.09 -18.72 -6.04
C ILE J 105 -58.37 -19.04 -6.81
N VAL J 106 -58.68 -20.33 -7.01
CA VAL J 106 -59.92 -20.72 -7.67
C VAL J 106 -61.11 -20.06 -6.98
N HIS J 107 -61.15 -20.14 -5.65
CA HIS J 107 -62.29 -19.60 -4.93
C HIS J 107 -62.32 -18.08 -4.97
N CYS J 108 -61.15 -17.43 -4.81
CA CYS J 108 -61.13 -15.97 -4.92
C CYS J 108 -61.69 -15.51 -6.25
N GLU J 109 -61.31 -16.20 -7.33
CA GLU J 109 -61.79 -15.83 -8.65
C GLU J 109 -63.30 -16.01 -8.75
N GLN J 110 -63.80 -17.09 -8.17
CA GLN J 110 -65.24 -17.38 -8.23
C GLN J 110 -66.07 -16.29 -7.58
N VAL J 111 -65.61 -15.70 -6.48
CA VAL J 111 -66.38 -14.69 -5.76
C VAL J 111 -65.86 -13.28 -6.03
N HIS J 112 -64.98 -13.13 -7.01
CA HIS J 112 -64.53 -11.81 -7.51
C HIS J 112 -63.69 -11.05 -6.50
N ASP J 113 -62.98 -11.77 -5.62
CA ASP J 113 -62.01 -11.12 -4.71
C ASP J 113 -60.68 -11.10 -5.44
N TYR J 114 -60.58 -10.19 -6.39
CA TYR J 114 -59.44 -10.16 -7.30
C TYR J 114 -58.16 -9.66 -6.61
N VAL J 115 -58.30 -8.85 -5.55
CA VAL J 115 -57.11 -8.38 -4.84
C VAL J 115 -56.52 -9.51 -4.00
N SER J 116 -57.37 -10.30 -3.32
CA SER J 116 -56.86 -11.47 -2.63
C SER J 116 -56.22 -12.45 -3.63
N ARG J 117 -56.81 -12.60 -4.81
CA ARG J 117 -56.21 -13.50 -5.79
C ARG J 117 -54.82 -13.02 -6.17
N ASP J 118 -54.66 -11.71 -6.38
CA ASP J 118 -53.36 -11.16 -6.78
C ASP J 118 -52.31 -11.39 -5.70
N LEU J 119 -52.71 -11.27 -4.43
CA LEU J 119 -51.78 -11.53 -3.32
C LEU J 119 -51.35 -12.98 -3.33
N LEU J 120 -52.31 -13.88 -3.49
CA LEU J 120 -52.01 -15.30 -3.49
C LEU J 120 -51.15 -15.69 -4.68
N LYS J 121 -51.38 -15.05 -5.83
CA LYS J 121 -50.57 -15.33 -7.01
C LYS J 121 -49.12 -14.93 -6.77
N ASP J 122 -48.90 -13.77 -6.14
CA ASP J 122 -47.54 -13.36 -5.80
C ASP J 122 -46.88 -14.36 -4.85
N ILE J 123 -47.62 -14.83 -3.84
CA ILE J 123 -47.07 -15.81 -2.92
C ILE J 123 -46.76 -17.11 -3.66
N LEU J 124 -47.66 -17.52 -4.55
CA LEU J 124 -47.44 -18.73 -5.37
C LEU J 124 -46.17 -18.61 -6.21
N GLU J 125 -45.91 -17.41 -6.77
CA GLU J 125 -44.69 -17.21 -7.52
C GLU J 125 -43.46 -17.44 -6.63
N SER J 126 -43.49 -16.90 -5.42
CA SER J 126 -42.38 -17.11 -4.49
CA SER J 126 -42.39 -17.11 -4.47
C SER J 126 -42.21 -18.59 -4.16
N GLU J 127 -43.34 -19.28 -3.91
CA GLU J 127 -43.23 -20.69 -3.54
C GLU J 127 -42.70 -21.52 -4.70
N GLU J 128 -43.10 -21.21 -5.95
CA GLU J 128 -42.53 -21.95 -7.09
C GLU J 128 -41.03 -21.65 -7.24
N GLU J 129 -40.59 -20.43 -6.94
CA GLU J 129 -39.16 -20.16 -6.90
C GLU J 129 -38.46 -21.02 -5.87
N HIS J 130 -39.09 -21.21 -4.71
CA HIS J 130 -38.50 -22.08 -3.69
C HIS J 130 -38.46 -23.53 -4.17
N ILE J 131 -39.50 -24.02 -4.83
CA ILE J 131 -39.48 -25.37 -5.39
C ILE J 131 -38.34 -25.52 -6.39
N ASP J 132 -38.15 -24.51 -7.26
CA ASP J 132 -37.04 -24.53 -8.21
C ASP J 132 -35.71 -24.68 -7.46
N TYR J 133 -35.49 -23.89 -6.41
CA TYR J 133 -34.25 -23.98 -5.65
C TYR J 133 -34.08 -25.38 -5.08
N LEU J 134 -35.14 -25.91 -4.49
CA LEU J 134 -35.05 -27.21 -3.82
C LEU J 134 -34.79 -28.34 -4.80
N GLU J 135 -35.57 -28.39 -5.90
CA GLU J 135 -35.33 -29.41 -6.92
C GLU J 135 -33.90 -29.33 -7.47
N THR J 136 -33.41 -28.10 -7.63
CA THR J 136 -32.06 -27.91 -8.13
C THR J 136 -31.03 -28.44 -7.13
N GLN J 137 -31.24 -28.18 -5.83
CA GLN J 137 -30.28 -28.66 -4.85
C GLN J 137 -30.24 -30.17 -4.84
N LEU J 138 -31.41 -30.81 -4.90
CA LEU J 138 -31.43 -32.26 -4.90
C LEU J 138 -30.77 -32.81 -6.16
N GLY J 139 -30.94 -32.13 -7.30
CA GLY J 139 -30.22 -32.53 -8.51
C GLY J 139 -28.72 -32.36 -8.38
N LEU J 140 -28.28 -31.26 -7.76
CA LEU J 140 -26.85 -31.04 -7.59
C LEU J 140 -26.22 -32.09 -6.69
N ILE J 141 -26.93 -32.52 -5.64
CA ILE J 141 -26.41 -33.61 -4.80
C ILE J 141 -26.12 -34.83 -5.66
N GLN J 142 -26.97 -35.11 -6.65
CA GLN J 142 -26.69 -36.21 -7.59
C GLN J 142 -25.49 -35.89 -8.48
N LYS J 143 -25.44 -34.69 -9.04
CA LYS J 143 -24.46 -34.41 -10.09
C LYS J 143 -23.05 -34.17 -9.55
N VAL J 144 -22.92 -33.53 -8.39
CA VAL J 144 -21.58 -33.28 -7.84
C VAL J 144 -21.23 -34.28 -6.73
N GLY J 145 -22.18 -35.10 -6.28
CA GLY J 145 -21.96 -36.05 -5.19
C GLY J 145 -22.18 -35.37 -3.86
N LEU J 146 -22.57 -36.16 -2.85
CA LEU J 146 -22.97 -35.56 -1.58
C LEU J 146 -21.79 -34.87 -0.89
N GLU J 147 -20.61 -35.49 -0.88
CA GLU J 147 -19.48 -34.89 -0.18
C GLU J 147 -19.12 -33.53 -0.77
N ASN J 148 -19.08 -33.43 -2.10
CA ASN J 148 -18.80 -32.14 -2.75
C ASN J 148 -19.92 -31.15 -2.48
N TYR J 149 -21.18 -31.59 -2.55
CA TYR J 149 -22.29 -30.68 -2.30
C TYR J 149 -22.16 -30.06 -0.91
N LEU J 150 -21.88 -30.90 0.09
CA LEU J 150 -21.75 -30.38 1.44
C LEU J 150 -20.53 -29.49 1.55
N GLN J 151 -19.43 -29.88 0.91
CA GLN J 151 -18.22 -29.08 0.91
C GLN J 151 -18.48 -27.66 0.39
N SER J 152 -19.25 -27.55 -0.70
CA SER J 152 -19.57 -26.29 -1.33
C SER J 152 -20.47 -25.42 -0.48
N HIS J 153 -21.04 -25.95 0.59
CA HIS J 153 -21.94 -25.19 1.43
C HIS J 153 -21.38 -24.96 2.82
N MET J 154 -20.07 -25.20 3.00
CA MET J 154 -19.44 -24.95 4.30
C MET J 154 -19.28 -23.46 4.53
N HIS J 155 -18.77 -22.76 3.53
CA HIS J 155 -18.35 -21.38 3.71
C HIS J 155 -19.31 -20.45 2.97
N GLU J 156 -19.65 -19.35 3.62
CA GLU J 156 -20.42 -18.29 2.99
C GLU J 156 -19.53 -17.44 2.09
N MET K 1 -5.45 -4.39 45.73
CA MET K 1 -6.60 -4.79 46.60
C MET K 1 -6.39 -6.26 46.97
N LYS K 2 -6.24 -6.57 48.25
CA LYS K 2 -5.84 -7.91 48.65
C LYS K 2 -6.93 -8.93 48.29
N GLY K 3 -6.59 -9.88 47.40
CA GLY K 3 -7.54 -10.89 46.98
C GLY K 3 -7.53 -12.13 47.88
N ASP K 4 -8.55 -12.93 47.71
CA ASP K 4 -8.65 -14.24 48.37
C ASP K 4 -7.56 -15.17 47.84
N LYS K 5 -6.84 -15.81 48.75
CA LYS K 5 -5.69 -16.63 48.36
C LYS K 5 -6.11 -17.72 47.40
N LYS K 6 -7.21 -18.38 47.69
CA LYS K 6 -7.64 -19.48 46.83
C LYS K 6 -8.16 -18.98 45.49
N VAL K 7 -8.78 -17.79 45.45
CA VAL K 7 -9.14 -17.21 44.16
C VAL K 7 -7.89 -17.05 43.31
N ILE K 8 -6.83 -16.49 43.89
CA ILE K 8 -5.61 -16.23 43.15
C ILE K 8 -5.02 -17.55 42.65
N GLN K 9 -5.06 -18.60 43.49
CA GLN K 9 -4.62 -19.93 43.07
C GLN K 9 -5.43 -20.42 41.87
N HIS K 10 -6.75 -20.24 41.91
CA HIS K 10 -7.57 -20.62 40.76
C HIS K 10 -7.19 -19.81 39.53
N LEU K 11 -6.98 -18.49 39.68
CA LEU K 11 -6.65 -17.67 38.53
C LEU K 11 -5.32 -18.11 37.91
N ASN K 12 -4.37 -18.49 38.76
CA ASN K 12 -3.09 -18.98 38.23
C ASN K 12 -3.24 -20.34 37.56
N LYS K 13 -4.14 -21.19 38.05
CA LYS K 13 -4.42 -22.45 37.37
C LYS K 13 -5.01 -22.20 35.98
N ILE K 14 -5.99 -21.29 35.87
CA ILE K 14 -6.56 -20.94 34.56
C ILE K 14 -5.51 -20.32 33.67
N LEU K 15 -4.69 -19.42 34.22
CA LEU K 15 -3.58 -18.86 33.46
C LEU K 15 -2.68 -19.97 32.92
N GLY K 16 -2.34 -20.93 33.78
CA GLY K 16 -1.53 -22.06 33.34
C GLY K 16 -2.14 -22.79 32.15
N ASN K 17 -3.44 -23.01 32.17
CA ASN K 17 -4.10 -23.65 31.03
C ASN K 17 -3.99 -22.79 29.79
N GLU K 18 -4.19 -21.47 29.93
CA GLU K 18 -4.10 -20.59 28.77
C GLU K 18 -2.69 -20.59 28.19
N LEU K 19 -1.68 -20.66 29.05
CA LEU K 19 -0.31 -20.67 28.53
C LEU K 19 -0.04 -21.92 27.71
N ILE K 20 -0.55 -23.08 28.12
CA ILE K 20 -0.43 -24.28 27.29
C ILE K 20 -1.09 -24.04 25.94
N ALA K 21 -2.32 -23.54 25.98
CA ALA K 21 -3.09 -23.35 24.76
C ALA K 21 -2.41 -22.39 23.80
N ILE K 22 -1.87 -21.27 24.31
CA ILE K 22 -1.15 -20.36 23.44
C ILE K 22 -0.13 -21.11 22.59
N ASN K 23 0.72 -21.88 23.25
CA ASN K 23 1.82 -22.55 22.55
C ASN K 23 1.33 -23.67 21.66
N GLN K 24 0.39 -24.47 22.16
CA GLN K 24 -0.17 -25.56 21.36
C GLN K 24 -0.83 -25.02 20.10
N TYR K 25 -1.68 -24.01 20.23
CA TYR K 25 -2.35 -23.47 19.05
C TYR K 25 -1.36 -22.78 18.14
N PHE K 26 -0.34 -22.10 18.70
CA PHE K 26 0.59 -21.43 17.81
C PHE K 26 1.35 -22.46 16.97
N LEU K 27 1.81 -23.55 17.59
CA LEU K 27 2.53 -24.58 16.85
C LEU K 27 1.62 -25.27 15.85
N HIS K 28 0.40 -25.60 16.24
CA HIS K 28 -0.51 -26.20 15.27
C HIS K 28 -0.74 -25.27 14.09
N SER K 29 -0.90 -23.96 14.35
CA SER K 29 -1.05 -22.98 13.29
C SER K 29 0.10 -23.04 12.29
N ARG K 30 1.33 -22.99 12.81
CA ARG K 30 2.49 -22.93 11.93
C ARG K 30 2.73 -24.27 11.23
N MET K 31 2.34 -25.38 11.85
CA MET K 31 2.37 -26.67 11.17
C MET K 31 1.42 -26.65 9.97
N TRP K 32 0.18 -26.21 10.20
CA TRP K 32 -0.76 -26.16 9.08
C TRP K 32 -0.28 -25.22 7.98
N ASN K 33 0.28 -24.05 8.33
CA ASN K 33 0.81 -23.17 7.30
C ASN K 33 1.93 -23.85 6.51
N ASP K 34 2.83 -24.54 7.21
CA ASP K 34 3.95 -25.23 6.54
C ASP K 34 3.45 -26.27 5.56
N TRP K 35 2.33 -26.92 5.89
CA TRP K 35 1.71 -27.94 5.04
C TRP K 35 0.87 -27.34 3.92
N GLY K 36 0.69 -26.04 3.88
CA GLY K 36 -0.11 -25.42 2.84
C GLY K 36 -1.57 -25.31 3.15
N LEU K 37 -1.97 -25.60 4.38
CA LEU K 37 -3.36 -25.51 4.80
C LEU K 37 -3.56 -24.16 5.50
N LYS K 38 -3.49 -23.11 4.68
CA LYS K 38 -3.38 -21.75 5.22
C LYS K 38 -4.66 -21.28 5.88
N ARG K 39 -5.83 -21.79 5.48
CA ARG K 39 -7.04 -21.35 6.17
C ARG K 39 -7.11 -21.93 7.57
N LEU K 40 -6.70 -23.17 7.76
CA LEU K 40 -6.54 -23.73 9.11
C LEU K 40 -5.44 -23.01 9.87
N GLY K 41 -4.32 -22.72 9.22
CA GLY K 41 -3.26 -21.99 9.88
C GLY K 41 -3.72 -20.65 10.41
N ALA K 42 -4.45 -19.90 9.59
CA ALA K 42 -4.91 -18.58 9.99
C ALA K 42 -5.89 -18.67 11.13
N HIS K 43 -6.86 -19.58 11.02
CA HIS K 43 -7.85 -19.70 12.08
C HIS K 43 -7.19 -20.07 13.40
N GLU K 44 -6.25 -21.02 13.35
CA GLU K 44 -5.59 -21.48 14.55
C GLU K 44 -4.70 -20.39 15.14
N TYR K 45 -4.11 -19.55 14.29
CA TYR K 45 -3.38 -18.38 14.77
C TYR K 45 -4.29 -17.46 15.55
N HIS K 46 -5.49 -17.19 15.03
CA HIS K 46 -6.40 -16.31 15.76
C HIS K 46 -6.84 -16.93 17.08
N GLU K 47 -6.97 -18.26 17.14
CA GLU K 47 -7.26 -18.91 18.42
C GLU K 47 -6.11 -18.71 19.41
N SER K 48 -4.88 -18.82 18.94
CA SER K 48 -3.73 -18.58 19.82
C SER K 48 -3.72 -17.14 20.36
N ILE K 49 -3.95 -16.17 19.47
CA ILE K 49 -4.03 -14.77 19.88
C ILE K 49 -5.11 -14.57 20.92
N ASP K 50 -6.28 -15.19 20.72
CA ASP K 50 -7.38 -15.04 21.68
C ASP K 50 -6.96 -15.54 23.06
N GLU K 51 -6.22 -16.66 23.12
CA GLU K 51 -5.72 -17.16 24.40
C GLU K 51 -4.70 -16.21 25.01
N MET K 52 -3.87 -15.58 24.17
CA MET K 52 -2.94 -14.57 24.65
C MET K 52 -3.68 -13.43 25.33
N LYS K 53 -4.80 -12.98 24.75
CA LYS K 53 -5.57 -11.91 25.34
C LYS K 53 -6.18 -12.33 26.66
N HIS K 54 -6.66 -13.57 26.75
CA HIS K 54 -7.20 -14.05 28.04
C HIS K 54 -6.10 -14.10 29.08
N ALA K 55 -4.92 -14.58 28.70
CA ALA K 55 -3.83 -14.66 29.66
C ALA K 55 -3.45 -13.28 30.17
N ASP K 56 -3.45 -12.28 29.27
CA ASP K 56 -3.17 -10.91 29.68
C ASP K 56 -4.15 -10.46 30.76
N LYS K 57 -5.45 -10.68 30.54
CA LYS K 57 -6.45 -10.24 31.50
C LYS K 57 -6.28 -10.96 32.84
N LEU K 58 -5.93 -12.25 32.81
CA LEU K 58 -5.69 -12.99 34.05
C LEU K 58 -4.49 -12.43 34.80
N ILE K 59 -3.39 -12.18 34.07
CA ILE K 59 -2.19 -11.60 34.69
C ILE K 59 -2.51 -10.27 35.36
N GLU K 60 -3.23 -9.41 34.64
CA GLU K 60 -3.60 -8.10 35.18
C GLU K 60 -4.48 -8.24 36.42
N ARG K 61 -5.42 -9.18 36.41
CA ARG K 61 -6.29 -9.37 37.57
C ARG K 61 -5.50 -9.89 38.77
N ILE K 62 -4.62 -10.88 38.55
CA ILE K 62 -3.82 -11.43 39.64
C ILE K 62 -2.98 -10.35 40.28
N LEU K 63 -2.34 -9.50 39.47
CA LEU K 63 -1.52 -8.42 40.03
C LEU K 63 -2.38 -7.42 40.81
N PHE K 64 -3.57 -7.10 40.29
CA PHE K 64 -4.45 -6.18 41.01
C PHE K 64 -4.80 -6.75 42.37
N LEU K 65 -5.02 -8.06 42.45
CA LEU K 65 -5.34 -8.75 43.69
C LEU K 65 -4.09 -9.04 44.54
N GLU K 66 -2.92 -8.55 44.14
CA GLU K 66 -1.68 -8.60 44.93
C GLU K 66 -1.11 -10.01 45.01
N GLY K 67 -1.40 -10.79 43.98
CA GLY K 67 -0.78 -12.09 43.80
C GLY K 67 0.34 -12.03 42.77
N LEU K 68 1.02 -13.17 42.63
CA LEU K 68 2.12 -13.33 41.69
C LEU K 68 1.65 -14.19 40.52
N PRO K 69 1.56 -13.63 39.31
CA PRO K 69 1.17 -14.46 38.16
C PRO K 69 2.27 -15.44 37.83
N ASN K 70 1.91 -16.70 37.64
CA ASN K 70 2.86 -17.78 37.38
C ASN K 70 2.95 -17.96 35.86
N LEU K 71 4.03 -17.41 35.28
CA LEU K 71 4.32 -17.62 33.86
C LEU K 71 5.46 -18.59 33.66
N GLN K 72 5.91 -19.24 34.75
CA GLN K 72 7.09 -20.07 34.72
C GLN K 72 6.76 -21.54 34.46
N ASP K 73 5.65 -22.02 35.01
CA ASP K 73 5.30 -23.42 34.89
C ASP K 73 4.46 -23.58 33.64
N LEU K 74 4.95 -24.40 32.72
CA LEU K 74 4.26 -24.70 31.48
C LEU K 74 3.94 -26.19 31.48
N GLY K 75 2.65 -26.51 31.44
CA GLY K 75 2.18 -27.89 31.38
C GLY K 75 2.37 -28.52 30.01
N LYS K 76 1.86 -29.75 29.88
CA LYS K 76 2.12 -30.57 28.71
C LYS K 76 1.33 -30.09 27.49
N LEU K 77 2.06 -29.75 26.42
CA LEU K 77 1.43 -29.47 25.14
C LEU K 77 0.92 -30.76 24.50
N LEU K 78 -0.29 -30.70 23.95
CA LEU K 78 -0.90 -31.82 23.23
C LEU K 78 -0.79 -31.54 21.73
N ILE K 79 0.25 -32.08 21.09
CA ILE K 79 0.56 -31.77 19.70
C ILE K 79 0.18 -32.96 18.83
N GLY K 80 -0.66 -32.73 17.83
CA GLY K 80 -1.05 -33.80 16.94
C GLY K 80 -0.05 -34.01 15.82
N GLU K 81 -0.18 -35.15 15.13
CA GLU K 81 0.68 -35.46 13.99
C GLU K 81 -0.04 -35.33 12.65
N ASN K 82 -1.34 -35.07 12.64
CA ASN K 82 -2.09 -34.82 11.42
C ASN K 82 -3.31 -33.99 11.83
N THR K 83 -4.05 -33.51 10.83
CA THR K 83 -5.11 -32.55 11.08
C THR K 83 -6.15 -33.07 12.07
N GLN K 84 -6.64 -34.30 11.85
CA GLN K 84 -7.63 -34.86 12.76
C GLN K 84 -7.10 -34.91 14.19
N GLU K 85 -5.85 -35.37 14.35
CA GLU K 85 -5.28 -35.48 15.67
C GLU K 85 -5.11 -34.11 16.31
N MET K 86 -4.69 -33.12 15.50
CA MET K 86 -4.46 -31.78 16.04
C MET K 86 -5.75 -31.17 16.54
N LEU K 87 -6.83 -31.30 15.76
CA LEU K 87 -8.13 -30.80 16.20
C LEU K 87 -8.58 -31.49 17.47
N GLN K 88 -8.40 -32.81 17.56
CA GLN K 88 -8.84 -33.52 18.75
C GLN K 88 -7.99 -33.16 19.96
N CYS K 89 -6.69 -32.92 19.77
CA CYS K 89 -5.82 -32.45 20.85
C CYS K 89 -6.29 -31.10 21.37
N ASP K 90 -6.65 -30.18 20.47
CA ASP K 90 -7.20 -28.90 20.90
C ASP K 90 -8.49 -29.09 21.69
N LEU K 91 -9.36 -29.99 21.23
CA LEU K 91 -10.62 -30.22 21.92
C LEU K 91 -10.38 -30.81 23.30
N ASN K 92 -9.45 -31.77 23.39
CA ASN K 92 -9.15 -32.36 24.70
C ASN K 92 -8.68 -31.29 25.67
N LEU K 93 -7.82 -30.37 25.20
CA LEU K 93 -7.35 -29.28 26.05
C LEU K 93 -8.49 -28.36 26.46
N GLU K 94 -9.37 -28.02 25.51
CA GLU K 94 -10.47 -27.11 25.82
C GLU K 94 -11.41 -27.70 26.86
N LEU K 95 -11.64 -29.02 26.81
CA LEU K 95 -12.57 -29.63 27.76
C LEU K 95 -11.99 -29.61 29.18
N LYS K 96 -10.69 -29.80 29.31
CA LYS K 96 -10.05 -29.64 30.61
C LYS K 96 -10.12 -28.19 31.07
N ALA K 97 -9.91 -27.25 30.15
CA ALA K 97 -9.95 -25.83 30.49
C ALA K 97 -11.31 -25.41 31.03
N THR K 98 -12.40 -25.90 30.42
CA THR K 98 -13.71 -25.45 30.86
C THR K 98 -14.07 -26.07 32.21
N LYS K 99 -13.64 -27.30 32.46
CA LYS K 99 -13.84 -27.89 33.78
C LYS K 99 -13.19 -27.02 34.86
N ASP K 100 -11.96 -26.59 34.63
CA ASP K 100 -11.24 -25.77 35.59
C ASP K 100 -11.89 -24.39 35.76
N LEU K 101 -12.42 -23.83 34.68
CA LEU K 101 -13.09 -22.54 34.76
C LEU K 101 -14.34 -22.63 35.62
N ARG K 102 -15.12 -23.70 35.46
CA ARG K 102 -16.33 -23.85 36.27
C ARG K 102 -15.98 -23.97 37.75
N GLU K 103 -14.95 -24.75 38.08
CA GLU K 103 -14.59 -24.88 39.50
C GLU K 103 -14.11 -23.56 40.06
N ALA K 104 -13.39 -22.78 39.27
CA ALA K 104 -12.94 -21.46 39.71
C ALA K 104 -14.12 -20.52 39.93
N ILE K 105 -15.10 -20.56 39.03
CA ILE K 105 -16.27 -19.69 39.20
C ILE K 105 -17.01 -20.02 40.48
N VAL K 106 -17.22 -21.32 40.75
CA VAL K 106 -17.86 -21.74 42.00
C VAL K 106 -17.19 -21.06 43.19
N HIS K 107 -15.86 -21.09 43.23
CA HIS K 107 -15.16 -20.53 44.38
C HIS K 107 -15.28 -19.02 44.44
N CYS K 108 -15.14 -18.33 43.29
CA CYS K 108 -15.31 -16.88 43.28
C CYS K 108 -16.66 -16.50 43.82
N GLU K 109 -17.71 -17.22 43.41
CA GLU K 109 -19.04 -16.93 43.93
C GLU K 109 -19.09 -17.08 45.44
N GLN K 110 -18.50 -18.16 45.96
CA GLN K 110 -18.58 -18.45 47.39
C GLN K 110 -17.93 -17.36 48.24
N VAL K 111 -16.85 -16.73 47.75
CA VAL K 111 -16.16 -15.72 48.53
C VAL K 111 -16.49 -14.31 48.05
N HIS K 112 -17.47 -14.18 47.16
CA HIS K 112 -18.03 -12.89 46.74
C HIS K 112 -17.08 -12.09 45.86
N ASP K 113 -16.18 -12.77 45.14
CA ASP K 113 -15.31 -12.08 44.19
C ASP K 113 -16.04 -12.08 42.85
N TYR K 114 -17.02 -11.19 42.74
CA TYR K 114 -17.92 -11.19 41.59
C TYR K 114 -17.25 -10.67 40.34
N VAL K 115 -16.26 -9.79 40.49
CA VAL K 115 -15.53 -9.29 39.32
C VAL K 115 -14.64 -10.38 38.75
N SER K 116 -13.97 -11.16 39.60
CA SER K 116 -13.19 -12.28 39.06
C SER K 116 -14.12 -13.30 38.40
N ARG K 117 -15.28 -13.56 39.01
CA ARG K 117 -16.25 -14.45 38.37
C ARG K 117 -16.62 -13.96 36.98
N ASP K 118 -16.86 -12.65 36.82
CA ASP K 118 -17.30 -12.11 35.54
C ASP K 118 -16.21 -12.28 34.48
N LEU K 119 -14.96 -12.08 34.86
CA LEU K 119 -13.84 -12.32 33.95
C LEU K 119 -13.78 -13.76 33.51
N LEU K 120 -13.90 -14.68 34.47
CA LEU K 120 -13.86 -16.09 34.14
C LEU K 120 -15.05 -16.52 33.29
N LYS K 121 -16.24 -15.94 33.52
CA LYS K 121 -17.40 -16.26 32.70
C LYS K 121 -17.16 -15.83 31.25
N ASP K 122 -16.58 -14.65 31.04
CA ASP K 122 -16.27 -14.19 29.69
C ASP K 122 -15.27 -15.12 29.03
N ILE K 123 -14.25 -15.56 29.77
CA ILE K 123 -13.30 -16.51 29.21
C ILE K 123 -14.00 -17.83 28.89
N LEU K 124 -14.87 -18.30 29.79
CA LEU K 124 -15.63 -19.53 29.55
C LEU K 124 -16.48 -19.42 28.28
N GLU K 125 -17.08 -18.26 28.03
CA GLU K 125 -17.84 -18.08 26.79
C GLU K 125 -16.95 -18.24 25.58
N SER K 126 -15.75 -17.66 25.62
CA SER K 126 -14.79 -17.83 24.53
CA SER K 126 -14.79 -17.83 24.53
C SER K 126 -14.39 -19.29 24.34
N GLU K 127 -14.14 -19.98 25.44
CA GLU K 127 -13.70 -21.37 25.30
C GLU K 127 -14.84 -22.25 24.79
N GLU K 128 -16.10 -22.01 25.21
CA GLU K 128 -17.19 -22.80 24.62
C GLU K 128 -17.35 -22.50 23.13
N GLU K 129 -17.11 -21.26 22.70
CA GLU K 129 -17.12 -20.98 21.27
C GLU K 129 -16.05 -21.78 20.56
N HIS K 130 -14.89 -21.97 21.20
CA HIS K 130 -13.84 -22.75 20.56
C HIS K 130 -14.22 -24.21 20.49
N ILE K 131 -14.83 -24.74 21.55
CA ILE K 131 -15.34 -26.11 21.52
C ILE K 131 -16.33 -26.28 20.38
N ASP K 132 -17.25 -25.31 20.20
CA ASP K 132 -18.19 -25.38 19.09
C ASP K 132 -17.46 -25.47 17.76
N TYR K 133 -16.44 -24.64 17.56
CA TYR K 133 -15.68 -24.69 16.32
C TYR K 133 -15.04 -26.07 16.14
N LEU K 134 -14.42 -26.59 17.19
CA LEU K 134 -13.67 -27.84 17.07
C LEU K 134 -14.59 -29.02 16.80
N GLU K 135 -15.70 -29.12 17.55
CA GLU K 135 -16.67 -30.19 17.31
C GLU K 135 -17.22 -30.12 15.90
N THR K 136 -17.44 -28.91 15.40
CA THR K 136 -17.97 -28.71 14.07
C THR K 136 -16.97 -29.16 13.01
N GLN K 137 -15.68 -28.82 13.18
CA GLN K 137 -14.69 -29.27 12.19
C GLN K 137 -14.58 -30.79 12.16
N LEU K 138 -14.53 -31.41 13.33
CA LEU K 138 -14.45 -32.87 13.37
C LEU K 138 -15.66 -33.49 12.70
N GLY K 139 -16.85 -32.89 12.91
CA GLY K 139 -18.04 -33.37 12.22
C GLY K 139 -17.99 -33.18 10.72
N LEU K 140 -17.46 -32.04 10.26
CA LEU K 140 -17.33 -31.80 8.83
C LEU K 140 -16.38 -32.80 8.17
N ILE K 141 -15.31 -33.19 8.86
CA ILE K 141 -14.42 -34.20 8.29
C ILE K 141 -15.18 -35.47 7.98
N GLN K 142 -16.09 -35.86 8.88
CA GLN K 142 -16.90 -37.06 8.64
C GLN K 142 -17.90 -36.86 7.49
N LYS K 143 -18.48 -35.67 7.37
CA LYS K 143 -19.52 -35.42 6.37
C LYS K 143 -18.94 -35.24 4.96
N VAL K 144 -17.82 -34.51 4.82
CA VAL K 144 -17.30 -34.20 3.48
C VAL K 144 -16.10 -35.04 3.11
N GLY K 145 -15.53 -35.80 4.05
CA GLY K 145 -14.36 -36.61 3.82
C GLY K 145 -13.11 -35.80 4.06
N LEU K 146 -12.03 -36.46 4.50
CA LEU K 146 -10.81 -35.74 4.87
C LEU K 146 -10.23 -34.98 3.69
N GLU K 147 -10.16 -35.61 2.50
CA GLU K 147 -9.55 -34.93 1.36
C GLU K 147 -10.28 -33.62 1.03
N ASN K 148 -11.62 -33.63 0.99
CA ASN K 148 -12.35 -32.38 0.73
C ASN K 148 -12.16 -31.40 1.87
N TYR K 149 -12.17 -31.89 3.11
CA TYR K 149 -12.04 -30.97 4.23
C TYR K 149 -10.70 -30.22 4.14
N LEU K 150 -9.63 -30.96 3.86
CA LEU K 150 -8.31 -30.33 3.73
C LEU K 150 -8.28 -29.41 2.52
N GLN K 151 -8.87 -29.84 1.38
CA GLN K 151 -8.93 -28.97 0.21
C GLN K 151 -9.55 -27.63 0.55
N SER K 152 -10.62 -27.64 1.35
CA SER K 152 -11.34 -26.43 1.69
C SER K 152 -10.51 -25.51 2.59
N HIS K 153 -9.40 -25.98 3.13
CA HIS K 153 -8.59 -25.19 4.05
C HIS K 153 -7.22 -24.88 3.47
N MET K 154 -7.05 -25.06 2.17
CA MET K 154 -5.81 -24.69 1.51
C MET K 154 -5.69 -23.19 1.39
N HIS K 155 -6.75 -22.54 0.93
CA HIS K 155 -6.71 -21.13 0.58
C HIS K 155 -7.44 -20.30 1.62
N GLU K 156 -6.84 -19.17 2.01
CA GLU K 156 -7.53 -18.24 2.91
C GLU K 156 -8.68 -17.52 2.21
N MET L 1 -22.29 37.34 -52.50
CA MET L 1 -22.04 38.78 -52.77
C MET L 1 -21.05 38.88 -53.91
N LYS L 2 -21.38 39.63 -54.97
CA LYS L 2 -20.56 39.58 -56.19
C LYS L 2 -19.23 40.28 -55.95
N GLY L 3 -18.14 39.52 -55.99
CA GLY L 3 -16.83 40.11 -55.82
C GLY L 3 -16.23 40.67 -57.12
N ASP L 4 -15.21 41.51 -56.94
CA ASP L 4 -14.42 42.02 -58.06
C ASP L 4 -13.67 40.87 -58.72
N LYS L 5 -13.75 40.78 -60.05
CA LYS L 5 -13.15 39.63 -60.74
C LYS L 5 -11.65 39.51 -60.48
N LYS L 6 -10.93 40.63 -60.51
CA LYS L 6 -9.49 40.57 -60.30
C LYS L 6 -9.13 40.28 -58.84
N VAL L 7 -9.93 40.76 -57.88
CA VAL L 7 -9.73 40.33 -56.49
C VAL L 7 -9.79 38.81 -56.41
N ILE L 8 -10.83 38.22 -57.01
CA ILE L 8 -10.99 36.77 -56.95
C ILE L 8 -9.79 36.10 -57.61
N GLN L 9 -9.31 36.64 -58.74
CA GLN L 9 -8.11 36.09 -59.36
C GLN L 9 -6.91 36.17 -58.42
N HIS L 10 -6.76 37.28 -57.70
CA HIS L 10 -5.68 37.38 -56.71
C HIS L 10 -5.88 36.36 -55.59
N LEU L 11 -7.10 36.22 -55.08
CA LEU L 11 -7.30 35.25 -54.01
C LEU L 11 -6.98 33.83 -54.48
N ASN L 12 -7.32 33.51 -55.73
CA ASN L 12 -6.96 32.19 -56.25
C ASN L 12 -5.46 32.04 -56.40
N LYS L 13 -4.75 33.11 -56.74
CA LYS L 13 -3.30 33.02 -56.82
C LYS L 13 -2.70 32.74 -55.45
N ILE L 14 -3.19 33.44 -54.42
CA ILE L 14 -2.74 33.19 -53.05
C ILE L 14 -3.10 31.78 -52.61
N LEU L 15 -4.33 31.34 -52.90
CA LEU L 15 -4.72 29.96 -52.61
C LEU L 15 -3.76 28.96 -53.25
N GLY L 16 -3.41 29.19 -54.51
CA GLY L 16 -2.46 28.31 -55.17
C GLY L 16 -1.13 28.22 -54.45
N ASN L 17 -0.64 29.34 -53.94
CA ASN L 17 0.63 29.33 -53.19
C ASN L 17 0.46 28.53 -51.91
N GLU L 18 -0.69 28.65 -51.25
CA GLU L 18 -0.91 27.91 -50.01
C GLU L 18 -0.98 26.41 -50.29
N LEU L 19 -1.57 26.02 -51.42
CA LEU L 19 -1.66 24.60 -51.76
C LEU L 19 -0.29 24.00 -52.02
N ILE L 20 0.60 24.77 -52.66
CA ILE L 20 1.98 24.30 -52.80
C ILE L 20 2.59 24.10 -51.42
N ALA L 21 2.43 25.10 -50.55
CA ALA L 21 3.08 25.07 -49.24
C ALA L 21 2.58 23.91 -48.39
N ILE L 22 1.27 23.65 -48.41
CA ILE L 22 0.73 22.52 -47.66
C ILE L 22 1.50 21.26 -47.98
N ASN L 23 1.62 20.96 -49.28
CA ASN L 23 2.25 19.69 -49.69
C ASN L 23 3.74 19.69 -49.45
N GLN L 24 4.42 20.80 -49.77
CA GLN L 24 5.86 20.91 -49.54
C GLN L 24 6.20 20.75 -48.06
N TYR L 25 5.48 21.45 -47.20
CA TYR L 25 5.78 21.34 -45.77
C TYR L 25 5.39 19.97 -45.24
N PHE L 26 4.30 19.38 -45.75
CA PHE L 26 3.93 18.06 -45.24
C PHE L 26 4.97 17.02 -45.62
N LEU L 27 5.46 17.07 -46.86
CA LEU L 27 6.49 16.13 -47.26
C LEU L 27 7.78 16.37 -46.46
N HIS L 28 8.21 17.62 -46.34
CA HIS L 28 9.41 17.90 -45.53
C HIS L 28 9.25 17.36 -44.13
N SER L 29 8.07 17.57 -43.52
CA SER L 29 7.81 17.04 -42.17
C SER L 29 8.05 15.55 -42.10
N ARG L 30 7.46 14.81 -43.03
CA ARG L 30 7.54 13.35 -42.98
C ARG L 30 8.94 12.85 -43.36
N MET L 31 9.66 13.59 -44.21
CA MET L 31 11.07 13.29 -44.43
C MET L 31 11.87 13.43 -43.13
N TRP L 32 11.69 14.54 -42.44
CA TRP L 32 12.42 14.74 -41.19
C TRP L 32 12.08 13.65 -40.17
N ASN L 33 10.80 13.27 -40.07
CA ASN L 33 10.43 12.18 -39.14
C ASN L 33 11.12 10.88 -39.53
N ASP L 34 11.12 10.56 -40.83
CA ASP L 34 11.75 9.34 -41.32
C ASP L 34 13.23 9.31 -40.96
N TRP L 35 13.89 10.47 -41.01
CA TRP L 35 15.31 10.59 -40.68
C TRP L 35 15.59 10.66 -39.19
N GLY L 36 14.56 10.70 -38.34
CA GLY L 36 14.77 10.77 -36.90
C GLY L 36 14.95 12.17 -36.35
N LEU L 37 14.67 13.20 -37.15
CA LEU L 37 14.74 14.57 -36.69
C LEU L 37 13.32 15.03 -36.32
N LYS L 38 12.83 14.43 -35.22
CA LYS L 38 11.41 14.52 -34.88
C LYS L 38 10.98 15.93 -34.47
N ARG L 39 11.90 16.74 -33.95
CA ARG L 39 11.52 18.09 -33.57
C ARG L 39 11.26 18.94 -34.80
N LEU L 40 12.10 18.80 -35.82
CA LEU L 40 11.85 19.46 -37.10
C LEU L 40 10.59 18.91 -37.75
N GLY L 41 10.41 17.60 -37.70
CA GLY L 41 9.22 17.01 -38.30
C GLY L 41 7.94 17.55 -37.70
N ALA L 42 7.92 17.69 -36.37
CA ALA L 42 6.72 18.19 -35.70
C ALA L 42 6.49 19.65 -36.00
N HIS L 43 7.56 20.46 -35.96
CA HIS L 43 7.39 21.87 -36.25
C HIS L 43 6.87 22.08 -37.67
N GLU L 44 7.44 21.33 -38.62
CA GLU L 44 7.06 21.47 -40.03
C GLU L 44 5.64 20.97 -40.27
N TYR L 45 5.21 19.95 -39.53
CA TYR L 45 3.82 19.52 -39.57
C TYR L 45 2.90 20.65 -39.17
N HIS L 46 3.23 21.35 -38.09
CA HIS L 46 2.40 22.48 -37.68
C HIS L 46 2.42 23.60 -38.70
N GLU L 47 3.54 23.81 -39.40
CA GLU L 47 3.52 24.80 -40.47
C GLU L 47 2.58 24.39 -41.60
N SER L 48 2.56 23.10 -41.93
CA SER L 48 1.66 22.61 -42.97
C SER L 48 0.19 22.83 -42.57
N ILE L 49 -0.15 22.48 -41.33
CA ILE L 49 -1.51 22.68 -40.81
C ILE L 49 -1.89 24.15 -40.87
N ASP L 50 -0.96 25.05 -40.52
CA ASP L 50 -1.27 26.48 -40.58
C ASP L 50 -1.63 26.90 -42.01
N GLU L 51 -0.92 26.36 -43.01
CA GLU L 51 -1.23 26.69 -44.40
C GLU L 51 -2.58 26.10 -44.81
N MET L 52 -2.91 24.92 -44.29
CA MET L 52 -4.23 24.34 -44.54
C MET L 52 -5.33 25.26 -44.03
N LYS L 53 -5.11 25.87 -42.86
CA LYS L 53 -6.10 26.77 -42.28
C LYS L 53 -6.24 28.04 -43.13
N HIS L 54 -5.13 28.60 -43.62
CA HIS L 54 -5.23 29.75 -44.51
C HIS L 54 -5.96 29.40 -45.81
N ALA L 55 -5.67 28.24 -46.38
CA ALA L 55 -6.35 27.84 -47.59
C ALA L 55 -7.85 27.74 -47.38
N ASP L 56 -8.26 27.16 -46.24
CA ASP L 56 -9.67 27.11 -45.88
C ASP L 56 -10.30 28.49 -45.92
N LYS L 57 -9.66 29.47 -45.26
CA LYS L 57 -10.24 30.80 -45.23
C LYS L 57 -10.30 31.43 -46.62
N LEU L 58 -9.29 31.19 -47.46
CA LEU L 58 -9.34 31.72 -48.82
C LEU L 58 -10.47 31.08 -49.61
N ILE L 59 -10.62 29.75 -49.51
CA ILE L 59 -11.70 29.05 -50.19
C ILE L 59 -13.05 29.64 -49.80
N GLU L 60 -13.25 29.83 -48.48
CA GLU L 60 -14.50 30.37 -47.96
C GLU L 60 -14.77 31.76 -48.51
N ARG L 61 -13.75 32.63 -48.55
CA ARG L 61 -13.91 33.98 -49.07
C ARG L 61 -14.25 33.99 -50.56
N ILE L 62 -13.53 33.19 -51.35
CA ILE L 62 -13.80 33.11 -52.78
C ILE L 62 -15.24 32.68 -53.03
N LEU L 63 -15.70 31.65 -52.32
CA LEU L 63 -17.08 31.20 -52.50
C LEU L 63 -18.09 32.28 -52.11
N PHE L 64 -17.82 33.02 -51.04
CA PHE L 64 -18.72 34.10 -50.63
C PHE L 64 -18.82 35.16 -51.72
N LEU L 65 -17.70 35.46 -52.37
CA LEU L 65 -17.62 36.44 -53.44
C LEU L 65 -18.09 35.88 -54.79
N GLU L 66 -18.62 34.66 -54.81
CA GLU L 66 -19.24 34.06 -55.99
C GLU L 66 -18.23 33.73 -57.07
N GLY L 67 -17.01 33.37 -56.64
CA GLY L 67 -16.00 32.83 -57.53
C GLY L 67 -15.85 31.34 -57.30
N LEU L 68 -14.98 30.75 -58.12
CA LEU L 68 -14.67 29.33 -58.04
C LEU L 68 -13.27 29.15 -57.46
N PRO L 69 -13.13 28.56 -56.27
CA PRO L 69 -11.78 28.30 -55.74
C PRO L 69 -11.09 27.23 -56.56
N ASN L 70 -9.85 27.53 -56.96
CA ASN L 70 -9.06 26.63 -57.80
C ASN L 70 -8.22 25.72 -56.93
N LEU L 71 -8.68 24.49 -56.74
CA LEU L 71 -7.91 23.48 -56.04
C LEU L 71 -7.29 22.47 -57.00
N GLN L 72 -7.41 22.70 -58.30
CA GLN L 72 -6.99 21.74 -59.32
C GLN L 72 -5.55 21.96 -59.77
N ASP L 73 -5.15 23.22 -59.89
CA ASP L 73 -3.83 23.55 -60.38
C ASP L 73 -2.89 23.57 -59.18
N LEU L 74 -1.88 22.74 -59.23
CA LEU L 74 -0.86 22.69 -58.19
C LEU L 74 0.47 23.04 -58.80
N GLY L 75 1.07 24.11 -58.31
CA GLY L 75 2.37 24.54 -58.80
C GLY L 75 3.51 23.66 -58.32
N LYS L 76 4.73 24.09 -58.65
CA LYS L 76 5.93 23.29 -58.40
C LYS L 76 6.30 23.30 -56.92
N LEU L 77 6.36 22.11 -56.34
CA LEU L 77 6.91 21.95 -55.01
C LEU L 77 8.42 22.11 -55.03
N LEU L 78 8.95 22.77 -54.02
CA LEU L 78 10.39 22.96 -53.85
C LEU L 78 10.84 22.03 -52.72
N ILE L 79 11.32 20.84 -53.08
CA ILE L 79 11.70 19.82 -52.11
C ILE L 79 13.21 19.79 -51.98
N GLY L 80 13.69 19.88 -50.78
CA GLY L 80 15.13 19.82 -50.55
C GLY L 80 15.62 18.39 -50.37
N GLU L 81 16.94 18.21 -50.43
CA GLU L 81 17.54 16.89 -50.26
C GLU L 81 18.28 16.73 -48.95
N ASN L 82 18.40 17.80 -48.16
CA ASN L 82 18.94 17.73 -46.82
C ASN L 82 18.34 18.88 -46.04
N THR L 83 18.61 18.91 -44.72
CA THR L 83 17.90 19.82 -43.83
C THR L 83 18.10 21.27 -44.24
N GLN L 84 19.34 21.66 -44.52
CA GLN L 84 19.57 23.05 -44.91
C GLN L 84 18.81 23.41 -46.19
N GLU L 85 18.85 22.51 -47.18
CA GLU L 85 18.15 22.79 -48.43
C GLU L 85 16.66 22.88 -48.22
N MET L 86 16.12 22.02 -47.36
CA MET L 86 14.68 22.01 -47.14
C MET L 86 14.22 23.31 -46.52
N LEU L 87 14.98 23.78 -45.52
CA LEU L 87 14.67 25.06 -44.90
C LEU L 87 14.76 26.19 -45.92
N GLN L 88 15.81 26.18 -46.76
CA GLN L 88 15.93 27.18 -47.81
C GLN L 88 14.78 27.12 -48.80
N CYS L 89 14.35 25.89 -49.18
CA CYS L 89 13.22 25.74 -50.08
C CYS L 89 11.94 26.36 -49.49
N ASP L 90 11.71 26.12 -48.20
CA ASP L 90 10.55 26.73 -47.55
C ASP L 90 10.67 28.25 -47.60
N LEU L 91 11.87 28.77 -47.34
CA LEU L 91 12.06 30.22 -47.32
C LEU L 91 11.84 30.81 -48.72
N ASN L 92 12.40 30.17 -49.75
CA ASN L 92 12.17 30.64 -51.11
C ASN L 92 10.69 30.70 -51.45
N LEU L 93 9.94 29.66 -51.05
CA LEU L 93 8.50 29.65 -51.28
C LEU L 93 7.82 30.79 -50.52
N GLU L 94 8.19 31.00 -49.26
CA GLU L 94 7.57 32.06 -48.46
C GLU L 94 7.84 33.43 -49.05
N LEU L 95 9.05 33.67 -49.56
CA LEU L 95 9.36 34.98 -50.13
C LEU L 95 8.51 35.26 -51.37
N LYS L 96 8.29 34.25 -52.21
CA LYS L 96 7.37 34.42 -53.33
C LYS L 96 5.95 34.67 -52.82
N ALA L 97 5.53 33.94 -51.78
CA ALA L 97 4.19 34.08 -51.26
C ALA L 97 3.91 35.48 -50.73
N THR L 98 4.87 36.06 -49.99
CA THR L 98 4.63 37.38 -49.44
C THR L 98 4.59 38.43 -50.54
N LYS L 99 5.42 38.28 -51.57
CA LYS L 99 5.35 39.19 -52.71
C LYS L 99 3.95 39.18 -53.31
N ASP L 100 3.39 38.00 -53.54
CA ASP L 100 2.06 37.90 -54.13
C ASP L 100 0.99 38.45 -53.20
N LEU L 101 1.14 38.27 -51.89
CA LEU L 101 0.19 38.83 -50.94
C LEU L 101 0.17 40.35 -51.01
N ARG L 102 1.35 40.97 -51.09
CA ARG L 102 1.39 42.43 -51.14
C ARG L 102 0.68 42.95 -52.39
N GLU L 103 0.90 42.31 -53.54
CA GLU L 103 0.24 42.77 -54.77
C GLU L 103 -1.28 42.59 -54.67
N ALA L 104 -1.72 41.51 -54.04
CA ALA L 104 -3.15 41.28 -53.86
C ALA L 104 -3.76 42.35 -52.96
N ILE L 105 -3.08 42.70 -51.87
CA ILE L 105 -3.57 43.73 -50.96
C ILE L 105 -3.68 45.06 -51.69
N VAL L 106 -2.67 45.40 -52.50
CA VAL L 106 -2.74 46.64 -53.28
C VAL L 106 -4.04 46.70 -54.06
N HIS L 107 -4.37 45.63 -54.76
CA HIS L 107 -5.56 45.67 -55.58
C HIS L 107 -6.84 45.70 -54.75
N CYS L 108 -6.90 44.93 -53.66
CA CYS L 108 -8.08 44.99 -52.79
C CYS L 108 -8.32 46.42 -52.31
N GLU L 109 -7.26 47.12 -51.93
CA GLU L 109 -7.39 48.49 -51.46
C GLU L 109 -7.96 49.38 -52.55
N GLN L 110 -7.47 49.21 -53.78
CA GLN L 110 -7.89 50.07 -54.87
C GLN L 110 -9.37 49.92 -55.20
N VAL L 111 -9.93 48.72 -55.07
CA VAL L 111 -11.34 48.48 -55.39
C VAL L 111 -12.21 48.43 -54.14
N HIS L 112 -11.64 48.78 -52.97
CA HIS L 112 -12.39 48.98 -51.73
C HIS L 112 -12.90 47.69 -51.13
N ASP L 113 -12.23 46.57 -51.43
CA ASP L 113 -12.56 45.29 -50.80
C ASP L 113 -11.74 45.15 -49.52
N TYR L 114 -12.16 45.93 -48.51
CA TYR L 114 -11.40 46.05 -47.27
C TYR L 114 -11.42 44.77 -46.45
N VAL L 115 -12.48 43.96 -46.57
CA VAL L 115 -12.52 42.69 -45.82
C VAL L 115 -11.54 41.68 -46.42
N SER L 116 -11.50 41.57 -47.75
CA SER L 116 -10.47 40.72 -48.36
C SER L 116 -9.08 41.20 -47.99
N ARG L 117 -8.86 42.52 -48.00
CA ARG L 117 -7.56 43.03 -47.57
C ARG L 117 -7.21 42.55 -46.16
N ASP L 118 -8.18 42.62 -45.24
CA ASP L 118 -7.92 42.27 -43.85
C ASP L 118 -7.54 40.79 -43.73
N LEU L 119 -8.22 39.93 -44.47
CA LEU L 119 -7.86 38.51 -44.48
C LEU L 119 -6.44 38.30 -44.99
N LEU L 120 -6.09 38.96 -46.10
CA LEU L 120 -4.76 38.81 -46.66
C LEU L 120 -3.70 39.37 -45.72
N LYS L 121 -4.00 40.46 -45.01
CA LYS L 121 -3.03 41.00 -44.06
C LYS L 121 -2.76 40.02 -42.92
N ASP L 122 -3.82 39.36 -42.42
CA ASP L 122 -3.63 38.33 -41.39
C ASP L 122 -2.80 37.17 -41.92
N ILE L 123 -3.06 36.73 -43.15
CA ILE L 123 -2.22 35.68 -43.75
C ILE L 123 -0.78 36.17 -43.88
N LEU L 124 -0.59 37.40 -44.35
CA LEU L 124 0.76 37.95 -44.49
C LEU L 124 1.51 37.95 -43.16
N GLU L 125 0.81 38.28 -42.07
CA GLU L 125 1.43 38.26 -40.75
C GLU L 125 1.92 36.86 -40.39
N SER L 126 1.11 35.85 -40.68
CA SER L 126 1.53 34.47 -40.45
CA SER L 126 1.53 34.47 -40.44
C SER L 126 2.74 34.09 -41.30
N GLU L 127 2.74 34.49 -42.57
CA GLU L 127 3.86 34.14 -43.42
C GLU L 127 5.15 34.86 -43.01
N GLU L 128 5.06 36.13 -42.57
CA GLU L 128 6.28 36.78 -42.09
C GLU L 128 6.77 36.10 -40.81
N GLU L 129 5.87 35.61 -39.97
CA GLU L 129 6.32 34.82 -38.83
C GLU L 129 7.06 33.57 -39.27
N HIS L 130 6.61 32.93 -40.35
CA HIS L 130 7.29 31.73 -40.83
C HIS L 130 8.66 32.10 -41.40
N ILE L 131 8.73 33.23 -42.11
CA ILE L 131 10.02 33.70 -42.60
C ILE L 131 10.98 33.94 -41.43
N ASP L 132 10.51 34.57 -40.35
CA ASP L 132 11.34 34.75 -39.16
C ASP L 132 11.88 33.42 -38.66
N TYR L 133 11.00 32.44 -38.49
CA TYR L 133 11.43 31.11 -38.04
C TYR L 133 12.53 30.55 -38.96
N LEU L 134 12.30 30.60 -40.27
CA LEU L 134 13.22 30.00 -41.23
C LEU L 134 14.58 30.70 -41.24
N GLU L 135 14.58 32.04 -41.29
CA GLU L 135 15.85 32.77 -41.26
C GLU L 135 16.61 32.46 -39.98
N THR L 136 15.88 32.34 -38.86
CA THR L 136 16.52 32.03 -37.59
C THR L 136 17.15 30.65 -37.61
N GLN L 137 16.46 29.65 -38.16
CA GLN L 137 17.02 28.31 -38.22
C GLN L 137 18.29 28.28 -39.06
N LEU L 138 18.25 28.93 -40.22
CA LEU L 138 19.42 28.95 -41.09
C LEU L 138 20.59 29.68 -40.41
N GLY L 139 20.29 30.72 -39.63
CA GLY L 139 21.33 31.36 -38.84
C GLY L 139 21.87 30.47 -37.74
N LEU L 140 21.00 29.68 -37.12
CA LEU L 140 21.46 28.78 -36.05
C LEU L 140 22.36 27.69 -36.60
N ILE L 141 22.10 27.20 -37.82
CA ILE L 141 23.00 26.23 -38.44
C ILE L 141 24.42 26.80 -38.52
N GLN L 142 24.53 28.08 -38.88
CA GLN L 142 25.85 28.73 -38.94
C GLN L 142 26.45 28.89 -37.54
N LYS L 143 25.65 29.28 -36.55
CA LYS L 143 26.18 29.61 -35.24
C LYS L 143 26.58 28.36 -34.45
N VAL L 144 25.75 27.31 -34.46
CA VAL L 144 26.04 26.14 -33.64
C VAL L 144 26.68 25.00 -34.44
N GLY L 145 26.72 25.11 -35.76
CA GLY L 145 27.21 24.06 -36.61
C GLY L 145 26.11 23.08 -36.98
N LEU L 146 26.24 22.47 -38.16
CA LEU L 146 25.18 21.61 -38.66
C LEU L 146 24.97 20.38 -37.76
N GLU L 147 26.06 19.77 -37.28
CA GLU L 147 25.88 18.55 -36.47
C GLU L 147 25.12 18.86 -35.19
N ASN L 148 25.48 19.95 -34.48
CA ASN L 148 24.74 20.35 -33.30
C ASN L 148 23.30 20.73 -33.64
N TYR L 149 23.11 21.46 -34.73
CA TYR L 149 21.75 21.87 -35.08
C TYR L 149 20.86 20.64 -35.26
N LEU L 150 21.34 19.65 -36.01
CA LEU L 150 20.56 18.44 -36.22
C LEU L 150 20.36 17.68 -34.91
N GLN L 151 21.42 17.59 -34.11
CA GLN L 151 21.32 16.92 -32.82
C GLN L 151 20.18 17.49 -31.98
N SER L 152 20.08 18.83 -31.93
CA SER L 152 19.08 19.53 -31.15
C SER L 152 17.67 19.31 -31.69
N HIS L 153 17.51 18.71 -32.86
CA HIS L 153 16.18 18.48 -33.42
C HIS L 153 15.86 17.00 -33.55
N MET L 154 16.62 16.13 -32.87
CA MET L 154 16.30 14.71 -32.86
C MET L 154 15.07 14.43 -32.02
N HIS L 155 15.03 15.00 -30.81
CA HIS L 155 13.98 14.68 -29.85
C HIS L 155 13.03 15.86 -29.68
N GLU L 156 11.74 15.55 -29.51
CA GLU L 156 10.73 16.58 -29.26
C GLU L 156 10.76 17.05 -27.80
#